data_9HI4
#
_entry.id   9HI4
#
_cell.length_a   91.230
_cell.length_b   78.140
_cell.length_c   118.720
_cell.angle_alpha   90.000
_cell.angle_beta   100.600
_cell.angle_gamma   90.000
#
_symmetry.space_group_name_H-M   'P 1 21 1'
#
loop_
_entity.id
_entity.type
_entity.pdbx_description
1 polymer 'FI6 Fab Heavy chain'
2 polymer 'FI6 Fab Light chain'
3 polymer 'FI6-focused design_03'
4 polymer 'FI6-focused design_03'
5 non-polymer 'ACETATE ION'
6 non-polymer 'SODIUM ION'
7 water water
#
loop_
_entity_poly.entity_id
_entity_poly.type
_entity_poly.pdbx_seq_one_letter_code
_entity_poly.pdbx_strand_id
1 'polypeptide(L)'
;QVQLVESGGGVVQPGRSLRLSCAASGFTFSTYAMHWVRQAPGKGLEWVAVISYDANYKYYADSVKGRFTISRDNSKNTLY
LQMNSLRAEDTAVYYCAKDSQLRSLLYFEWLSQGYFDYWGQGTLVTVSSASTKGPSVFPLAPSSKSTSGGTAALGCLVKD
YFPEPVTVSWNSGALTSGVHTFPAVLQSSGLYSLSSVVTVPSSSLGTQTYICNVNHKPSNTKVDKKVEPKSCDK
;
A,K
2 'polypeptide(L)'
;NSDIVMTQSPDSLAVSLGERATINCKSSQSVTFNYKNYLAWYQQKPGQPPKLLIYWASTRESGVPDRFSGSGSGTDFTLT
ISSLQAEDVAVYYCQQHYRTPPTFGQGTVEIKRTVAAPSVFIFPPSDEQLKSGTASVVCLLNNFYPREAKVQWKVDNALQ
SGNSQESVTEQDSKDSTYSLSSTLTLSKADYEKHKVYACEVTHQGLSSPVTKSFNRGEC
;
B,L
3 'polypeptide(L)'
;SDAQKQDWGNLKRYAEANKELVRKGKQKDRVVFMGN(SEP)ITEGWVANDAAFFEDNGYVGRGIGGQTSSHFLLRFREDV
IKLAPALVVINAGTNDLKENWGAYNEEYTFGNIVSMVELARANKIKVILTSVLPHRNARDEEDQKEATQAIINLNTRIIN
YAIENKIPFVDYFVEMAQSPNGDLNSSYTRDGVHPTLEGYKVMEALIKKAIDKVLSGWHHHHHH
;
C
4 'polypeptide(L)'
;SDAQKQDWGNLKRYAEANKELVRKGKQKDRVVFMGNSITEGWVANDAAFFEDNGYVGRGIGGQTSSHFLLRFREDVIKLA
PALVVINAGTNDLKENWGAYNEEYTFGNIVSMVELARANKIKVILTSVLPHRNARDEEDQKEATQAIINLNTRIINYAIE
NKIPFVDYFVEMAQSPNGDLNSSYTRDGVHPTLEGYKVMEALIKKAIDKVLSGWHHHHHH
;
D
#
loop_
_chem_comp.id
_chem_comp.type
_chem_comp.name
_chem_comp.formula
ACT non-polymer 'ACETATE ION' 'C2 H3 O2 -1'
NA non-polymer 'SODIUM ION' 'Na 1'
#
# COMPACT_ATOMS: atom_id res chain seq x y z
N GLN A 1 -10.83 0.21 36.25
CA GLN A 1 -11.98 0.73 35.51
C GLN A 1 -12.05 2.25 35.60
N VAL A 2 -12.95 2.84 34.80
CA VAL A 2 -13.08 4.30 34.76
C VAL A 2 -13.84 4.76 35.99
N GLN A 3 -13.28 5.76 36.68
CA GLN A 3 -13.91 6.36 37.85
C GLN A 3 -13.93 7.88 37.70
N LEU A 4 -15.06 8.48 38.10
CA LEU A 4 -15.23 9.92 38.14
C LEU A 4 -15.83 10.27 39.50
N VAL A 5 -15.09 11.06 40.28
CA VAL A 5 -15.48 11.38 41.66
C VAL A 5 -15.64 12.90 41.77
N GLU A 6 -16.88 13.35 41.94
CA GLU A 6 -17.15 14.77 42.11
C GLU A 6 -17.08 15.16 43.58
N SER A 7 -16.76 16.44 43.81
CA SER A 7 -16.77 17.00 45.16
C SER A 7 -17.01 18.51 45.05
N GLY A 8 -17.25 19.13 46.20
CA GLY A 8 -17.45 20.57 46.27
C GLY A 8 -18.88 21.01 46.47
N GLY A 9 -19.84 20.08 46.43
CA GLY A 9 -21.23 20.44 46.63
C GLY A 9 -21.55 20.79 48.08
N GLY A 10 -22.69 21.41 48.25
CA GLY A 10 -23.15 21.81 49.57
C GLY A 10 -24.19 22.90 49.45
N VAL A 11 -24.57 23.44 50.61
CA VAL A 11 -25.53 24.53 50.69
C VAL A 11 -24.76 25.85 50.53
N VAL A 12 -25.26 26.72 49.66
CA VAL A 12 -24.57 27.97 49.35
C VAL A 12 -25.62 29.07 49.20
N GLN A 13 -25.29 30.26 49.70
CA GLN A 13 -26.23 31.37 49.67
C GLN A 13 -26.44 31.87 48.24
N PRO A 14 -27.66 32.30 47.90
CA PRO A 14 -27.89 32.91 46.58
C PRO A 14 -26.96 34.10 46.38
N GLY A 15 -26.41 34.19 45.17
CA GLY A 15 -25.47 35.23 44.82
C GLY A 15 -24.01 34.88 45.04
N ARG A 16 -23.72 33.84 45.82
CA ARG A 16 -22.35 33.48 46.13
C ARG A 16 -21.81 32.54 45.06
N SER A 17 -20.58 32.07 45.27
CA SER A 17 -19.87 31.23 44.32
C SER A 17 -19.55 29.88 44.91
N LEU A 18 -19.26 28.92 44.03
CA LEU A 18 -18.95 27.56 44.43
C LEU A 18 -18.16 26.91 43.31
N ARG A 19 -17.15 26.12 43.68
CA ARG A 19 -16.29 25.44 42.72
C ARG A 19 -16.41 23.94 42.92
N LEU A 20 -16.85 23.24 41.87
CA LEU A 20 -16.92 21.79 41.87
C LEU A 20 -15.69 21.21 41.20
N SER A 21 -15.27 20.04 41.67
CA SER A 21 -14.15 19.31 41.10
C SER A 21 -14.60 17.89 40.74
N CYS A 22 -13.95 17.31 39.74
CA CYS A 22 -14.23 15.95 39.31
C CYS A 22 -12.90 15.27 39.04
N ALA A 23 -12.51 14.35 39.91
CA ALA A 23 -11.25 13.64 39.78
C ALA A 23 -11.45 12.37 38.95
N ALA A 24 -10.69 12.23 37.88
CA ALA A 24 -10.85 11.14 36.93
C ALA A 24 -9.71 10.14 37.03
N SER A 25 -10.02 8.88 36.75
CA SER A 25 -9.02 7.81 36.74
C SER A 25 -9.55 6.68 35.88
N GLY A 26 -8.63 5.84 35.42
CA GLY A 26 -8.97 4.68 34.62
C GLY A 26 -8.99 4.90 33.13
N PHE A 27 -8.69 6.11 32.66
CA PHE A 27 -8.62 6.41 31.24
C PHE A 27 -7.70 7.61 31.06
N THR A 28 -7.19 7.77 29.84
N THR A 28 -7.22 7.80 29.84
CA THR A 28 -6.34 8.90 29.53
CA THR A 28 -6.32 8.91 29.51
C THR A 28 -7.17 10.17 29.48
C THR A 28 -7.15 10.19 29.46
N PHE A 29 -7.30 10.82 30.63
CA PHE A 29 -8.18 11.98 30.78
C PHE A 29 -7.84 13.10 29.79
N SER A 30 -6.55 13.29 29.51
CA SER A 30 -6.08 14.39 28.68
C SER A 30 -6.47 14.26 27.21
N THR A 31 -7.06 13.15 26.77
CA THR A 31 -7.41 13.00 25.36
C THR A 31 -8.91 12.94 25.11
N TYR A 32 -9.73 13.30 26.10
CA TYR A 32 -11.18 13.28 25.95
C TYR A 32 -11.79 14.60 26.40
N ALA A 33 -12.80 15.04 25.66
CA ALA A 33 -13.64 16.11 26.15
C ALA A 33 -14.38 15.65 27.40
N MET A 34 -14.70 16.60 28.27
CA MET A 34 -15.44 16.32 29.50
C MET A 34 -16.64 17.25 29.60
N HIS A 35 -17.70 16.76 30.24
CA HIS A 35 -18.97 17.48 30.33
C HIS A 35 -19.41 17.63 31.78
N TRP A 36 -20.18 18.68 32.05
CA TRP A 36 -20.99 18.78 33.25
C TRP A 36 -22.46 18.71 32.86
N VAL A 37 -23.24 17.96 33.63
CA VAL A 37 -24.67 17.79 33.44
C VAL A 37 -25.32 17.91 34.81
N ARG A 38 -26.47 18.55 34.90
CA ARG A 38 -27.13 18.75 36.19
C ARG A 38 -28.58 18.29 36.12
N GLN A 39 -29.13 18.02 37.31
CA GLN A 39 -30.50 17.54 37.44
C GLN A 39 -31.13 18.23 38.64
N ALA A 40 -32.05 19.16 38.38
CA ALA A 40 -32.76 19.84 39.45
C ALA A 40 -33.71 18.87 40.15
N PRO A 41 -34.06 19.14 41.42
CA PRO A 41 -34.96 18.24 42.15
C PRO A 41 -36.23 17.90 41.39
N GLY A 42 -36.47 16.62 41.15
CA GLY A 42 -37.67 16.16 40.47
C GLY A 42 -37.74 16.48 38.99
N LYS A 43 -36.64 16.87 38.36
CA LYS A 43 -36.65 17.23 36.95
C LYS A 43 -35.69 16.32 36.18
N GLY A 44 -35.54 16.60 34.89
CA GLY A 44 -34.70 15.81 34.01
C GLY A 44 -33.25 16.27 34.00
N LEU A 45 -32.51 15.79 33.00
CA LEU A 45 -31.10 16.10 32.87
C LEU A 45 -30.91 17.30 31.95
N GLU A 46 -30.05 18.24 32.37
CA GLU A 46 -29.73 19.42 31.59
C GLU A 46 -28.22 19.52 31.43
N TRP A 47 -27.75 19.47 30.18
CA TRP A 47 -26.33 19.64 29.89
C TRP A 47 -25.91 21.06 30.26
N VAL A 48 -24.74 21.18 30.90
CA VAL A 48 -24.25 22.44 31.43
C VAL A 48 -23.11 23.01 30.59
N ALA A 49 -22.08 22.21 30.33
CA ALA A 49 -20.90 22.72 29.66
C ALA A 49 -20.03 21.58 29.15
N VAL A 50 -19.18 21.90 28.18
CA VAL A 50 -18.19 20.96 27.65
C VAL A 50 -16.85 21.69 27.53
N ILE A 51 -15.77 20.95 27.73
CA ILE A 51 -14.42 21.47 27.52
C ILE A 51 -13.67 20.45 26.67
N SER A 52 -12.98 20.95 25.64
CA SER A 52 -12.22 20.07 24.76
C SER A 52 -11.06 19.43 25.52
N TYR A 53 -10.53 18.36 24.92
CA TYR A 53 -9.46 17.60 25.56
C TYR A 53 -8.25 18.47 25.90
N ASP A 54 -7.96 19.48 25.08
CA ASP A 54 -6.80 20.34 25.27
C ASP A 54 -7.15 21.68 25.91
N ALA A 55 -8.39 21.84 26.38
CA ALA A 55 -8.90 23.05 27.01
C ALA A 55 -8.99 24.24 26.06
N ASN A 56 -8.78 24.03 24.75
CA ASN A 56 -8.82 25.15 23.82
C ASN A 56 -10.23 25.64 23.57
N TYR A 57 -11.24 24.78 23.73
CA TYR A 57 -12.61 25.16 23.45
C TYR A 57 -13.50 24.81 24.64
N LYS A 58 -14.42 25.73 24.95
CA LYS A 58 -15.40 25.57 26.02
C LYS A 58 -16.72 26.11 25.52
N TYR A 59 -17.81 25.36 25.71
CA TYR A 59 -19.14 25.82 25.36
C TYR A 59 -20.10 25.57 26.53
N TYR A 60 -21.13 26.40 26.62
CA TYR A 60 -22.00 26.44 27.79
C TYR A 60 -23.47 26.44 27.37
N ALA A 61 -24.31 25.89 28.26
CA ALA A 61 -25.74 26.07 28.09
C ALA A 61 -26.10 27.55 28.25
N ASP A 62 -27.12 27.98 27.48
CA ASP A 62 -27.58 29.36 27.57
C ASP A 62 -27.93 29.76 29.00
N SER A 63 -28.47 28.81 29.77
CA SER A 63 -28.94 29.10 31.13
C SER A 63 -27.81 29.43 32.09
N VAL A 64 -26.56 29.08 31.77
CA VAL A 64 -25.43 29.35 32.65
C VAL A 64 -24.39 30.25 32.02
N LYS A 65 -24.56 30.64 30.76
CA LYS A 65 -23.58 31.49 30.07
C LYS A 65 -23.32 32.78 30.84
N GLY A 66 -22.04 33.12 31.01
CA GLY A 66 -21.66 34.32 31.71
C GLY A 66 -21.51 34.17 33.21
N ARG A 67 -22.01 33.08 33.78
CA ARG A 67 -21.92 32.82 35.22
C ARG A 67 -21.04 31.63 35.57
N PHE A 68 -21.00 30.61 34.71
CA PHE A 68 -20.24 29.40 34.97
C PHE A 68 -19.01 29.36 34.08
N THR A 69 -17.93 28.79 34.61
CA THR A 69 -16.68 28.61 33.87
C THR A 69 -16.21 27.18 34.05
N ILE A 70 -16.01 26.47 32.94
CA ILE A 70 -15.48 25.11 32.97
C ILE A 70 -13.98 25.17 32.70
N SER A 71 -13.23 24.31 33.39
CA SER A 71 -11.79 24.26 33.22
C SER A 71 -11.30 22.86 33.57
N ARG A 72 -10.04 22.59 33.25
CA ARG A 72 -9.46 21.28 33.53
C ARG A 72 -7.97 21.44 33.81
N ASP A 73 -7.44 20.51 34.60
CA ASP A 73 -6.01 20.36 34.85
C ASP A 73 -5.64 18.96 34.40
N ASN A 74 -5.04 18.85 33.21
CA ASN A 74 -4.72 17.53 32.67
C ASN A 74 -3.58 16.85 33.43
N SER A 75 -2.71 17.62 34.09
CA SER A 75 -1.67 17.02 34.91
C SER A 75 -2.25 16.41 36.18
N LYS A 76 -3.36 16.94 36.68
CA LYS A 76 -4.01 16.41 37.87
C LYS A 76 -5.20 15.51 37.55
N ASN A 77 -5.51 15.33 36.26
CA ASN A 77 -6.66 14.53 35.81
C ASN A 77 -7.94 14.97 36.51
N THR A 78 -8.13 16.29 36.60
CA THR A 78 -9.26 16.86 37.32
C THR A 78 -9.99 17.87 36.44
N LEU A 79 -11.31 17.80 36.47
CA LEU A 79 -12.20 18.74 35.80
C LEU A 79 -12.85 19.65 36.83
N TYR A 80 -13.02 20.92 36.48
CA TYR A 80 -13.60 21.91 37.40
C TYR A 80 -14.78 22.62 36.77
N LEU A 81 -15.69 23.09 37.63
CA LEU A 81 -16.80 23.95 37.25
C LEU A 81 -16.86 25.09 38.26
N GLN A 82 -16.54 26.29 37.82
CA GLN A 82 -16.61 27.48 38.67
C GLN A 82 -17.97 28.15 38.48
N MET A 83 -18.77 28.18 39.54
CA MET A 83 -20.14 28.68 39.49
C MET A 83 -20.21 30.00 40.25
N ASN A 84 -20.53 31.08 39.54
CA ASN A 84 -20.66 32.41 40.13
C ASN A 84 -22.11 32.87 40.06
N SER A 85 -22.45 33.83 40.92
CA SER A 85 -23.78 34.45 40.96
C SER A 85 -24.88 33.38 41.01
N LEU A 86 -24.73 32.45 41.95
CA LEU A 86 -25.62 31.30 42.00
C LEU A 86 -27.04 31.72 42.32
N ARG A 87 -28.00 31.08 41.66
CA ARG A 87 -29.42 31.35 41.83
C ARG A 87 -30.11 30.10 42.36
N ALA A 88 -31.33 30.29 42.86
CA ALA A 88 -32.11 29.18 43.39
C ALA A 88 -32.34 28.11 42.34
N GLU A 89 -32.52 28.51 41.08
CA GLU A 89 -32.75 27.54 40.01
C GLU A 89 -31.48 26.81 39.59
N ASP A 90 -30.32 27.18 40.12
CA ASP A 90 -29.11 26.38 39.91
C ASP A 90 -29.04 25.19 40.85
N THR A 91 -29.98 25.06 41.78
CA THR A 91 -30.03 23.92 42.68
C THR A 91 -30.21 22.63 41.89
N ALA A 92 -29.29 21.69 42.07
CA ALA A 92 -29.30 20.47 41.29
C ALA A 92 -28.21 19.53 41.81
N VAL A 93 -28.34 18.26 41.44
CA VAL A 93 -27.20 17.36 41.50
C VAL A 93 -26.37 17.58 40.25
N TYR A 94 -25.09 17.84 40.41
CA TYR A 94 -24.19 18.11 39.30
C TYR A 94 -23.33 16.88 39.03
N TYR A 95 -23.36 16.40 37.79
CA TYR A 95 -22.59 15.23 37.36
C TYR A 95 -21.50 15.67 36.40
N CYS A 96 -20.32 15.09 36.55
CA CYS A 96 -19.36 15.15 35.47
C CYS A 96 -19.51 13.90 34.62
N ALA A 97 -19.21 14.02 33.34
CA ALA A 97 -19.42 12.92 32.41
C ALA A 97 -18.33 12.94 31.36
N LYS A 98 -17.81 11.76 31.06
CA LYS A 98 -16.80 11.60 30.03
C LYS A 98 -17.45 11.58 28.66
N ASP A 99 -16.81 12.22 27.70
CA ASP A 99 -17.23 12.15 26.31
C ASP A 99 -16.67 10.89 25.67
N SER A 100 -17.49 10.24 24.82
CA SER A 100 -17.07 8.98 24.21
C SER A 100 -16.00 9.15 23.13
N GLN A 101 -15.86 10.33 22.54
CA GLN A 101 -15.02 10.48 21.35
C GLN A 101 -13.59 10.87 21.72
N LEU A 102 -12.63 10.25 21.05
CA LEU A 102 -11.21 10.53 21.26
C LEU A 102 -10.82 11.83 20.58
N ARG A 103 -10.30 12.79 21.36
CA ARG A 103 -9.77 14.06 20.87
C ARG A 103 -10.69 14.73 19.85
N SER A 104 -11.95 14.94 20.26
CA SER A 104 -12.88 15.63 19.36
C SER A 104 -12.41 17.06 19.10
N LEU A 105 -12.65 17.53 17.88
CA LEU A 105 -12.20 18.85 17.42
C LEU A 105 -13.39 19.80 17.50
N LEU A 106 -13.51 20.50 18.63
CA LEU A 106 -14.70 21.31 18.93
C LEU A 106 -14.53 22.75 18.43
N TYR A 107 -14.25 22.88 17.12
CA TYR A 107 -13.94 24.18 16.53
C TYR A 107 -15.13 25.14 16.57
N PHE A 108 -16.35 24.62 16.60
CA PHE A 108 -17.54 25.45 16.59
C PHE A 108 -18.53 24.95 17.65
N GLU A 109 -19.38 25.87 18.09
CA GLU A 109 -20.24 25.67 19.25
C GLU A 109 -21.35 24.66 19.03
N TRP A 110 -21.67 24.30 17.79
CA TRP A 110 -22.81 23.45 17.48
C TRP A 110 -22.42 22.02 17.11
N LEU A 111 -21.13 21.73 17.00
CA LEU A 111 -20.65 20.45 16.49
C LEU A 111 -21.13 19.29 17.36
N SER A 112 -21.12 18.09 16.75
CA SER A 112 -21.48 16.87 17.45
C SER A 112 -20.57 16.65 18.65
N GLN A 113 -21.14 16.08 19.70
CA GLN A 113 -20.42 15.55 20.83
C GLN A 113 -20.45 14.03 20.74
N GLY A 114 -19.77 13.38 21.68
CA GLY A 114 -19.96 11.96 21.87
C GLY A 114 -21.16 11.69 22.74
N TYR A 115 -21.48 10.42 22.91
CA TYR A 115 -22.39 10.07 24.00
C TYR A 115 -21.61 10.10 25.31
N PHE A 116 -22.33 10.05 26.42
CA PHE A 116 -21.72 10.21 27.75
C PHE A 116 -21.51 8.82 28.32
N ASP A 117 -20.31 8.27 28.09
CA ASP A 117 -20.12 6.84 28.37
C ASP A 117 -19.90 6.56 29.86
N TYR A 118 -19.38 7.51 30.64
CA TYR A 118 -19.22 7.31 32.07
C TYR A 118 -19.62 8.56 32.82
N TRP A 119 -20.26 8.36 33.98
CA TRP A 119 -20.77 9.45 34.80
C TRP A 119 -20.23 9.32 36.23
N GLY A 120 -20.06 10.47 36.88
CA GLY A 120 -19.71 10.47 38.28
C GLY A 120 -20.92 10.19 39.17
N GLN A 121 -20.67 10.13 40.47
CA GLN A 121 -21.75 9.88 41.41
C GLN A 121 -22.64 11.10 41.61
N GLY A 122 -22.16 12.29 41.27
CA GLY A 122 -22.96 13.48 41.47
C GLY A 122 -22.69 14.14 42.80
N THR A 123 -22.79 15.47 42.80
CA THR A 123 -22.62 16.26 44.01
C THR A 123 -23.75 17.29 44.07
N LEU A 124 -24.43 17.35 45.21
CA LEU A 124 -25.63 18.17 45.32
C LEU A 124 -25.27 19.60 45.65
N VAL A 125 -25.81 20.53 44.88
CA VAL A 125 -25.64 21.96 45.11
C VAL A 125 -27.00 22.53 45.46
N THR A 126 -27.15 23.03 46.69
CA THR A 126 -28.39 23.61 47.16
C THR A 126 -28.17 25.10 47.35
N VAL A 127 -28.84 25.91 46.54
CA VAL A 127 -28.72 27.36 46.61
C VAL A 127 -29.91 27.87 47.41
N SER A 128 -29.65 28.21 48.67
CA SER A 128 -30.70 28.63 49.58
C SER A 128 -30.08 29.42 50.72
N SER A 129 -30.84 30.36 51.26
CA SER A 129 -30.40 31.14 52.41
C SER A 129 -30.85 30.50 53.73
N ALA A 130 -31.60 29.41 53.69
CA ALA A 130 -32.17 28.85 54.91
C ALA A 130 -31.07 28.41 55.87
N SER A 131 -31.27 28.73 57.14
CA SER A 131 -30.37 28.27 58.19
C SER A 131 -30.65 26.80 58.51
N THR A 132 -29.59 26.08 58.88
CA THR A 132 -29.75 24.73 59.38
C THR A 132 -30.67 24.74 60.60
N LYS A 133 -31.60 23.78 60.62
CA LYS A 133 -32.61 23.72 61.68
C LYS A 133 -33.10 22.30 61.85
N GLY A 134 -33.14 21.82 63.09
CA GLY A 134 -33.65 20.52 63.39
C GLY A 134 -35.17 20.50 63.38
N PRO A 135 -35.75 19.32 63.15
CA PRO A 135 -37.21 19.23 63.04
C PRO A 135 -37.90 19.24 64.40
N SER A 136 -39.17 19.66 64.37
CA SER A 136 -40.11 19.35 65.42
C SER A 136 -40.85 18.09 65.02
N VAL A 137 -41.13 17.21 65.99
CA VAL A 137 -41.78 15.94 65.70
C VAL A 137 -43.10 15.90 66.47
N PHE A 138 -44.19 15.68 65.73
CA PHE A 138 -45.53 15.66 66.31
C PHE A 138 -46.21 14.33 66.02
N PRO A 139 -47.00 13.81 66.96
CA PRO A 139 -47.67 12.53 66.72
C PRO A 139 -48.83 12.66 65.76
N LEU A 140 -49.02 11.62 64.97
CA LEU A 140 -50.23 11.40 64.17
C LEU A 140 -50.96 10.29 64.92
N ALA A 141 -51.86 10.68 65.81
CA ALA A 141 -52.39 9.73 66.78
C ALA A 141 -53.39 8.79 66.12
N PRO A 142 -53.46 7.52 66.55
CA PRO A 142 -54.43 6.60 65.95
C PRO A 142 -55.85 6.98 66.32
N SER A 143 -56.75 6.92 65.34
CA SER A 143 -58.13 7.32 65.54
C SER A 143 -58.81 6.43 66.57
N SER A 144 -59.62 7.04 67.42
CA SER A 144 -60.38 6.30 68.43
C SER A 144 -61.47 5.42 67.82
N LYS A 145 -61.82 5.65 66.55
CA LYS A 145 -62.81 4.85 65.85
C LYS A 145 -62.18 3.78 64.97
N SER A 146 -60.94 3.39 65.24
CA SER A 146 -60.24 2.37 64.47
C SER A 146 -60.96 1.03 64.54
N THR A 151 -57.39 -2.92 61.57
CA THR A 151 -56.17 -2.21 61.17
C THR A 151 -56.28 -0.71 61.46
N ALA A 152 -55.30 -0.18 62.20
CA ALA A 152 -55.26 1.22 62.55
C ALA A 152 -53.99 1.85 62.00
N ALA A 153 -54.06 3.14 61.69
CA ALA A 153 -52.92 3.89 61.19
C ALA A 153 -52.46 4.91 62.22
N LEU A 154 -51.16 5.07 62.34
CA LEU A 154 -50.58 6.09 63.20
C LEU A 154 -49.27 6.53 62.56
N GLY A 155 -48.69 7.60 63.10
CA GLY A 155 -47.45 8.07 62.53
C GLY A 155 -46.87 9.25 63.26
N CYS A 156 -45.91 9.90 62.60
CA CYS A 156 -45.23 11.07 63.12
CA CYS A 156 -45.29 11.09 63.12
C CYS A 156 -45.09 12.10 62.01
N LEU A 157 -45.32 13.36 62.35
CA LEU A 157 -45.09 14.47 61.44
C LEU A 157 -43.74 15.09 61.81
N VAL A 158 -42.83 15.12 60.85
CA VAL A 158 -41.48 15.64 61.04
C VAL A 158 -41.43 16.97 60.30
N LYS A 159 -41.52 18.08 61.03
CA LYS A 159 -41.79 19.38 60.41
C LYS A 159 -40.64 20.36 60.60
N ASP A 160 -40.40 21.14 59.55
CA ASP A 160 -39.57 22.36 59.59
C ASP A 160 -38.09 22.08 59.84
N TYR A 161 -37.44 21.33 58.95
CA TYR A 161 -36.01 21.07 59.08
C TYR A 161 -35.28 21.46 57.81
N PHE A 162 -33.98 21.72 57.96
CA PHE A 162 -33.13 22.05 56.83
C PHE A 162 -31.68 21.75 57.19
N PRO A 163 -30.89 21.17 56.29
CA PRO A 163 -31.26 20.66 54.97
C PRO A 163 -31.75 19.23 55.08
N GLU A 164 -32.03 18.58 53.95
CA GLU A 164 -32.24 17.15 53.94
C GLU A 164 -30.93 16.43 54.27
N PRO A 165 -31.01 15.17 54.75
CA PRO A 165 -32.20 14.38 55.04
C PRO A 165 -32.47 14.19 56.52
N VAL A 166 -33.66 13.67 56.85
CA VAL A 166 -33.89 13.04 58.14
C VAL A 166 -34.06 11.55 57.87
N THR A 167 -33.82 10.75 58.90
CA THR A 167 -34.15 9.34 58.88
C THR A 167 -35.19 9.06 59.95
N VAL A 168 -36.12 8.15 59.66
CA VAL A 168 -37.16 7.76 60.60
C VAL A 168 -37.18 6.25 60.72
N SER A 169 -37.18 5.76 61.96
CA SER A 169 -37.41 4.36 62.24
C SER A 169 -38.50 4.25 63.29
N TRP A 170 -39.06 3.05 63.44
CA TRP A 170 -40.11 2.80 64.42
C TRP A 170 -39.64 1.75 65.40
N ASN A 171 -39.80 2.06 66.69
CA ASN A 171 -39.42 1.14 67.78
C ASN A 171 -37.97 0.69 67.63
N SER A 172 -37.10 1.65 67.29
CA SER A 172 -35.65 1.42 67.15
C SER A 172 -35.36 0.34 66.11
N GLY A 173 -36.16 0.29 65.06
CA GLY A 173 -35.96 -0.67 64.00
C GLY A 173 -36.64 -2.00 64.19
N ALA A 174 -37.29 -2.24 65.33
CA ALA A 174 -38.01 -3.48 65.54
C ALA A 174 -39.32 -3.53 64.77
N LEU A 175 -39.83 -2.38 64.32
CA LEU A 175 -41.06 -2.31 63.55
C LEU A 175 -40.71 -1.78 62.16
N THR A 176 -40.84 -2.64 61.14
CA THR A 176 -40.52 -2.26 59.78
C THR A 176 -41.68 -2.56 58.83
N SER A 177 -42.50 -3.54 59.16
CA SER A 177 -43.61 -3.94 58.31
C SER A 177 -44.72 -2.90 58.38
N GLY A 178 -45.24 -2.50 57.22
CA GLY A 178 -46.32 -1.53 57.15
C GLY A 178 -45.93 -0.07 57.26
N VAL A 179 -44.63 0.23 57.25
CA VAL A 179 -44.16 1.60 57.42
C VAL A 179 -44.08 2.28 56.05
N HIS A 180 -44.61 3.50 55.97
CA HIS A 180 -44.48 4.35 54.79
C HIS A 180 -43.90 5.67 55.24
N THR A 181 -42.63 5.93 54.92
CA THR A 181 -42.01 7.22 55.20
C THR A 181 -41.98 8.01 53.90
N PHE A 182 -42.72 9.11 53.87
CA PHE A 182 -42.96 9.84 52.64
C PHE A 182 -41.77 10.71 52.26
N PRO A 183 -41.59 10.98 50.97
CA PRO A 183 -40.56 11.94 50.55
C PRO A 183 -40.85 13.31 51.13
N ALA A 184 -39.79 14.03 51.47
CA ALA A 184 -39.93 15.36 52.04
C ALA A 184 -40.48 16.33 50.99
N VAL A 185 -41.27 17.29 51.45
CA VAL A 185 -41.72 18.39 50.62
C VAL A 185 -41.12 19.68 51.13
N LEU A 186 -40.67 20.52 50.19
CA LEU A 186 -40.16 21.84 50.53
C LEU A 186 -41.33 22.77 50.77
N GLN A 187 -41.42 23.33 51.97
CA GLN A 187 -42.51 24.22 52.30
C GLN A 187 -42.20 25.65 51.83
N SER A 188 -43.21 26.52 51.93
CA SER A 188 -43.03 27.90 51.51
C SER A 188 -42.08 28.68 52.42
N SER A 189 -41.73 28.11 53.57
CA SER A 189 -40.72 28.66 54.46
C SER A 189 -39.30 28.32 54.02
N GLY A 190 -39.12 27.53 52.98
CA GLY A 190 -37.80 27.02 52.65
C GLY A 190 -37.32 25.90 53.55
N LEU A 191 -38.19 25.40 54.42
CA LEU A 191 -37.90 24.27 55.30
C LEU A 191 -38.65 23.04 54.81
N TYR A 192 -38.10 21.87 55.09
CA TYR A 192 -38.69 20.62 54.66
C TYR A 192 -39.65 20.06 55.71
N SER A 193 -40.56 19.22 55.24
CA SER A 193 -41.52 18.53 56.08
C SER A 193 -41.81 17.15 55.50
N LEU A 194 -42.02 16.17 56.37
CA LEU A 194 -42.46 14.86 55.92
C LEU A 194 -43.22 14.18 57.04
N SER A 195 -43.93 13.12 56.67
CA SER A 195 -44.59 12.27 57.63
C SER A 195 -44.12 10.84 57.43
N SER A 196 -44.13 10.08 58.53
CA SER A 196 -43.91 8.64 58.49
C SER A 196 -45.11 8.01 59.19
N VAL A 197 -45.71 7.01 58.53
CA VAL A 197 -46.90 6.36 59.04
C VAL A 197 -46.66 4.86 59.07
N VAL A 198 -47.47 4.16 59.86
CA VAL A 198 -47.43 2.71 59.94
C VAL A 198 -48.84 2.23 60.25
N THR A 199 -49.21 1.07 59.69
CA THR A 199 -50.47 0.43 60.01
C THR A 199 -50.20 -0.78 60.90
N VAL A 200 -50.99 -0.91 61.96
CA VAL A 200 -50.83 -1.94 62.98
C VAL A 200 -52.20 -2.50 63.32
N PRO A 201 -52.25 -3.66 63.98
CA PRO A 201 -53.54 -4.18 64.44
C PRO A 201 -54.19 -3.22 65.44
N SER A 202 -55.49 -2.97 65.25
CA SER A 202 -56.22 -2.12 66.19
C SER A 202 -56.17 -2.68 67.61
N SER A 203 -56.13 -4.00 67.75
CA SER A 203 -56.07 -4.62 69.07
C SER A 203 -54.77 -4.32 69.81
N SER A 204 -53.71 -3.96 69.10
CA SER A 204 -52.42 -3.70 69.72
C SER A 204 -52.31 -2.30 70.32
N LEU A 205 -53.28 -1.41 70.04
CA LEU A 205 -53.14 -0.02 70.45
C LEU A 205 -53.13 0.15 71.96
N GLY A 206 -53.76 -0.76 72.69
CA GLY A 206 -53.80 -0.64 74.14
C GLY A 206 -52.59 -1.22 74.85
N THR A 207 -51.83 -2.08 74.20
CA THR A 207 -50.73 -2.79 74.84
C THR A 207 -49.37 -2.52 74.24
N GLN A 208 -49.27 -2.26 72.94
CA GLN A 208 -47.99 -2.12 72.25
C GLN A 208 -47.61 -0.64 72.16
N THR A 209 -46.38 -0.33 72.54
CA THR A 209 -45.88 1.03 72.46
C THR A 209 -45.28 1.28 71.08
N TYR A 210 -45.59 2.45 70.51
CA TYR A 210 -45.09 2.84 69.20
C TYR A 210 -44.32 4.15 69.33
N ILE A 211 -43.03 4.11 69.02
CA ILE A 211 -42.16 5.27 69.11
C ILE A 211 -41.46 5.46 67.78
N CYS A 212 -41.53 6.67 67.24
CA CYS A 212 -40.80 7.00 66.01
CA CYS A 212 -40.80 7.02 66.02
C CYS A 212 -39.48 7.65 66.40
N ASN A 213 -38.41 7.18 65.78
CA ASN A 213 -37.05 7.66 66.06
C ASN A 213 -36.61 8.51 64.88
N VAL A 214 -36.43 9.81 65.12
CA VAL A 214 -36.14 10.78 64.07
C VAL A 214 -34.73 11.30 64.28
N ASN A 215 -33.93 11.26 63.23
CA ASN A 215 -32.54 11.70 63.29
C ASN A 215 -32.29 12.73 62.19
N HIS A 216 -31.73 13.87 62.56
CA HIS A 216 -31.34 14.92 61.62
C HIS A 216 -29.86 15.23 61.88
N LYS A 217 -28.98 14.56 61.14
CA LYS A 217 -27.55 14.72 61.35
C LYS A 217 -27.03 16.13 61.10
N PRO A 218 -27.49 16.89 60.11
CA PRO A 218 -26.93 18.24 59.92
C PRO A 218 -27.06 19.15 61.12
N SER A 219 -28.09 18.97 61.95
CA SER A 219 -28.29 19.78 63.15
C SER A 219 -27.99 19.02 64.43
N ASN A 220 -27.50 17.79 64.33
CA ASN A 220 -27.25 16.93 65.49
C ASN A 220 -28.50 16.80 66.35
N THR A 221 -29.63 16.54 65.70
CA THR A 221 -30.92 16.38 66.37
C THR A 221 -31.34 14.92 66.35
N LYS A 222 -31.84 14.45 67.48
CA LYS A 222 -32.43 13.12 67.59
C LYS A 222 -33.63 13.22 68.50
N VAL A 223 -34.79 12.76 68.02
CA VAL A 223 -36.04 12.85 68.77
C VAL A 223 -36.72 11.49 68.75
N ASP A 224 -37.10 10.99 69.92
CA ASP A 224 -37.95 9.81 70.06
C ASP A 224 -39.32 10.27 70.51
N LYS A 225 -40.34 10.06 69.67
CA LYS A 225 -41.69 10.53 69.97
C LYS A 225 -42.62 9.33 70.12
N LYS A 226 -43.19 9.18 71.33
CA LYS A 226 -44.19 8.15 71.56
C LYS A 226 -45.52 8.58 70.95
N VAL A 227 -46.14 7.68 70.20
CA VAL A 227 -47.40 7.96 69.51
C VAL A 227 -48.45 7.03 70.10
N GLU A 228 -49.43 7.60 70.78
CA GLU A 228 -50.43 6.83 71.50
C GLU A 228 -51.80 7.42 71.25
N PRO A 229 -52.87 6.65 71.48
CA PRO A 229 -54.22 7.22 71.35
C PRO A 229 -54.38 8.42 72.27
N LYS A 230 -55.07 9.43 71.77
CA LYS A 230 -55.21 10.67 72.52
C LYS A 230 -56.33 10.55 73.54
N SER A 231 -56.04 10.98 74.77
CA SER A 231 -57.05 11.00 75.82
C SER A 231 -57.77 12.35 75.83
N ASN B 1 -33.92 28.20 20.80
N ASN B 1 -35.75 27.56 20.72
CA ASN B 1 -34.81 28.16 19.64
CA ASN B 1 -34.76 28.06 19.78
C ASN B 1 -34.35 27.11 18.63
C ASN B 1 -34.31 26.97 18.82
N SER B 2 -33.04 27.03 18.40
CA SER B 2 -32.48 26.05 17.49
C SER B 2 -32.04 24.77 18.19
N ASP B 3 -32.17 24.68 19.50
CA ASP B 3 -31.83 23.45 20.20
C ASP B 3 -32.74 22.31 19.74
N ILE B 4 -32.14 21.15 19.51
CA ILE B 4 -32.92 19.98 19.12
C ILE B 4 -33.74 19.52 20.32
N VAL B 5 -35.05 19.36 20.10
CA VAL B 5 -35.99 18.99 21.17
C VAL B 5 -36.22 17.49 21.11
N MET B 6 -36.08 16.83 22.25
CA MET B 6 -36.32 15.40 22.42
C MET B 6 -37.62 15.22 23.19
N THR B 7 -38.55 14.42 22.65
CA THR B 7 -39.86 14.21 23.26
C THR B 7 -40.22 12.73 23.30
N GLN B 8 -40.67 12.26 24.46
CA GLN B 8 -41.20 10.91 24.60
C GLN B 8 -42.71 10.98 24.71
N SER B 9 -43.40 10.29 23.81
CA SER B 9 -44.87 10.31 23.74
C SER B 9 -45.40 8.88 23.74
N PRO B 10 -46.06 8.42 24.80
CA PRO B 10 -46.33 9.13 26.07
C PRO B 10 -45.09 9.22 26.96
N ASP B 11 -45.08 10.14 27.92
CA ASP B 11 -43.93 10.30 28.82
C ASP B 11 -44.02 9.46 30.07
N SER B 12 -45.06 8.64 30.20
CA SER B 12 -45.20 7.71 31.31
C SER B 12 -45.88 6.45 30.78
N LEU B 13 -45.43 5.29 31.25
CA LEU B 13 -45.99 4.04 30.77
C LEU B 13 -46.05 3.03 31.91
N ALA B 14 -47.25 2.47 32.13
CA ALA B 14 -47.46 1.40 33.09
C ALA B 14 -47.45 0.08 32.34
N VAL B 15 -46.53 -0.81 32.72
CA VAL B 15 -46.34 -2.10 32.06
C VAL B 15 -46.40 -3.19 33.13
N SER B 16 -47.14 -4.26 32.84
CA SER B 16 -47.15 -5.40 33.74
C SER B 16 -45.78 -6.04 33.78
N LEU B 17 -45.37 -6.49 34.97
CA LEU B 17 -44.13 -7.25 35.07
C LEU B 17 -44.20 -8.48 34.16
N GLY B 18 -43.10 -8.77 33.48
CA GLY B 18 -43.04 -9.85 32.52
C GLY B 18 -43.44 -9.49 31.11
N GLU B 19 -44.08 -8.34 30.90
CA GLU B 19 -44.57 -7.95 29.59
C GLU B 19 -43.63 -6.97 28.93
N ARG B 20 -43.93 -6.66 27.66
CA ARG B 20 -43.06 -5.83 26.85
C ARG B 20 -43.26 -4.34 27.15
N ALA B 21 -42.16 -3.63 27.38
CA ALA B 21 -42.18 -2.19 27.55
C ALA B 21 -41.55 -1.54 26.32
N THR B 22 -42.26 -0.58 25.72
CA THR B 22 -41.79 0.12 24.54
C THR B 22 -41.83 1.61 24.80
N ILE B 23 -40.66 2.26 24.74
CA ILE B 23 -40.52 3.69 24.95
C ILE B 23 -40.18 4.35 23.62
N ASN B 24 -41.00 5.30 23.20
CA ASN B 24 -40.79 6.04 21.95
C ASN B 24 -40.17 7.39 22.25
N CYS B 25 -39.17 7.77 21.45
CA CYS B 25 -38.54 9.07 21.54
C CYS B 25 -38.51 9.70 20.16
N LYS B 26 -38.79 11.00 20.10
CA LYS B 26 -38.82 11.74 18.84
C LYS B 26 -37.92 12.96 18.94
N SER B 27 -37.08 13.18 17.93
CA SER B 27 -36.27 14.39 17.85
C SER B 27 -36.90 15.38 16.88
N SER B 28 -36.67 16.67 17.15
CA SER B 28 -37.28 17.72 16.33
C SER B 28 -36.64 17.81 14.95
N GLN B 29 -35.46 17.23 14.76
CA GLN B 29 -34.85 17.11 13.44
C GLN B 29 -34.02 15.84 13.44
N SER B 30 -33.66 15.38 12.24
CA SER B 30 -32.92 14.14 12.13
C SER B 30 -31.59 14.22 12.86
N VAL B 31 -31.30 13.18 13.63
CA VAL B 31 -30.01 13.04 14.30
C VAL B 31 -29.20 11.90 13.69
N THR B 32 -29.52 11.53 12.46
CA THR B 32 -28.79 10.51 11.72
C THR B 32 -27.87 11.20 10.72
N PHE B 33 -26.59 10.86 10.77
CA PHE B 33 -25.59 11.53 9.94
C PHE B 33 -24.53 10.51 9.53
N ASN B 34 -24.33 10.36 8.22
CA ASN B 34 -23.35 9.42 7.68
C ASN B 34 -23.60 8.01 8.19
N TYR B 35 -24.86 7.57 8.09
CA TYR B 35 -25.30 6.22 8.45
C TYR B 35 -25.11 5.93 9.94
N LYS B 36 -25.06 6.97 10.77
CA LYS B 36 -24.82 6.83 12.19
C LYS B 36 -25.89 7.62 12.94
N ASN B 37 -26.50 6.99 13.95
CA ASN B 37 -27.59 7.61 14.71
C ASN B 37 -27.01 8.16 16.02
N TYR B 38 -27.01 9.47 16.16
CA TYR B 38 -26.42 10.14 17.33
C TYR B 38 -27.45 10.20 18.46
N LEU B 39 -27.84 9.02 18.92
CA LEU B 39 -28.93 8.84 19.86
C LEU B 39 -28.50 7.83 20.91
N ALA B 40 -28.59 8.22 22.18
CA ALA B 40 -28.21 7.33 23.28
C ALA B 40 -29.36 7.21 24.27
N TRP B 41 -29.41 6.06 24.94
CA TRP B 41 -30.40 5.80 25.98
C TRP B 41 -29.69 5.61 27.31
N TYR B 42 -30.26 6.19 28.37
CA TYR B 42 -29.73 6.10 29.72
C TYR B 42 -30.83 5.65 30.67
N GLN B 43 -30.42 4.92 31.70
CA GLN B 43 -31.32 4.47 32.76
C GLN B 43 -30.91 5.13 34.07
N GLN B 44 -31.89 5.60 34.83
CA GLN B 44 -31.61 6.23 36.12
C GLN B 44 -32.57 5.72 37.18
N LYS B 45 -32.04 5.07 38.20
CA LYS B 45 -32.79 4.65 39.37
C LYS B 45 -32.77 5.75 40.41
N PRO B 46 -33.72 5.75 41.36
CA PRO B 46 -33.78 6.87 42.32
C PRO B 46 -32.52 6.95 43.17
N GLY B 47 -32.03 8.17 43.35
CA GLY B 47 -30.81 8.42 44.09
C GLY B 47 -29.53 8.02 43.39
N GLN B 48 -29.61 7.45 42.18
CA GLN B 48 -28.46 6.97 41.44
C GLN B 48 -28.18 7.85 40.24
N PRO B 49 -26.94 7.89 39.76
CA PRO B 49 -26.63 8.64 38.54
C PRO B 49 -27.20 7.93 37.32
N PRO B 50 -27.35 8.62 36.20
CA PRO B 50 -27.72 7.94 34.96
C PRO B 50 -26.64 6.94 34.55
N LYS B 51 -27.05 5.91 33.83
CA LYS B 51 -26.15 4.88 33.34
C LYS B 51 -26.43 4.64 31.87
N LEU B 52 -25.37 4.57 31.07
CA LEU B 52 -25.51 4.33 29.64
C LEU B 52 -26.08 2.94 29.38
N LEU B 53 -27.18 2.89 28.63
CA LEU B 53 -27.81 1.62 28.23
C LEU B 53 -27.50 1.27 26.78
N ILE B 54 -27.79 2.19 25.86
CA ILE B 54 -27.70 1.98 24.42
C ILE B 54 -26.98 3.17 23.82
N TYR B 55 -26.04 2.92 22.91
CA TYR B 55 -25.40 3.99 22.17
C TYR B 55 -25.47 3.70 20.67
N TRP B 56 -25.31 4.78 19.88
CA TRP B 56 -25.54 4.75 18.43
C TRP B 56 -26.89 4.12 18.11
N ALA B 57 -27.90 4.45 18.93
CA ALA B 57 -29.29 4.04 18.78
C ALA B 57 -29.57 2.55 19.04
N SER B 58 -28.62 1.67 18.76
CA SER B 58 -28.92 0.24 18.82
C SER B 58 -27.84 -0.64 19.43
N THR B 59 -26.74 -0.10 19.92
CA THR B 59 -25.65 -0.91 20.46
C THR B 59 -25.76 -0.94 21.98
N ARG B 60 -25.91 -2.13 22.54
CA ARG B 60 -25.95 -2.30 24.00
C ARG B 60 -24.59 -2.04 24.62
N GLU B 61 -24.56 -1.30 25.72
CA GLU B 61 -23.34 -1.20 26.50
C GLU B 61 -23.06 -2.54 27.17
N SER B 62 -21.78 -2.82 27.40
CA SER B 62 -21.37 -4.05 28.06
C SER B 62 -22.04 -4.16 29.43
N GLY B 63 -22.56 -5.35 29.72
CA GLY B 63 -23.24 -5.59 30.98
C GLY B 63 -24.73 -5.33 30.97
N VAL B 64 -25.25 -4.69 29.93
CA VAL B 64 -26.70 -4.45 29.83
C VAL B 64 -27.38 -5.74 29.37
N PRO B 65 -28.43 -6.20 30.07
CA PRO B 65 -29.04 -7.48 29.73
C PRO B 65 -29.65 -7.48 28.33
N ASP B 66 -29.79 -8.69 27.77
CA ASP B 66 -30.25 -8.88 26.40
C ASP B 66 -31.67 -8.39 26.17
N ARG B 67 -32.49 -8.28 27.22
CA ARG B 67 -33.88 -7.87 27.04
C ARG B 67 -34.01 -6.40 26.65
N PHE B 68 -32.95 -5.61 26.76
CA PHE B 68 -32.95 -4.22 26.30
C PHE B 68 -32.50 -4.17 24.85
N SER B 69 -33.21 -3.41 24.02
CA SER B 69 -32.80 -3.20 22.64
C SER B 69 -33.30 -1.82 22.18
N GLY B 70 -32.49 -1.18 21.35
CA GLY B 70 -32.86 0.09 20.76
C GLY B 70 -32.94 -0.02 19.26
N SER B 71 -33.80 0.80 18.66
CA SER B 71 -33.95 0.84 17.22
C SER B 71 -34.43 2.22 16.80
N GLY B 72 -34.48 2.44 15.49
CA GLY B 72 -34.94 3.68 14.92
C GLY B 72 -33.84 4.43 14.18
N SER B 73 -34.26 5.47 13.48
CA SER B 73 -33.34 6.33 12.76
C SER B 73 -34.05 7.63 12.44
N GLY B 74 -33.27 8.62 11.99
CA GLY B 74 -33.83 9.91 11.66
C GLY B 74 -34.36 10.65 12.86
N THR B 75 -35.68 10.70 13.00
CA THR B 75 -36.33 11.40 14.10
C THR B 75 -37.11 10.49 15.03
N ASP B 76 -37.19 9.18 14.76
CA ASP B 76 -38.05 8.28 15.52
C ASP B 76 -37.22 7.13 16.08
N PHE B 77 -37.21 6.99 17.40
CA PHE B 77 -36.41 5.98 18.06
C PHE B 77 -37.23 5.27 19.12
N THR B 78 -36.82 4.05 19.44
CA THR B 78 -37.56 3.19 20.36
C THR B 78 -36.59 2.42 21.25
N LEU B 79 -36.88 2.39 22.55
CA LEU B 79 -36.21 1.50 23.50
C LEU B 79 -37.21 0.44 23.93
N THR B 80 -36.84 -0.83 23.79
CA THR B 80 -37.72 -1.96 24.10
C THR B 80 -37.12 -2.81 25.20
N ILE B 81 -37.95 -3.15 26.18
CA ILE B 81 -37.63 -4.16 27.18
C ILE B 81 -38.56 -5.34 26.89
N SER B 82 -37.97 -6.46 26.46
CA SER B 82 -38.79 -7.57 25.96
C SER B 82 -39.67 -8.15 27.06
N SER B 83 -39.16 -8.23 28.28
CA SER B 83 -39.92 -8.77 29.40
C SER B 83 -39.51 -8.00 30.65
N LEU B 84 -40.43 -7.18 31.16
CA LEU B 84 -40.10 -6.23 32.22
C LEU B 84 -39.78 -6.94 33.53
N GLN B 85 -38.61 -6.66 34.08
CA GLN B 85 -38.21 -7.11 35.39
C GLN B 85 -38.36 -5.98 36.40
N ALA B 86 -38.52 -6.34 37.67
CA ALA B 86 -38.71 -5.34 38.71
C ALA B 86 -37.54 -4.35 38.76
N GLU B 87 -36.33 -4.85 38.50
CA GLU B 87 -35.16 -3.99 38.49
CA GLU B 87 -35.16 -3.98 38.50
C GLU B 87 -35.12 -3.05 37.30
N ASP B 88 -36.02 -3.19 36.34
CA ASP B 88 -36.07 -2.32 35.18
C ASP B 88 -36.95 -1.11 35.38
N VAL B 89 -37.67 -1.03 36.50
CA VAL B 89 -38.49 0.14 36.80
C VAL B 89 -37.56 1.30 37.11
N ALA B 90 -37.62 2.35 36.29
CA ALA B 90 -36.67 3.45 36.41
C ALA B 90 -37.13 4.60 35.52
N VAL B 91 -36.37 5.68 35.54
CA VAL B 91 -36.50 6.76 34.58
C VAL B 91 -35.57 6.47 33.42
N TYR B 92 -36.03 6.72 32.21
CA TYR B 92 -35.23 6.49 31.01
C TYR B 92 -35.07 7.79 30.24
N TYR B 93 -33.88 8.03 29.73
CA TYR B 93 -33.55 9.23 28.98
C TYR B 93 -33.10 8.86 27.58
N CYS B 94 -33.70 9.49 26.58
CA CYS B 94 -33.13 9.51 25.24
C CYS B 94 -32.35 10.81 25.07
N GLN B 95 -31.20 10.72 24.42
CA GLN B 95 -30.29 11.85 24.29
C GLN B 95 -29.77 11.92 22.87
N GLN B 96 -29.89 13.09 22.24
CA GLN B 96 -29.19 13.35 21.00
C GLN B 96 -27.88 14.05 21.31
N HIS B 97 -26.82 13.64 20.61
CA HIS B 97 -25.55 14.35 20.65
C HIS B 97 -25.08 14.69 19.24
N TYR B 98 -26.01 14.76 18.29
CA TYR B 98 -25.71 15.19 16.93
C TYR B 98 -25.33 16.67 16.89
N ARG B 99 -25.94 17.49 17.75
CA ARG B 99 -25.66 18.91 17.81
C ARG B 99 -25.46 19.34 19.25
N THR B 100 -24.64 20.35 19.44
CA THR B 100 -24.46 20.98 20.74
C THR B 100 -25.41 22.17 20.86
N PRO B 101 -26.16 22.31 21.97
CA PRO B 101 -26.15 21.48 23.18
C PRO B 101 -26.76 20.10 23.00
N PRO B 102 -26.12 19.06 23.53
CA PRO B 102 -26.80 17.77 23.64
C PRO B 102 -28.03 17.93 24.51
N THR B 103 -29.12 17.29 24.11
CA THR B 103 -30.41 17.45 24.78
C THR B 103 -31.01 16.10 25.10
N PHE B 104 -31.85 16.07 26.14
CA PHE B 104 -32.43 14.85 26.67
C PHE B 104 -33.95 14.91 26.65
N GLY B 105 -34.57 13.75 26.46
CA GLY B 105 -35.99 13.57 26.70
C GLY B 105 -36.16 12.59 27.85
N GLN B 106 -37.29 12.68 28.54
CA GLN B 106 -37.47 11.93 29.78
C GLN B 106 -38.77 11.15 29.76
N GLY B 107 -38.73 9.96 30.35
CA GLY B 107 -39.92 9.14 30.53
C GLY B 107 -39.68 8.14 31.62
N THR B 108 -40.78 7.63 32.19
N THR B 108 -40.78 7.67 32.20
CA THR B 108 -40.73 6.72 33.31
CA THR B 108 -40.74 6.71 33.30
C THR B 108 -41.48 5.44 32.99
C THR B 108 -41.44 5.41 32.91
N VAL B 109 -40.93 4.32 33.44
CA VAL B 109 -41.59 3.01 33.33
C VAL B 109 -42.04 2.64 34.75
N GLU B 110 -43.34 2.37 34.89
CA GLU B 110 -43.90 1.94 36.16
C GLU B 110 -44.59 0.60 35.98
N ILE B 111 -44.86 -0.06 37.10
CA ILE B 111 -45.47 -1.38 37.09
C ILE B 111 -46.98 -1.23 37.03
N LYS B 112 -47.60 -1.89 36.05
CA LYS B 112 -49.05 -1.96 35.94
C LYS B 112 -49.58 -3.11 36.77
N ARG B 113 -50.70 -2.87 37.45
CA ARG B 113 -51.39 -3.89 38.22
C ARG B 113 -52.87 -3.54 38.27
N THR B 114 -53.65 -4.40 38.90
CA THR B 114 -55.08 -4.17 39.00
C THR B 114 -55.38 -2.97 39.91
N VAL B 115 -56.57 -2.39 39.72
CA VAL B 115 -56.99 -1.26 40.53
C VAL B 115 -57.09 -1.69 41.99
N ALA B 116 -56.63 -0.83 42.89
CA ALA B 116 -56.72 -1.04 44.34
C ALA B 116 -57.15 0.26 44.99
N ALA B 117 -58.28 0.23 45.71
CA ALA B 117 -58.76 1.43 46.38
C ALA B 117 -57.91 1.75 47.61
N PRO B 118 -57.71 3.03 47.90
CA PRO B 118 -56.95 3.40 49.11
C PRO B 118 -57.77 3.20 50.38
N SER B 119 -57.04 2.92 51.46
CA SER B 119 -57.59 3.06 52.80
C SER B 119 -57.26 4.46 53.28
N VAL B 120 -58.27 5.21 53.72
CA VAL B 120 -58.12 6.63 54.02
C VAL B 120 -58.16 6.86 55.53
N PHE B 121 -57.28 7.74 56.02
CA PHE B 121 -57.20 8.11 57.43
C PHE B 121 -56.97 9.60 57.54
N ILE B 122 -57.56 10.23 58.55
CA ILE B 122 -57.36 11.65 58.82
C ILE B 122 -56.77 11.81 60.22
N PHE B 123 -55.85 12.76 60.36
CA PHE B 123 -55.16 12.99 61.64
C PHE B 123 -55.28 14.46 62.02
N PRO B 124 -55.88 14.78 63.17
CA PRO B 124 -55.90 16.17 63.64
C PRO B 124 -54.51 16.63 64.05
N PRO B 125 -54.27 17.94 64.14
CA PRO B 125 -53.01 18.41 64.69
C PRO B 125 -52.90 18.07 66.17
N SER B 126 -51.66 17.89 66.63
CA SER B 126 -51.44 17.64 68.05
C SER B 126 -51.65 18.91 68.85
N ASP B 127 -52.04 18.74 70.12
CA ASP B 127 -52.15 19.90 71.01
C ASP B 127 -50.81 20.62 71.12
N GLU B 128 -49.71 19.86 71.13
CA GLU B 128 -48.38 20.44 71.25
C GLU B 128 -48.09 21.41 70.10
N GLN B 129 -48.36 20.98 68.87
CA GLN B 129 -48.12 21.86 67.72
C GLN B 129 -49.00 23.12 67.81
N LEU B 130 -50.27 22.95 68.15
CA LEU B 130 -51.20 24.08 68.25
C LEU B 130 -50.68 25.14 69.20
N LYS B 131 -50.05 24.73 70.31
CA LYS B 131 -49.53 25.68 71.28
C LYS B 131 -48.46 26.59 70.69
N SER B 132 -47.85 26.21 69.57
CA SER B 132 -46.81 27.02 68.97
C SER B 132 -47.30 27.85 67.79
N GLY B 133 -48.59 27.78 67.43
CA GLY B 133 -49.19 28.72 66.51
C GLY B 133 -49.59 28.18 65.15
N THR B 134 -49.35 26.90 64.86
CA THR B 134 -49.67 26.33 63.55
C THR B 134 -50.40 25.02 63.74
N ALA B 135 -51.30 24.70 62.81
CA ALA B 135 -52.03 23.44 62.81
C ALA B 135 -51.77 22.71 61.49
N SER B 136 -51.27 21.48 61.58
CA SER B 136 -51.09 20.61 60.42
C SER B 136 -52.11 19.49 60.51
N VAL B 137 -52.95 19.37 59.48
CA VAL B 137 -53.93 18.29 59.38
C VAL B 137 -53.47 17.36 58.26
N VAL B 138 -53.46 16.05 58.54
CA VAL B 138 -52.87 15.08 57.62
C VAL B 138 -53.93 14.09 57.17
N CYS B 139 -53.98 13.83 55.87
CA CYS B 139 -54.86 12.82 55.29
CA CYS B 139 -54.85 12.82 55.28
C CYS B 139 -53.99 11.79 54.59
N LEU B 140 -54.17 10.52 54.96
CA LEU B 140 -53.36 9.43 54.45
C LEU B 140 -54.19 8.52 53.56
N LEU B 141 -53.66 8.25 52.36
CA LEU B 141 -54.23 7.29 51.40
C LEU B 141 -53.25 6.13 51.31
N ASN B 142 -53.65 4.95 51.78
CA ASN B 142 -52.73 3.83 51.93
C ASN B 142 -52.96 2.74 50.89
N ASN B 143 -51.89 2.36 50.18
CA ASN B 143 -51.79 1.16 49.36
C ASN B 143 -52.87 1.12 48.28
N PHE B 144 -52.75 2.02 47.31
CA PHE B 144 -53.73 2.12 46.23
C PHE B 144 -53.04 2.09 44.87
N TYR B 145 -53.86 1.85 43.83
CA TYR B 145 -53.40 1.84 42.44
C TYR B 145 -54.59 2.11 41.53
N PRO B 146 -54.44 2.94 40.48
CA PRO B 146 -53.25 3.67 40.03
C PRO B 146 -52.95 4.91 40.88
N ARG B 147 -51.89 5.64 40.53
CA ARG B 147 -51.45 6.74 41.38
C ARG B 147 -52.44 7.90 41.39
N GLU B 148 -53.21 8.08 40.32
CA GLU B 148 -54.09 9.23 40.20
C GLU B 148 -55.16 9.20 41.29
N ALA B 149 -55.27 10.31 42.02
CA ALA B 149 -56.23 10.43 43.11
C ALA B 149 -56.48 11.90 43.36
N LYS B 150 -57.71 12.23 43.76
CA LYS B 150 -58.08 13.59 44.10
C LYS B 150 -58.35 13.66 45.59
N VAL B 151 -57.60 14.51 46.29
CA VAL B 151 -57.75 14.72 47.73
C VAL B 151 -58.22 16.15 47.92
N GLN B 152 -59.42 16.32 48.46
CA GLN B 152 -60.02 17.63 48.65
C GLN B 152 -60.25 17.87 50.14
N TRP B 153 -59.73 19.00 50.63
CA TRP B 153 -59.88 19.39 52.02
C TRP B 153 -61.09 20.29 52.18
N LYS B 154 -61.88 20.03 53.22
CA LYS B 154 -63.03 20.87 53.54
C LYS B 154 -62.99 21.24 55.02
N VAL B 155 -63.21 22.52 55.30
CA VAL B 155 -63.24 23.05 56.65
C VAL B 155 -64.60 23.71 56.84
N ASP B 156 -65.42 23.13 57.72
CA ASP B 156 -66.82 23.54 57.86
C ASP B 156 -67.51 23.60 56.49
N ASN B 157 -67.26 22.58 55.68
CA ASN B 157 -67.80 22.40 54.34
C ASN B 157 -67.31 23.44 53.32
N ALA B 158 -66.27 24.22 53.66
CA ALA B 158 -65.68 25.15 52.72
C ALA B 158 -64.46 24.49 52.08
N LEU B 159 -64.45 24.43 50.75
CA LEU B 159 -63.35 23.79 50.04
C LEU B 159 -62.08 24.62 50.15
N GLN B 160 -60.98 23.97 50.53
CA GLN B 160 -59.69 24.62 50.70
C GLN B 160 -58.90 24.59 49.40
N SER B 161 -58.15 25.66 49.15
CA SER B 161 -57.25 25.74 48.00
C SER B 161 -55.98 26.49 48.39
N GLY B 162 -54.85 26.01 47.91
CA GLY B 162 -53.58 26.69 48.08
C GLY B 162 -52.87 26.46 49.39
N ASN B 163 -53.46 25.76 50.34
CA ASN B 163 -52.87 25.57 51.65
C ASN B 163 -52.62 24.08 51.96
N SER B 164 -52.39 23.26 50.94
CA SER B 164 -52.06 21.86 51.16
C SER B 164 -50.95 21.43 50.20
N GLN B 165 -50.19 20.42 50.62
CA GLN B 165 -49.14 19.81 49.81
C GLN B 165 -49.23 18.30 49.91
N GLU B 166 -48.91 17.61 48.82
CA GLU B 166 -49.00 16.16 48.75
C GLU B 166 -47.62 15.54 48.57
N SER B 167 -47.48 14.29 49.02
CA SER B 167 -46.28 13.49 48.86
C SER B 167 -46.71 12.05 48.58
N VAL B 168 -45.97 11.37 47.69
N VAL B 168 -45.97 11.38 47.71
CA VAL B 168 -46.32 10.02 47.30
CA VAL B 168 -46.31 10.02 47.27
C VAL B 168 -45.10 9.11 47.40
C VAL B 168 -45.08 9.12 47.40
N THR B 169 -45.30 7.89 47.89
CA THR B 169 -44.21 6.93 47.98
C THR B 169 -43.92 6.32 46.61
N GLU B 170 -42.79 5.62 46.52
CA GLU B 170 -42.51 4.81 45.36
C GLU B 170 -43.40 3.56 45.37
N GLN B 171 -43.56 2.95 44.19
CA GLN B 171 -44.36 1.74 44.08
C GLN B 171 -43.81 0.66 45.01
N ASP B 172 -44.72 0.02 45.75
CA ASP B 172 -44.33 -0.97 46.75
C ASP B 172 -43.68 -2.18 46.09
N SER B 173 -42.60 -2.67 46.71
CA SER B 173 -41.83 -3.75 46.09
C SER B 173 -42.60 -5.06 46.04
N LYS B 174 -43.62 -5.24 46.86
CA LYS B 174 -44.38 -6.50 46.90
C LYS B 174 -45.71 -6.42 46.14
N ASP B 175 -46.51 -5.38 46.36
CA ASP B 175 -47.82 -5.31 45.74
C ASP B 175 -47.97 -4.17 44.75
N SER B 176 -46.90 -3.41 44.50
CA SER B 176 -46.85 -2.38 43.45
C SER B 176 -47.84 -1.24 43.68
N THR B 177 -48.30 -1.05 44.90
CA THR B 177 -49.22 0.05 45.19
C THR B 177 -48.46 1.31 45.58
N TYR B 178 -49.19 2.42 45.64
CA TYR B 178 -48.72 3.71 46.12
C TYR B 178 -49.38 4.03 47.45
N SER B 179 -48.73 4.90 48.21
CA SER B 179 -49.37 5.56 49.34
C SER B 179 -49.14 7.06 49.19
N LEU B 180 -50.07 7.86 49.73
CA LEU B 180 -50.04 9.30 49.52
C LEU B 180 -50.41 10.00 50.82
N SER B 181 -49.75 11.12 51.09
CA SER B 181 -50.08 11.97 52.21
C SER B 181 -50.43 13.36 51.69
N SER B 182 -51.48 13.95 52.26
CA SER B 182 -51.83 15.35 52.01
C SER B 182 -51.83 16.07 53.34
N THR B 183 -51.13 17.20 53.40
CA THR B 183 -51.00 17.96 54.64
C THR B 183 -51.61 19.34 54.43
N LEU B 184 -52.62 19.67 55.22
CA LEU B 184 -53.26 20.98 55.23
C LEU B 184 -52.66 21.80 56.36
N THR B 185 -52.18 22.99 56.05
CA THR B 185 -51.52 23.86 57.02
C THR B 185 -52.37 25.10 57.28
N LEU B 186 -52.77 25.30 58.53
CA LEU B 186 -53.58 26.44 58.94
C LEU B 186 -52.90 27.14 60.12
N SER B 187 -53.16 28.44 60.24
CA SER B 187 -52.77 29.14 61.46
C SER B 187 -53.61 28.63 62.63
N LYS B 188 -53.10 28.85 63.85
CA LYS B 188 -53.85 28.45 65.03
C LYS B 188 -55.22 29.12 65.06
N ALA B 189 -55.28 30.42 64.75
CA ALA B 189 -56.54 31.15 64.84
C ALA B 189 -57.57 30.61 63.86
N ASP B 190 -57.15 30.35 62.61
CA ASP B 190 -58.05 29.77 61.63
C ASP B 190 -58.53 28.39 62.06
N TYR B 191 -57.62 27.55 62.56
CA TYR B 191 -57.98 26.21 62.99
C TYR B 191 -59.04 26.25 64.08
N GLU B 192 -58.86 27.11 65.08
CA GLU B 192 -59.75 27.15 66.22
C GLU B 192 -61.04 27.91 65.95
N LYS B 193 -61.19 28.48 64.75
CA LYS B 193 -62.43 29.13 64.35
C LYS B 193 -63.45 28.16 63.75
N HIS B 194 -63.07 26.92 63.48
CA HIS B 194 -63.94 26.01 62.75
C HIS B 194 -64.01 24.66 63.45
N LYS B 195 -65.04 23.89 63.11
CA LYS B 195 -65.34 22.64 63.79
C LYS B 195 -65.01 21.40 62.96
N VAL B 196 -65.55 21.30 61.74
CA VAL B 196 -65.52 20.05 60.98
C VAL B 196 -64.37 20.10 59.98
N TYR B 197 -63.46 19.13 60.09
CA TYR B 197 -62.31 19.01 59.20
C TYR B 197 -62.44 17.70 58.45
N ALA B 198 -62.45 17.77 57.12
CA ALA B 198 -62.71 16.58 56.32
C ALA B 198 -61.77 16.52 55.13
N CYS B 199 -61.37 15.30 54.79
CA CYS B 199 -60.64 15.07 53.55
CA CYS B 199 -60.61 15.02 53.57
C CYS B 199 -61.45 14.10 52.72
N GLU B 200 -61.76 14.51 51.49
CA GLU B 200 -62.60 13.76 50.57
C GLU B 200 -61.71 13.21 49.47
N VAL B 201 -61.75 11.89 49.27
CA VAL B 201 -60.83 11.19 48.38
C VAL B 201 -61.60 10.60 47.22
N THR B 202 -61.20 10.95 46.00
CA THR B 202 -61.77 10.41 44.78
C THR B 202 -60.72 9.52 44.12
N HIS B 203 -61.11 8.28 43.81
CA HIS B 203 -60.17 7.33 43.23
C HIS B 203 -60.93 6.29 42.44
N GLN B 204 -60.29 5.80 41.37
CA GLN B 204 -60.93 4.86 40.45
C GLN B 204 -61.40 3.60 41.17
N GLY B 205 -60.74 3.21 42.25
CA GLY B 205 -61.16 2.04 43.02
C GLY B 205 -62.34 2.25 43.94
N LEU B 206 -62.82 3.50 44.06
CA LEU B 206 -63.95 3.84 44.91
C LEU B 206 -65.14 4.22 44.05
N SER B 207 -66.27 3.55 44.27
CA SER B 207 -67.45 3.82 43.45
C SER B 207 -68.00 5.22 43.69
N SER B 208 -67.79 5.78 44.87
CA SER B 208 -68.08 7.17 45.16
C SER B 208 -67.00 7.69 46.09
N PRO B 209 -66.81 9.00 46.17
CA PRO B 209 -65.72 9.53 47.00
C PRO B 209 -65.90 9.16 48.47
N VAL B 210 -64.78 8.91 49.14
CA VAL B 210 -64.75 8.54 50.54
C VAL B 210 -64.30 9.76 51.34
N THR B 211 -65.03 10.06 52.42
CA THR B 211 -64.72 11.20 53.26
C THR B 211 -64.41 10.72 54.67
N LYS B 212 -63.26 11.13 55.20
CA LYS B 212 -62.91 10.94 56.60
C LYS B 212 -62.86 12.32 57.26
N SER B 213 -63.44 12.43 58.46
N SER B 213 -63.42 12.42 58.47
CA SER B 213 -63.60 13.72 59.11
CA SER B 213 -63.53 13.73 59.10
C SER B 213 -63.40 13.59 60.62
C SER B 213 -63.43 13.60 60.61
N PHE B 214 -63.15 14.73 61.25
CA PHE B 214 -63.17 14.83 62.71
C PHE B 214 -63.73 16.19 63.09
N ASN B 215 -64.26 16.28 64.31
CA ASN B 215 -64.71 17.54 64.87
C ASN B 215 -63.65 18.03 65.86
N ARG B 216 -63.21 19.27 65.68
CA ARG B 216 -62.20 19.84 66.57
C ARG B 216 -62.66 19.79 68.01
N GLY B 217 -61.83 19.23 68.89
CA GLY B 217 -62.16 19.12 70.29
C GLY B 217 -63.12 18.00 70.63
N GLU B 218 -63.15 16.95 69.82
CA GLU B 218 -64.03 15.81 70.09
C GLU B 218 -63.29 14.49 69.92
N GLN C 6 -18.65 3.85 -9.49
CA GLN C 6 -19.04 3.43 -8.15
C GLN C 6 -18.29 2.18 -7.70
N ASP C 7 -17.35 2.37 -6.76
CA ASP C 7 -16.61 1.28 -6.12
C ASP C 7 -15.78 0.49 -7.15
N TRP C 8 -14.80 1.21 -7.72
CA TRP C 8 -13.98 0.61 -8.77
C TRP C 8 -13.22 -0.61 -8.27
N GLY C 9 -12.70 -0.54 -7.04
CA GLY C 9 -11.98 -1.67 -6.48
C GLY C 9 -12.86 -2.85 -6.08
N ASN C 10 -14.17 -2.66 -6.06
CA ASN C 10 -15.14 -3.68 -5.63
C ASN C 10 -14.89 -4.12 -4.19
N LEU C 11 -14.75 -3.13 -3.30
CA LEU C 11 -14.72 -3.42 -1.87
C LEU C 11 -16.07 -3.94 -1.37
N LYS C 12 -17.15 -3.71 -2.13
CA LYS C 12 -18.47 -4.19 -1.74
C LYS C 12 -18.54 -5.72 -1.74
N ARG C 13 -17.75 -6.38 -2.59
CA ARG C 13 -17.90 -7.82 -2.79
C ARG C 13 -17.78 -8.58 -1.47
N TYR C 14 -16.74 -8.28 -0.68
CA TYR C 14 -16.49 -9.02 0.55
C TYR C 14 -16.77 -8.21 1.81
N ALA C 15 -17.41 -7.04 1.68
CA ALA C 15 -17.59 -6.16 2.83
C ALA C 15 -18.40 -6.85 3.94
N GLU C 16 -19.51 -7.48 3.58
CA GLU C 16 -20.33 -8.13 4.61
C GLU C 16 -19.63 -9.37 5.16
N ALA C 17 -18.95 -10.13 4.30
CA ALA C 17 -18.25 -11.33 4.76
C ALA C 17 -17.11 -10.98 5.71
N ASN C 18 -16.43 -9.85 5.46
CA ASN C 18 -15.37 -9.40 6.38
C ASN C 18 -15.93 -9.03 7.73
N LYS C 19 -17.07 -8.31 7.76
CA LYS C 19 -17.69 -7.94 9.02
C LYS C 19 -18.01 -9.17 9.86
N GLU C 20 -18.58 -10.20 9.24
CA GLU C 20 -18.89 -11.43 9.96
C GLU C 20 -17.63 -12.10 10.49
N LEU C 21 -16.52 -12.02 9.76
CA LEU C 21 -15.28 -12.62 10.23
C LEU C 21 -14.70 -11.85 11.42
N VAL C 22 -14.65 -10.52 11.31
CA VAL C 22 -14.11 -9.71 12.40
C VAL C 22 -14.95 -9.89 13.67
N ARG C 23 -16.25 -10.12 13.50
CA ARG C 23 -17.13 -10.33 14.66
C ARG C 23 -16.73 -11.58 15.42
N LYS C 24 -16.37 -12.65 14.73
CA LYS C 24 -15.99 -13.90 15.37
C LYS C 24 -14.58 -13.89 15.95
N GLY C 25 -13.86 -12.78 15.84
CA GLY C 25 -12.58 -12.64 16.49
C GLY C 25 -11.42 -13.13 15.64
N LYS C 26 -10.22 -12.71 16.03
CA LYS C 26 -9.00 -13.13 15.34
C LYS C 26 -8.78 -14.62 15.53
N GLN C 27 -8.47 -15.31 14.44
CA GLN C 27 -8.15 -16.73 14.45
C GLN C 27 -6.64 -16.93 14.33
N LYS C 28 -6.19 -18.09 14.80
CA LYS C 28 -4.78 -18.44 14.72
C LYS C 28 -4.45 -18.99 13.33
N ASP C 29 -3.32 -18.56 12.79
CA ASP C 29 -2.77 -19.09 11.54
C ASP C 29 -3.74 -18.92 10.37
N ARG C 30 -4.43 -17.79 10.33
CA ARG C 30 -5.28 -17.48 9.18
C ARG C 30 -4.42 -17.11 7.97
N VAL C 31 -4.79 -17.66 6.81
CA VAL C 31 -4.12 -17.37 5.55
C VAL C 31 -5.15 -16.80 4.58
N VAL C 32 -4.89 -15.60 4.07
CA VAL C 32 -5.77 -14.95 3.10
C VAL C 32 -5.16 -15.09 1.72
N PHE C 33 -5.97 -15.53 0.75
CA PHE C 33 -5.55 -15.66 -0.64
C PHE C 33 -6.09 -14.46 -1.42
N MET C 34 -5.18 -13.64 -1.95
CA MET C 34 -5.55 -12.50 -2.78
C MET C 34 -5.32 -12.86 -4.24
N GLY C 35 -6.30 -12.56 -5.09
CA GLY C 35 -6.15 -12.88 -6.51
C GLY C 35 -7.42 -12.60 -7.29
N ASN C 36 -7.47 -13.19 -8.49
CA ASN C 36 -8.54 -12.95 -9.45
C ASN C 36 -9.47 -14.16 -9.56
N SEP C 37 -9.94 -14.44 -10.77
CA SEP C 37 -10.87 -15.54 -11.02
CB SEP C 37 -11.33 -15.53 -12.48
OG SEP C 37 -10.25 -15.84 -13.36
C SEP C 37 -10.25 -16.90 -10.69
O SEP C 37 -10.96 -17.85 -10.36
P SEP C 37 -9.80 -14.56 -14.25
O1P SEP C 37 -9.94 -13.21 -13.38
O2P SEP C 37 -10.73 -14.46 -15.56
O3P SEP C 37 -8.27 -14.73 -14.72
N ILE C 38 -8.93 -17.00 -10.81
CA ILE C 38 -8.24 -18.25 -10.49
C ILE C 38 -8.36 -18.51 -8.99
N THR C 39 -8.20 -17.45 -8.20
CA THR C 39 -8.36 -17.57 -6.75
C THR C 39 -9.84 -17.67 -6.35
N GLU C 40 -10.72 -16.89 -6.99
CA GLU C 40 -12.14 -17.00 -6.66
C GLU C 40 -12.69 -18.38 -7.02
N GLY C 41 -12.33 -18.89 -8.20
CA GLY C 41 -12.78 -20.21 -8.60
C GLY C 41 -12.16 -21.34 -7.80
N TRP C 42 -11.00 -21.09 -7.18
CA TRP C 42 -10.39 -22.07 -6.28
C TRP C 42 -11.34 -22.41 -5.14
N VAL C 43 -11.86 -21.38 -4.46
CA VAL C 43 -12.80 -21.59 -3.37
C VAL C 43 -14.08 -22.27 -3.87
N ALA C 44 -14.55 -21.84 -5.04
CA ALA C 44 -15.79 -22.41 -5.56
C ALA C 44 -15.63 -23.88 -5.96
N ASN C 45 -14.44 -24.28 -6.38
CA ASN C 45 -14.23 -25.65 -6.85
C ASN C 45 -13.71 -26.59 -5.77
N ASP C 46 -13.11 -26.06 -4.70
CA ASP C 46 -12.58 -26.90 -3.62
C ASP C 46 -12.72 -26.14 -2.30
N ALA C 47 -13.97 -26.00 -1.84
CA ALA C 47 -14.23 -25.26 -0.60
C ALA C 47 -13.57 -25.92 0.60
N ALA C 48 -13.44 -27.25 0.58
CA ALA C 48 -12.86 -27.95 1.73
C ALA C 48 -11.39 -27.60 1.92
N PHE C 49 -10.66 -27.36 0.83
CA PHE C 49 -9.25 -26.98 0.95
C PHE C 49 -9.09 -25.72 1.80
N PHE C 50 -10.02 -24.77 1.66
CA PHE C 50 -9.99 -23.57 2.46
C PHE C 50 -10.65 -23.77 3.82
N GLU C 51 -11.79 -24.46 3.85
CA GLU C 51 -12.48 -24.71 5.12
C GLU C 51 -11.61 -25.50 6.08
N ASP C 52 -11.05 -26.63 5.60
CA ASP C 52 -10.32 -27.54 6.50
C ASP C 52 -9.02 -26.94 7.01
N ASN C 53 -8.44 -25.98 6.31
CA ASN C 53 -7.11 -25.47 6.64
C ASN C 53 -7.13 -24.09 7.27
N GLY C 54 -8.29 -23.47 7.42
CA GLY C 54 -8.33 -22.13 7.96
C GLY C 54 -7.87 -21.06 6.98
N TYR C 55 -8.04 -21.31 5.67
CA TYR C 55 -7.69 -20.36 4.64
C TYR C 55 -8.92 -19.56 4.24
N VAL C 56 -8.72 -18.28 3.92
CA VAL C 56 -9.79 -17.38 3.51
C VAL C 56 -9.51 -16.91 2.09
N GLY C 57 -10.45 -17.16 1.18
CA GLY C 57 -10.31 -16.74 -0.21
C GLY C 57 -10.89 -15.35 -0.43
N ARG C 58 -10.11 -14.49 -1.08
CA ARG C 58 -10.55 -13.13 -1.36
C ARG C 58 -10.32 -12.78 -2.83
N GLY C 59 -10.57 -13.74 -3.72
CA GLY C 59 -10.40 -13.52 -5.14
C GLY C 59 -11.65 -12.92 -5.78
N ILE C 60 -11.43 -12.11 -6.81
CA ILE C 60 -12.52 -11.50 -7.57
C ILE C 60 -12.19 -11.59 -9.05
N GLY C 61 -13.07 -12.21 -9.83
CA GLY C 61 -12.78 -12.43 -11.23
C GLY C 61 -12.60 -11.13 -12.00
N GLY C 62 -11.68 -11.17 -12.97
CA GLY C 62 -11.42 -10.06 -13.85
C GLY C 62 -10.50 -8.98 -13.31
N GLN C 63 -10.13 -9.03 -12.03
CA GLN C 63 -9.44 -7.92 -11.40
C GLN C 63 -7.94 -7.95 -11.67
N THR C 64 -7.33 -6.77 -11.65
CA THR C 64 -5.90 -6.59 -11.85
C THR C 64 -5.22 -6.31 -10.51
N SER C 65 -3.88 -6.24 -10.54
CA SER C 65 -3.12 -5.89 -9.35
C SER C 65 -3.48 -4.51 -8.82
N SER C 66 -3.99 -3.61 -9.66
CA SER C 66 -4.46 -2.31 -9.18
C SER C 66 -5.69 -2.47 -8.29
N HIS C 67 -6.64 -3.31 -8.71
CA HIS C 67 -7.78 -3.61 -7.86
C HIS C 67 -7.33 -4.21 -6.52
N PHE C 68 -6.37 -5.14 -6.57
CA PHE C 68 -5.92 -5.81 -5.36
C PHE C 68 -5.32 -4.83 -4.38
N LEU C 69 -4.56 -3.85 -4.88
CA LEU C 69 -3.96 -2.85 -4.00
C LEU C 69 -5.03 -2.05 -3.28
N LEU C 70 -6.13 -1.71 -3.97
CA LEU C 70 -7.20 -0.94 -3.35
C LEU C 70 -7.94 -1.77 -2.30
N ARG C 71 -8.07 -3.08 -2.50
CA ARG C 71 -8.77 -3.95 -1.58
C ARG C 71 -7.89 -4.47 -0.45
N PHE C 72 -6.59 -4.21 -0.48
CA PHE C 72 -5.66 -4.93 0.40
C PHE C 72 -5.95 -4.68 1.87
N ARG C 73 -6.20 -3.43 2.25
CA ARG C 73 -6.41 -3.14 3.67
C ARG C 73 -7.69 -3.80 4.18
N GLU C 74 -8.80 -3.65 3.44
CA GLU C 74 -10.08 -4.19 3.91
C GLU C 74 -10.12 -5.70 3.81
N ASP C 75 -9.61 -6.27 2.71
CA ASP C 75 -9.74 -7.69 2.47
C ASP C 75 -8.57 -8.53 2.96
N VAL C 76 -7.48 -7.90 3.43
CA VAL C 76 -6.36 -8.66 3.97
C VAL C 76 -6.00 -8.15 5.36
N ILE C 77 -5.55 -6.90 5.45
CA ILE C 77 -5.00 -6.38 6.71
C ILE C 77 -6.03 -6.49 7.84
N LYS C 78 -7.27 -6.07 7.57
CA LYS C 78 -8.27 -6.04 8.64
C LYS C 78 -8.71 -7.42 9.09
N LEU C 79 -8.41 -8.48 8.34
CA LEU C 79 -8.70 -9.83 8.80
C LEU C 79 -7.61 -10.38 9.71
N ALA C 80 -6.62 -9.57 10.05
CA ALA C 80 -5.50 -9.92 10.92
C ALA C 80 -4.96 -11.33 10.64
N PRO C 81 -4.58 -11.62 9.40
CA PRO C 81 -4.06 -12.96 9.10
C PRO C 81 -2.61 -13.09 9.50
N ALA C 82 -2.17 -14.35 9.62
CA ALA C 82 -0.75 -14.61 9.81
C ALA C 82 0.03 -14.46 8.51
N LEU C 83 -0.62 -14.69 7.37
CA LEU C 83 0.05 -14.83 6.09
C LEU C 83 -0.92 -14.46 4.97
N VAL C 84 -0.39 -13.89 3.90
CA VAL C 84 -1.18 -13.60 2.71
C VAL C 84 -0.50 -14.22 1.50
N VAL C 85 -1.28 -14.91 0.67
CA VAL C 85 -0.82 -15.48 -0.60
C VAL C 85 -1.30 -14.57 -1.72
N ILE C 86 -0.37 -14.07 -2.53
CA ILE C 86 -0.68 -13.11 -3.58
C ILE C 86 -0.46 -13.78 -4.94
N ASN C 87 -1.51 -13.82 -5.75
CA ASN C 87 -1.43 -14.25 -7.15
C ASN C 87 -2.02 -13.12 -7.98
N ALA C 88 -1.17 -12.42 -8.73
CA ALA C 88 -1.60 -11.20 -9.40
C ALA C 88 -0.86 -11.03 -10.72
N GLY C 89 -1.59 -10.62 -11.75
CA GLY C 89 -0.96 -10.31 -13.02
C GLY C 89 -1.69 -10.81 -14.25
N THR C 90 -2.47 -11.87 -14.10
CA THR C 90 -3.14 -12.48 -15.25
C THR C 90 -3.98 -11.44 -16.01
N ASN C 91 -4.81 -10.70 -15.28
CA ASN C 91 -5.67 -9.72 -15.95
C ASN C 91 -4.94 -8.43 -16.30
N ASP C 92 -3.86 -8.10 -15.59
CA ASP C 92 -2.97 -7.04 -16.06
C ASP C 92 -2.49 -7.36 -17.48
N LEU C 93 -2.05 -8.59 -17.71
CA LEU C 93 -1.56 -9.00 -19.02
C LEU C 93 -2.69 -9.10 -20.03
N LYS C 94 -3.87 -9.54 -19.60
CA LYS C 94 -5.02 -9.67 -20.50
C LYS C 94 -5.52 -8.34 -21.03
N GLU C 95 -5.26 -7.25 -20.29
CA GLU C 95 -5.58 -5.88 -20.70
C GLU C 95 -7.08 -5.62 -20.78
N ASN C 96 -7.90 -6.35 -20.02
CA ASN C 96 -9.32 -6.07 -20.01
C ASN C 96 -9.64 -4.73 -19.36
N TRP C 97 -8.77 -4.23 -18.48
CA TRP C 97 -8.97 -2.96 -17.79
C TRP C 97 -8.06 -1.85 -18.29
N GLY C 98 -7.27 -2.11 -19.33
CA GLY C 98 -6.35 -1.10 -19.82
C GLY C 98 -5.04 -1.67 -20.29
N ALA C 99 -4.20 -0.83 -20.90
CA ALA C 99 -2.94 -1.31 -21.48
C ALA C 99 -2.00 -1.83 -20.40
N TYR C 100 -1.30 -2.91 -20.71
CA TYR C 100 -0.42 -3.56 -19.77
C TYR C 100 0.88 -2.77 -19.61
N ASN C 101 1.31 -2.63 -18.35
CA ASN C 101 2.60 -2.03 -18.03
C ASN C 101 3.23 -2.91 -16.95
N GLU C 102 4.27 -3.66 -17.33
CA GLU C 102 4.90 -4.59 -16.40
C GLU C 102 5.42 -3.88 -15.15
N GLU C 103 5.96 -2.67 -15.33
CA GLU C 103 6.49 -1.92 -14.20
C GLU C 103 5.39 -1.51 -13.23
N TYR C 104 4.22 -1.15 -13.75
CA TYR C 104 3.10 -0.79 -12.89
C TYR C 104 2.56 -2.01 -12.16
N THR C 105 2.42 -3.13 -12.88
CA THR C 105 1.94 -4.37 -12.27
C THR C 105 2.89 -4.85 -11.18
N PHE C 106 4.19 -4.88 -11.50
CA PHE C 106 5.19 -5.28 -10.50
C PHE C 106 5.18 -4.34 -9.31
N GLY C 107 5.05 -3.04 -9.56
CA GLY C 107 5.01 -2.07 -8.47
C GLY C 107 3.82 -2.28 -7.55
N ASN C 108 2.66 -2.66 -8.11
CA ASN C 108 1.49 -2.95 -7.28
C ASN C 108 1.74 -4.13 -6.37
N ILE C 109 2.46 -5.15 -6.85
CA ILE C 109 2.77 -6.31 -6.02
C ILE C 109 3.72 -5.92 -4.89
N VAL C 110 4.73 -5.10 -5.21
CA VAL C 110 5.65 -4.62 -4.18
C VAL C 110 4.90 -3.81 -3.12
N SER C 111 3.94 -2.98 -3.55
CA SER C 111 3.18 -2.17 -2.61
C SER C 111 2.37 -3.05 -1.65
N MET C 112 1.73 -4.10 -2.16
CA MET C 112 1.02 -5.04 -1.29
C MET C 112 1.95 -5.72 -0.31
N VAL C 113 3.14 -6.13 -0.77
CA VAL C 113 4.11 -6.75 0.13
C VAL C 113 4.50 -5.80 1.25
N GLU C 114 4.75 -4.53 0.91
CA GLU C 114 5.17 -3.58 1.93
C GLU C 114 4.02 -3.26 2.90
N LEU C 115 2.77 -3.26 2.42
CA LEU C 115 1.65 -3.09 3.33
C LEU C 115 1.50 -4.28 4.28
N ALA C 116 1.66 -5.50 3.75
CA ALA C 116 1.60 -6.68 4.60
C ALA C 116 2.68 -6.64 5.67
N ARG C 117 3.91 -6.35 5.26
CA ARG C 117 5.03 -6.34 6.20
C ARG C 117 4.89 -5.22 7.23
N ALA C 118 4.33 -4.07 6.83
CA ALA C 118 4.08 -3.00 7.80
C ALA C 118 3.07 -3.41 8.85
N ASN C 119 2.29 -4.46 8.61
CA ASN C 119 1.30 -4.96 9.55
C ASN C 119 1.66 -6.33 10.09
N LYS C 120 2.94 -6.71 10.00
CA LYS C 120 3.45 -7.98 10.52
C LYS C 120 2.69 -9.18 9.95
N ILE C 121 2.31 -9.08 8.68
CA ILE C 121 1.70 -10.18 7.95
C ILE C 121 2.77 -10.79 7.03
N LYS C 122 2.99 -12.10 7.14
CA LYS C 122 3.93 -12.77 6.26
C LYS C 122 3.36 -12.85 4.85
N VAL C 123 4.25 -13.03 3.86
CA VAL C 123 3.88 -13.01 2.45
C VAL C 123 4.40 -14.28 1.77
N ILE C 124 3.57 -14.84 0.89
CA ILE C 124 4.01 -15.81 -0.10
C ILE C 124 3.63 -15.25 -1.47
N LEU C 125 4.62 -15.03 -2.33
CA LEU C 125 4.38 -14.60 -3.69
C LEU C 125 4.30 -15.81 -4.61
N THR C 126 3.54 -15.67 -5.69
CA THR C 126 3.31 -16.80 -6.58
C THR C 126 3.44 -16.37 -8.04
N SER C 127 3.67 -17.36 -8.89
CA SER C 127 3.78 -17.11 -10.32
C SER C 127 2.43 -16.88 -10.96
N VAL C 128 2.37 -15.91 -11.88
CA VAL C 128 1.26 -15.83 -12.81
C VAL C 128 1.17 -17.15 -13.56
N LEU C 129 -0.04 -17.72 -13.63
CA LEU C 129 -0.22 -19.01 -14.26
C LEU C 129 -0.02 -18.92 -15.77
N PRO C 130 0.30 -20.03 -16.43
CA PRO C 130 0.28 -20.05 -17.89
C PRO C 130 -1.14 -19.81 -18.40
N HIS C 131 -1.25 -19.14 -19.55
N HIS C 131 -1.22 -19.25 -19.61
CA HIS C 131 -2.58 -18.99 -20.11
CA HIS C 131 -2.46 -18.73 -20.18
C HIS C 131 -2.49 -19.01 -21.63
C HIS C 131 -2.45 -19.01 -21.68
N ARG C 132 -3.61 -19.39 -22.23
CA ARG C 132 -3.68 -19.73 -23.64
C ARG C 132 -3.89 -18.50 -24.51
N ASN C 133 -3.16 -18.46 -25.63
CA ASN C 133 -3.39 -17.50 -26.71
C ASN C 133 -3.39 -18.29 -28.01
N ALA C 134 -4.43 -19.08 -28.21
CA ALA C 134 -4.46 -20.10 -29.26
C ALA C 134 -4.85 -19.53 -30.62
N ARG C 135 -4.52 -18.26 -30.88
CA ARG C 135 -4.73 -17.70 -32.22
C ARG C 135 -3.75 -18.32 -33.21
N ASP C 136 -2.45 -18.24 -32.91
CA ASP C 136 -1.42 -18.90 -33.70
C ASP C 136 -0.25 -19.21 -32.76
N GLU C 137 0.80 -19.80 -33.34
CA GLU C 137 1.97 -20.17 -32.53
C GLU C 137 2.67 -18.94 -31.95
N GLU C 138 2.78 -17.88 -32.74
CA GLU C 138 3.48 -16.68 -32.26
C GLU C 138 2.66 -15.97 -31.18
N ASP C 139 1.34 -16.06 -31.24
CA ASP C 139 0.52 -15.47 -30.18
C ASP C 139 0.73 -16.18 -28.85
N GLN C 140 0.80 -17.51 -28.88
CA GLN C 140 1.07 -18.27 -27.66
C GLN C 140 2.46 -17.93 -27.11
N LYS C 141 3.47 -17.87 -27.98
CA LYS C 141 4.83 -17.58 -27.54
C LYS C 141 4.92 -16.18 -26.92
N GLU C 142 4.25 -15.21 -27.53
CA GLU C 142 4.29 -13.85 -26.98
C GLU C 142 3.59 -13.78 -25.64
N ALA C 143 2.47 -14.48 -25.48
CA ALA C 143 1.80 -14.52 -24.19
C ALA C 143 2.68 -15.19 -23.13
N THR C 144 3.25 -16.34 -23.47
CA THR C 144 4.10 -17.06 -22.52
C THR C 144 5.34 -16.24 -22.16
N GLN C 145 5.94 -15.56 -23.14
CA GLN C 145 7.11 -14.75 -22.85
C GLN C 145 6.80 -13.61 -21.92
N ALA C 146 5.64 -12.97 -22.09
CA ALA C 146 5.26 -11.87 -21.20
C ALA C 146 5.02 -12.37 -19.78
N ILE C 147 4.42 -13.55 -19.63
CA ILE C 147 4.20 -14.12 -18.31
C ILE C 147 5.54 -14.42 -17.64
N ILE C 148 6.46 -15.05 -18.36
CA ILE C 148 7.75 -15.40 -17.78
C ILE C 148 8.52 -14.15 -17.40
N ASN C 149 8.42 -13.09 -18.21
CA ASN C 149 9.13 -11.85 -17.90
C ASN C 149 8.65 -11.24 -16.59
N LEU C 150 7.34 -11.22 -16.37
CA LEU C 150 6.80 -10.68 -15.13
C LEU C 150 7.14 -11.58 -13.94
N ASN C 151 7.02 -12.89 -14.12
CA ASN C 151 7.38 -13.81 -13.04
C ASN C 151 8.86 -13.72 -12.70
N THR C 152 9.71 -13.41 -13.67
CA THR C 152 11.13 -13.23 -13.37
C THR C 152 11.35 -12.03 -12.46
N ARG C 153 10.65 -10.92 -12.70
CA ARG C 153 10.75 -9.78 -11.79
CA ARG C 153 10.75 -9.78 -11.79
C ARG C 153 10.28 -10.16 -10.38
N ILE C 154 9.21 -10.94 -10.29
CA ILE C 154 8.67 -11.31 -8.99
C ILE C 154 9.65 -12.21 -8.23
N ILE C 155 10.23 -13.21 -8.92
CA ILE C 155 11.14 -14.13 -8.23
C ILE C 155 12.38 -13.41 -7.75
N ASN C 156 12.95 -12.54 -8.58
CA ASN C 156 14.15 -11.82 -8.17
C ASN C 156 13.86 -10.94 -6.95
N TYR C 157 12.70 -10.29 -6.95
CA TYR C 157 12.31 -9.49 -5.80
C TYR C 157 12.11 -10.36 -4.57
N ALA C 158 11.49 -11.53 -4.75
CA ALA C 158 11.24 -12.44 -3.63
C ALA C 158 12.54 -12.95 -3.03
N ILE C 159 13.50 -13.34 -3.88
CA ILE C 159 14.80 -13.80 -3.40
C ILE C 159 15.51 -12.68 -2.65
N GLU C 160 15.51 -11.48 -3.23
CA GLU C 160 16.20 -10.35 -2.61
C GLU C 160 15.62 -10.00 -1.25
N ASN C 161 14.32 -10.22 -1.04
CA ASN C 161 13.67 -9.82 0.19
C ASN C 161 13.26 -11.00 1.05
N LYS C 162 13.80 -12.19 0.77
CA LYS C 162 13.58 -13.39 1.58
C LYS C 162 12.09 -13.72 1.71
N ILE C 163 11.37 -13.61 0.61
CA ILE C 163 9.95 -13.95 0.54
C ILE C 163 9.83 -15.26 -0.23
N PRO C 164 9.12 -16.26 0.29
CA PRO C 164 8.95 -17.49 -0.47
C PRO C 164 8.15 -17.25 -1.75
N PHE C 165 8.56 -17.90 -2.82
CA PHE C 165 7.89 -17.83 -4.11
C PHE C 165 7.43 -19.23 -4.49
N VAL C 166 6.17 -19.36 -4.85
CA VAL C 166 5.60 -20.63 -5.28
C VAL C 166 5.42 -20.58 -6.79
N ASP C 167 6.10 -21.48 -7.50
CA ASP C 167 6.14 -21.46 -8.96
C ASP C 167 5.10 -22.46 -9.47
N TYR C 168 3.83 -22.02 -9.49
CA TYR C 168 2.80 -22.78 -10.18
C TYR C 168 3.16 -22.98 -11.65
N PHE C 169 3.72 -21.95 -12.28
CA PHE C 169 3.92 -21.93 -13.72
C PHE C 169 4.77 -23.10 -14.18
N VAL C 170 5.91 -23.33 -13.52
CA VAL C 170 6.83 -24.34 -14.02
C VAL C 170 6.20 -25.73 -14.00
N GLU C 171 5.28 -25.98 -13.08
CA GLU C 171 4.61 -27.27 -13.00
C GLU C 171 3.37 -27.37 -13.88
N MET C 172 2.81 -26.25 -14.34
CA MET C 172 1.56 -26.26 -15.07
C MET C 172 1.68 -25.85 -16.54
N ALA C 173 2.84 -25.34 -16.96
CA ALA C 173 3.07 -24.94 -18.34
C ALA C 173 3.69 -26.09 -19.13
N GLN C 174 3.09 -26.43 -20.26
CA GLN C 174 3.51 -27.59 -21.04
C GLN C 174 4.30 -27.17 -22.28
N SER C 175 5.21 -28.04 -22.71
CA SER C 175 5.94 -27.83 -23.93
C SER C 175 4.99 -27.96 -25.13
N PRO C 176 5.31 -27.32 -26.26
CA PRO C 176 6.53 -26.54 -26.56
C PRO C 176 6.42 -25.05 -26.23
N ASN C 177 5.23 -24.48 -26.12
CA ASN C 177 5.07 -23.03 -26.05
C ASN C 177 4.53 -22.53 -24.71
N GLY C 178 4.43 -23.39 -23.71
CA GLY C 178 4.02 -22.92 -22.39
C GLY C 178 2.53 -22.77 -22.19
N ASP C 179 1.72 -23.40 -23.02
CA ASP C 179 0.28 -23.43 -22.80
C ASP C 179 -0.04 -24.05 -21.44
N LEU C 180 -1.16 -23.66 -20.86
CA LEU C 180 -1.64 -24.31 -19.66
C LEU C 180 -1.96 -25.77 -19.97
N ASN C 181 -1.38 -26.68 -19.19
CA ASN C 181 -1.50 -28.11 -19.43
C ASN C 181 -2.96 -28.53 -19.58
N SER C 182 -3.26 -29.23 -20.68
CA SER C 182 -4.63 -29.63 -20.95
C SER C 182 -5.19 -30.58 -19.90
N SER C 183 -4.33 -31.22 -19.10
CA SER C 183 -4.81 -32.02 -17.98
C SER C 183 -5.27 -31.16 -16.81
N TYR C 184 -4.89 -29.88 -16.79
CA TYR C 184 -5.22 -29.01 -15.67
C TYR C 184 -6.26 -27.94 -16.03
N THR C 185 -6.77 -27.93 -17.26
CA THR C 185 -7.67 -26.88 -17.68
C THR C 185 -8.55 -27.38 -18.81
N ARG C 186 -9.67 -26.69 -19.01
CA ARG C 186 -10.51 -26.88 -20.18
C ARG C 186 -10.53 -25.69 -21.11
N ASP C 187 -10.55 -24.46 -20.59
CA ASP C 187 -10.57 -23.26 -21.42
C ASP C 187 -9.20 -22.63 -21.62
N GLY C 188 -8.15 -23.20 -21.03
CA GLY C 188 -6.82 -22.67 -21.18
C GLY C 188 -6.47 -21.51 -20.28
N VAL C 189 -7.38 -21.10 -19.40
CA VAL C 189 -7.12 -19.97 -18.52
C VAL C 189 -7.38 -20.36 -17.07
N HIS C 190 -8.54 -20.97 -16.82
CA HIS C 190 -8.92 -21.32 -15.46
C HIS C 190 -8.64 -22.78 -15.18
N PRO C 191 -8.01 -23.09 -14.05
CA PRO C 191 -7.72 -24.49 -13.73
C PRO C 191 -8.99 -25.30 -13.52
N THR C 192 -8.91 -26.59 -13.85
CA THR C 192 -9.90 -27.54 -13.40
C THR C 192 -9.55 -28.00 -11.98
N LEU C 193 -10.43 -28.82 -11.39
CA LEU C 193 -10.14 -29.35 -10.06
C LEU C 193 -8.81 -30.10 -10.04
N GLU C 194 -8.53 -30.87 -11.09
CA GLU C 194 -7.24 -31.54 -11.19
C GLU C 194 -6.09 -30.53 -11.17
N GLY C 195 -6.26 -29.41 -11.87
CA GLY C 195 -5.25 -28.36 -11.81
C GLY C 195 -5.13 -27.75 -10.43
N TYR C 196 -6.25 -27.53 -9.75
CA TYR C 196 -6.19 -26.95 -8.42
C TYR C 196 -5.49 -27.87 -7.42
N LYS C 197 -5.63 -29.19 -7.59
CA LYS C 197 -4.95 -30.12 -6.69
C LYS C 197 -3.44 -29.98 -6.80
N VAL C 198 -2.93 -29.76 -8.01
CA VAL C 198 -1.50 -29.50 -8.19
C VAL C 198 -1.09 -28.24 -7.44
N MET C 199 -1.89 -27.18 -7.59
CA MET C 199 -1.58 -25.92 -6.90
C MET C 199 -1.67 -26.08 -5.39
N GLU C 200 -2.61 -26.89 -4.92
CA GLU C 200 -2.80 -27.06 -3.48
C GLU C 200 -1.59 -27.71 -2.83
N ALA C 201 -1.02 -28.72 -3.48
CA ALA C 201 0.17 -29.38 -2.94
C ALA C 201 1.33 -28.41 -2.82
N LEU C 202 1.49 -27.52 -3.80
CA LEU C 202 2.60 -26.58 -3.77
C LEU C 202 2.40 -25.50 -2.71
N ILE C 203 1.20 -24.92 -2.64
CA ILE C 203 1.01 -23.79 -1.73
C ILE C 203 0.92 -24.25 -0.27
N LYS C 204 0.34 -25.43 -0.01
CA LYS C 204 0.23 -25.90 1.37
C LYS C 204 1.62 -26.18 1.96
N LYS C 205 2.51 -26.76 1.15
CA LYS C 205 3.87 -26.99 1.60
C LYS C 205 4.55 -25.67 1.98
N ALA C 206 4.38 -24.64 1.16
CA ALA C 206 4.98 -23.34 1.46
C ALA C 206 4.31 -22.70 2.67
N ILE C 207 2.99 -22.81 2.79
CA ILE C 207 2.28 -22.22 3.91
C ILE C 207 2.75 -22.85 5.22
N ASP C 208 2.84 -24.18 5.25
CA ASP C 208 3.24 -24.87 6.48
C ASP C 208 4.67 -24.53 6.89
N LYS C 209 5.56 -24.32 5.92
CA LYS C 209 6.92 -23.90 6.24
C LYS C 209 6.93 -22.53 6.91
N VAL C 210 6.09 -21.62 6.43
CA VAL C 210 6.02 -20.28 7.03
C VAL C 210 5.38 -20.35 8.41
N LEU C 211 4.22 -21.02 8.49
CA LEU C 211 3.46 -21.04 9.75
C LEU C 211 4.20 -21.77 10.86
N SER C 212 5.03 -22.77 10.51
CA SER C 212 5.75 -23.52 11.53
C SER C 212 6.84 -22.69 12.20
N GLY C 213 7.33 -21.65 11.53
CA GLY C 213 8.35 -20.79 12.09
C GLY C 213 7.83 -19.44 12.53
N GLN D 6 -8.52 1.77 -18.82
CA GLN D 6 -8.62 3.19 -19.16
C GLN D 6 -7.75 4.05 -18.24
N ASP D 7 -6.84 3.41 -17.51
CA ASP D 7 -5.92 4.08 -16.58
C ASP D 7 -6.71 4.83 -15.50
N TRP D 8 -7.38 4.05 -14.66
CA TRP D 8 -8.26 4.63 -13.65
C TRP D 8 -7.51 5.54 -12.70
N GLY D 9 -6.32 5.13 -12.25
CA GLY D 9 -5.54 5.97 -11.35
C GLY D 9 -4.92 7.20 -12.00
N ASN D 10 -4.95 7.28 -13.32
CA ASN D 10 -4.33 8.37 -14.08
C ASN D 10 -2.83 8.46 -13.80
N LEU D 11 -2.15 7.32 -13.91
CA LEU D 11 -0.69 7.30 -13.87
C LEU D 11 -0.10 7.99 -15.10
N LYS D 12 -0.90 8.14 -16.16
CA LYS D 12 -0.42 8.79 -17.38
C LYS D 12 -0.13 10.28 -17.16
N ARG D 13 -0.84 10.91 -16.23
CA ARG D 13 -0.77 12.36 -16.10
C ARG D 13 0.66 12.85 -15.85
N TYR D 14 1.40 12.19 -14.96
CA TYR D 14 2.74 12.62 -14.62
C TYR D 14 3.83 11.67 -15.12
N ALA D 15 3.48 10.70 -15.97
CA ALA D 15 4.46 9.69 -16.38
C ALA D 15 5.65 10.33 -17.08
N GLU D 16 5.40 11.26 -18.00
CA GLU D 16 6.51 11.89 -18.71
C GLU D 16 7.26 12.87 -17.82
N ALA D 17 6.52 13.60 -16.96
CA ALA D 17 7.18 14.51 -16.03
C ALA D 17 8.08 13.77 -15.05
N ASN D 18 7.68 12.56 -14.63
CA ASN D 18 8.52 11.76 -13.75
C ASN D 18 9.81 11.34 -14.45
N LYS D 19 9.72 10.94 -15.72
CA LYS D 19 10.92 10.57 -16.47
C LYS D 19 11.89 11.75 -16.57
N GLU D 20 11.38 12.95 -16.83
CA GLU D 20 12.26 14.11 -16.92
C GLU D 20 12.94 14.41 -15.60
N LEU D 21 12.29 14.05 -14.49
CA LEU D 21 12.87 14.31 -13.17
C LEU D 21 14.04 13.38 -12.86
N VAL D 22 13.88 12.08 -13.14
CA VAL D 22 14.98 11.15 -12.90
C VAL D 22 16.17 11.49 -13.77
N ARG D 23 15.92 12.08 -14.94
CA ARG D 23 17.02 12.48 -15.82
C ARG D 23 17.81 13.63 -15.23
N LYS D 24 17.14 14.56 -14.55
CA LYS D 24 17.81 15.67 -13.90
C LYS D 24 18.58 15.26 -12.65
N GLY D 25 18.56 13.98 -12.29
CA GLY D 25 19.31 13.50 -11.14
C GLY D 25 18.52 13.50 -9.85
N LYS D 26 19.18 13.04 -8.80
CA LYS D 26 18.61 13.00 -7.46
C LYS D 26 18.88 14.32 -6.75
N GLN D 27 17.86 14.84 -6.06
CA GLN D 27 17.93 16.13 -5.40
C GLN D 27 17.85 15.95 -3.89
N LYS D 28 18.51 16.87 -3.18
CA LYS D 28 18.48 16.86 -1.72
C LYS D 28 17.20 17.51 -1.21
N ASP D 29 16.61 16.91 -0.18
CA ASP D 29 15.47 17.48 0.54
C ASP D 29 14.28 17.73 -0.39
N ARG D 30 14.02 16.79 -1.29
CA ARG D 30 12.85 16.88 -2.15
C ARG D 30 11.57 16.62 -1.35
N VAL D 31 10.57 17.46 -1.54
CA VAL D 31 9.26 17.29 -0.92
C VAL D 31 8.23 17.14 -2.03
N VAL D 32 7.47 16.05 -2.00
CA VAL D 32 6.41 15.80 -2.97
C VAL D 32 5.06 16.09 -2.31
N PHE D 33 4.21 16.84 -3.01
CA PHE D 33 2.87 17.17 -2.53
C PHE D 33 1.85 16.29 -3.27
N MET D 34 1.15 15.45 -2.52
CA MET D 34 0.10 14.59 -3.06
C MET D 34 -1.26 15.20 -2.75
N GLY D 35 -2.15 15.26 -3.73
CA GLY D 35 -3.45 15.85 -3.51
C GLY D 35 -4.26 15.97 -4.78
N ASN D 36 -5.32 16.76 -4.71
CA ASN D 36 -6.27 16.94 -5.79
C ASN D 36 -6.11 18.30 -6.45
N SER D 37 -7.22 18.94 -6.83
CA SER D 37 -7.15 20.22 -7.53
C SER D 37 -6.58 21.33 -6.64
N ILE D 38 -6.77 21.22 -5.32
CA ILE D 38 -6.18 22.19 -4.41
C ILE D 38 -4.66 22.15 -4.52
N THR D 39 -4.09 20.94 -4.65
CA THR D 39 -2.65 20.78 -4.78
C THR D 39 -2.19 21.07 -6.21
N GLU D 40 -2.94 20.62 -7.21
CA GLU D 40 -2.59 20.94 -8.60
C GLU D 40 -2.66 22.44 -8.84
N GLY D 41 -3.74 23.09 -8.38
CA GLY D 41 -3.86 24.52 -8.54
C GLY D 41 -2.85 25.32 -7.74
N TRP D 42 -2.31 24.73 -6.67
CA TRP D 42 -1.27 25.37 -5.89
C TRP D 42 -0.03 25.66 -6.75
N VAL D 43 0.42 24.65 -7.50
CA VAL D 43 1.58 24.82 -8.37
C VAL D 43 1.25 25.79 -9.50
N ALA D 44 0.05 25.67 -10.07
CA ALA D 44 -0.35 26.57 -11.15
C ALA D 44 -0.41 28.02 -10.69
N ASN D 45 -0.77 28.26 -9.44
CA ASN D 45 -1.00 29.61 -8.95
C ASN D 45 0.21 30.23 -8.26
N ASP D 46 1.12 29.42 -7.71
CA ASP D 46 2.33 29.93 -7.05
C ASP D 46 3.50 29.00 -7.38
N ALA D 47 3.94 29.08 -8.63
CA ALA D 47 5.03 28.22 -9.09
C ALA D 47 6.32 28.48 -8.32
N ALA D 48 6.55 29.72 -7.90
CA ALA D 48 7.79 30.06 -7.20
C ALA D 48 7.91 29.31 -5.88
N PHE D 49 6.80 29.17 -5.15
CA PHE D 49 6.81 28.46 -3.87
C PHE D 49 7.38 27.06 -4.03
N PHE D 50 7.04 26.38 -5.11
CA PHE D 50 7.56 25.04 -5.35
C PHE D 50 8.95 25.07 -5.96
N GLU D 51 9.16 25.97 -6.92
CA GLU D 51 10.45 26.04 -7.61
C GLU D 51 11.56 26.47 -6.65
N ASP D 52 11.32 27.53 -5.89
CA ASP D 52 12.36 28.08 -5.01
C ASP D 52 12.72 27.16 -3.85
N ASN D 53 11.81 26.26 -3.46
CA ASN D 53 12.02 25.44 -2.27
C ASN D 53 12.37 23.99 -2.59
N GLY D 54 12.39 23.61 -3.86
CA GLY D 54 12.62 22.22 -4.20
C GLY D 54 11.45 21.31 -3.94
N TYR D 55 10.22 21.83 -4.03
CA TYR D 55 9.03 21.03 -3.86
C TYR D 55 8.50 20.58 -5.21
N VAL D 56 7.93 19.37 -5.24
CA VAL D 56 7.36 18.78 -6.45
C VAL D 56 5.88 18.56 -6.22
N GLY D 57 5.04 19.15 -7.07
CA GLY D 57 3.61 19.00 -6.97
C GLY D 57 3.12 17.83 -7.81
N ARG D 58 2.28 16.99 -7.19
CA ARG D 58 1.73 15.83 -7.89
C ARG D 58 0.22 15.76 -7.71
N GLY D 59 -0.44 16.92 -7.70
CA GLY D 59 -1.88 16.94 -7.56
C GLY D 59 -2.59 16.71 -8.89
N ILE D 60 -3.76 16.08 -8.81
CA ILE D 60 -4.61 15.85 -9.97
C ILE D 60 -6.05 16.18 -9.58
N GLY D 61 -6.66 17.12 -10.30
CA GLY D 61 -8.00 17.56 -9.93
C GLY D 61 -9.02 16.42 -10.05
N GLY D 62 -9.99 16.43 -9.13
CA GLY D 62 -11.07 15.46 -9.14
C GLY D 62 -10.78 14.15 -8.44
N GLN D 63 -9.53 13.89 -8.08
CA GLN D 63 -9.12 12.56 -7.60
C GLN D 63 -9.40 12.36 -6.12
N THR D 64 -9.67 11.11 -5.76
CA THR D 64 -9.91 10.69 -4.38
C THR D 64 -8.66 10.02 -3.81
N SER D 65 -8.74 9.71 -2.50
CA SER D 65 -7.66 9.00 -1.83
C SER D 65 -7.39 7.63 -2.46
N SER D 66 -8.38 7.04 -3.13
CA SER D 66 -8.15 5.78 -3.83
C SER D 66 -7.23 5.98 -5.04
N HIS D 67 -7.43 7.07 -5.79
CA HIS D 67 -6.53 7.39 -6.88
C HIS D 67 -5.12 7.64 -6.36
N PHE D 68 -4.99 8.37 -5.25
CA PHE D 68 -3.68 8.68 -4.70
C PHE D 68 -2.93 7.42 -4.33
N LEU D 69 -3.62 6.43 -3.77
CA LEU D 69 -2.96 5.18 -3.41
C LEU D 69 -2.41 4.46 -4.63
N LEU D 70 -3.15 4.48 -5.75
CA LEU D 70 -2.67 3.83 -6.97
C LEU D 70 -1.47 4.56 -7.56
N ARG D 71 -1.42 5.89 -7.44
CA ARG D 71 -0.33 6.69 -7.97
C ARG D 71 0.86 6.79 -7.03
N PHE D 72 0.75 6.29 -5.80
CA PHE D 72 1.73 6.64 -4.76
C PHE D 72 3.14 6.19 -5.14
N ARG D 73 3.29 4.95 -5.64
CA ARG D 73 4.63 4.46 -5.94
C ARG D 73 5.27 5.23 -7.08
N GLU D 74 4.53 5.42 -8.18
CA GLU D 74 5.12 6.10 -9.34
C GLU D 74 5.31 7.59 -9.10
N ASP D 75 4.35 8.24 -8.44
CA ASP D 75 4.39 9.68 -8.30
C ASP D 75 5.02 10.17 -7.00
N VAL D 76 5.31 9.27 -6.05
CA VAL D 76 5.97 9.67 -4.82
C VAL D 76 7.24 8.85 -4.62
N ILE D 77 7.08 7.54 -4.42
CA ILE D 77 8.20 6.69 -3.99
C ILE D 77 9.34 6.75 -5.00
N LYS D 78 9.02 6.63 -6.29
CA LYS D 78 10.06 6.58 -7.32
C LYS D 78 10.76 7.92 -7.53
N LEU D 79 10.23 9.01 -6.98
CA LEU D 79 10.91 10.29 -7.02
C LEU D 79 11.92 10.43 -5.89
N ALA D 80 12.08 9.39 -5.07
CA ALA D 80 12.97 9.34 -3.92
C ALA D 80 12.98 10.65 -3.12
N PRO D 81 11.83 11.10 -2.64
CA PRO D 81 11.79 12.34 -1.87
C PRO D 81 12.18 12.10 -0.42
N ALA D 82 12.59 13.19 0.23
CA ALA D 82 12.82 13.12 1.67
C ALA D 82 11.50 13.07 2.44
N LEU D 83 10.45 13.65 1.87
CA LEU D 83 9.22 13.93 2.61
C LEU D 83 8.05 13.98 1.61
N VAL D 84 6.88 13.53 2.06
CA VAL D 84 5.66 13.62 1.27
C VAL D 84 4.59 14.33 2.09
N VAL D 85 3.92 15.31 1.48
CA VAL D 85 2.80 16.03 2.09
C VAL D 85 1.52 15.49 1.48
N ILE D 86 0.63 14.93 2.31
CA ILE D 86 -0.59 14.29 1.85
C ILE D 86 -1.78 15.17 2.22
N ASN D 87 -2.57 15.56 1.21
CA ASN D 87 -3.85 16.23 1.40
C ASN D 87 -4.88 15.46 0.61
N ALA D 88 -5.79 14.76 1.30
CA ALA D 88 -6.69 13.82 0.65
C ALA D 88 -8.02 13.77 1.39
N GLY D 89 -9.12 13.70 0.63
CA GLY D 89 -10.43 13.55 1.23
C GLY D 89 -11.51 14.42 0.63
N THR D 90 -11.13 15.56 0.04
CA THR D 90 -12.13 16.49 -0.48
C THR D 90 -13.05 15.82 -1.49
N ASN D 91 -12.48 15.12 -2.47
CA ASN D 91 -13.30 14.49 -3.50
C ASN D 91 -13.92 13.18 -3.01
N ASP D 92 -13.32 12.51 -2.02
CA ASP D 92 -14.02 11.42 -1.35
C ASP D 92 -15.35 11.90 -0.80
N LEU D 93 -15.35 13.05 -0.11
CA LEU D 93 -16.57 13.62 0.45
C LEU D 93 -17.50 14.14 -0.64
N LYS D 94 -16.94 14.67 -1.72
CA LYS D 94 -17.75 15.21 -2.82
C LYS D 94 -18.58 14.13 -3.49
N GLU D 95 -18.10 12.88 -3.50
CA GLU D 95 -18.78 11.73 -4.08
C GLU D 95 -18.91 11.83 -5.60
N ASN D 96 -17.99 12.52 -6.25
CA ASN D 96 -18.01 12.57 -7.72
C ASN D 96 -17.62 11.23 -8.34
N TRP D 97 -16.90 10.38 -7.61
CA TRP D 97 -16.50 9.06 -8.09
C TRP D 97 -17.29 7.91 -7.47
N GLY D 98 -18.16 8.19 -6.51
CA GLY D 98 -18.89 7.14 -5.84
C GLY D 98 -19.18 7.52 -4.41
N ALA D 99 -19.91 6.64 -3.73
CA ALA D 99 -20.39 6.94 -2.39
C ALA D 99 -19.24 7.05 -1.40
N TYR D 100 -19.35 8.03 -0.51
CA TYR D 100 -18.31 8.26 0.49
C TYR D 100 -18.36 7.21 1.58
N ASN D 101 -17.17 6.75 1.98
CA ASN D 101 -17.01 5.86 3.13
C ASN D 101 -15.81 6.36 3.91
N GLU D 102 -16.08 6.97 5.08
CA GLU D 102 -15.01 7.55 5.88
C GLU D 102 -13.93 6.53 6.23
N GLU D 103 -14.33 5.28 6.50
CA GLU D 103 -13.36 4.25 6.87
C GLU D 103 -12.46 3.89 5.70
N TYR D 104 -13.01 3.83 4.49
CA TYR D 104 -12.21 3.52 3.31
C TYR D 104 -11.25 4.67 2.99
N THR D 105 -11.74 5.90 3.06
CA THR D 105 -10.89 7.07 2.84
C THR D 105 -9.75 7.11 3.83
N PHE D 106 -10.06 6.99 5.12
CA PHE D 106 -9.02 6.98 6.16
C PHE D 106 -8.04 5.84 5.92
N GLY D 107 -8.53 4.66 5.54
CA GLY D 107 -7.65 3.53 5.30
C GLY D 107 -6.68 3.77 4.16
N ASN D 108 -7.13 4.48 3.11
CA ASN D 108 -6.24 4.81 1.99
C ASN D 108 -5.10 5.72 2.46
N ILE D 109 -5.39 6.66 3.35
CA ILE D 109 -4.36 7.53 3.88
C ILE D 109 -3.35 6.73 4.70
N VAL D 110 -3.85 5.82 5.53
CA VAL D 110 -2.95 4.97 6.32
C VAL D 110 -2.08 4.13 5.41
N SER D 111 -2.65 3.61 4.31
CA SER D 111 -1.86 2.81 3.38
C SER D 111 -0.73 3.63 2.75
N MET D 112 -1.02 4.88 2.39
CA MET D 112 0.03 5.73 1.83
C MET D 112 1.11 6.02 2.85
N VAL D 113 0.74 6.27 4.11
CA VAL D 113 1.74 6.51 5.16
C VAL D 113 2.63 5.30 5.32
N GLU D 114 2.05 4.10 5.34
CA GLU D 114 2.84 2.89 5.52
C GLU D 114 3.75 2.63 4.33
N LEU D 115 3.29 2.95 3.11
CA LEU D 115 4.16 2.84 1.95
C LEU D 115 5.32 3.83 2.03
N ALA D 116 5.05 5.06 2.47
CA ALA D 116 6.12 6.04 2.60
C ALA D 116 7.13 5.61 3.65
N ARG D 117 6.66 5.16 4.81
CA ARG D 117 7.57 4.75 5.87
C ARG D 117 8.35 3.49 5.50
N ALA D 118 7.74 2.59 4.73
CA ALA D 118 8.46 1.43 4.23
C ALA D 118 9.61 1.81 3.32
N ASN D 119 9.60 3.03 2.78
CA ASN D 119 10.64 3.50 1.88
C ASN D 119 11.44 4.65 2.47
N LYS D 120 11.39 4.81 3.80
CA LYS D 120 12.15 5.82 4.53
C LYS D 120 11.82 7.23 4.04
N ILE D 121 10.57 7.46 3.68
CA ILE D 121 10.07 8.77 3.29
C ILE D 121 9.27 9.32 4.46
N LYS D 122 9.64 10.52 4.93
CA LYS D 122 8.91 11.14 6.02
C LYS D 122 7.55 11.62 5.53
N VAL D 123 6.61 11.79 6.47
CA VAL D 123 5.23 12.12 6.14
C VAL D 123 4.79 13.36 6.91
N ILE D 124 4.05 14.23 6.24
CA ILE D 124 3.26 15.27 6.89
C ILE D 124 1.82 15.09 6.42
N LEU D 125 0.92 14.82 7.37
CA LEU D 125 -0.50 14.75 7.07
C LEU D 125 -1.13 16.12 7.26
N THR D 126 -2.21 16.37 6.52
CA THR D 126 -2.85 17.67 6.53
C THR D 126 -4.37 17.51 6.61
N SER D 127 -5.02 18.59 7.02
CA SER D 127 -6.47 18.60 7.14
C SER D 127 -7.13 18.79 5.78
N VAL D 128 -8.24 18.08 5.57
CA VAL D 128 -9.16 18.43 4.48
C VAL D 128 -9.60 19.87 4.67
N LEU D 129 -9.56 20.65 3.59
CA LEU D 129 -9.87 22.06 3.67
C LEU D 129 -11.37 22.29 3.90
N PRO D 130 -11.74 23.45 4.43
CA PRO D 130 -13.17 23.79 4.51
C PRO D 130 -13.77 23.87 3.11
N HIS D 131 -15.08 23.64 3.05
CA HIS D 131 -15.79 23.52 1.78
C HIS D 131 -17.12 24.26 1.87
N ARG D 132 -17.44 25.02 0.82
CA ARG D 132 -18.68 25.78 0.79
C ARG D 132 -19.84 24.89 0.35
N ASN D 133 -20.93 24.93 1.13
CA ASN D 133 -22.19 24.27 0.79
C ASN D 133 -23.31 25.27 1.06
N ALA D 134 -23.39 26.31 0.22
CA ALA D 134 -24.21 27.48 0.47
C ALA D 134 -25.67 27.31 0.08
N ARG D 135 -26.16 26.08 -0.10
CA ARG D 135 -27.58 25.90 -0.37
C ARG D 135 -28.43 26.43 0.78
N ASP D 136 -28.15 26.00 2.00
CA ASP D 136 -28.71 26.61 3.20
C ASP D 136 -27.75 26.36 4.36
N GLU D 137 -28.15 26.81 5.55
CA GLU D 137 -27.30 26.71 6.72
C GLU D 137 -27.07 25.26 7.12
N GLU D 138 -28.10 24.42 7.02
CA GLU D 138 -27.93 23.01 7.38
C GLU D 138 -26.99 22.29 6.43
N ASP D 139 -27.00 22.68 5.14
CA ASP D 139 -26.08 22.08 4.19
C ASP D 139 -24.63 22.41 4.54
N GLN D 140 -24.36 23.67 4.93
CA GLN D 140 -23.02 24.05 5.31
C GLN D 140 -22.58 23.33 6.58
N LYS D 141 -23.48 23.22 7.56
CA LYS D 141 -23.13 22.54 8.80
C LYS D 141 -22.83 21.06 8.55
N GLU D 142 -23.62 20.40 7.71
CA GLU D 142 -23.37 18.99 7.42
C GLU D 142 -22.04 18.80 6.69
N ALA D 143 -21.74 19.67 5.73
CA ALA D 143 -20.45 19.59 5.04
C ALA D 143 -19.29 19.78 6.03
N THR D 144 -19.39 20.81 6.87
CA THR D 144 -18.34 21.08 7.84
C THR D 144 -18.20 19.94 8.85
N GLN D 145 -19.33 19.37 9.30
CA GLN D 145 -19.25 18.28 10.27
C GLN D 145 -18.57 17.05 9.68
N ALA D 146 -18.85 16.74 8.41
CA ALA D 146 -18.22 15.59 7.78
C ALA D 146 -16.73 15.80 7.60
N ILE D 147 -16.32 17.03 7.28
CA ILE D 147 -14.89 17.32 7.13
C ILE D 147 -14.18 17.19 8.47
N ILE D 148 -14.78 17.74 9.53
CA ILE D 148 -14.15 17.66 10.85
C ILE D 148 -14.07 16.21 11.32
N ASN D 149 -15.10 15.41 11.02
CA ASN D 149 -15.10 14.01 11.44
C ASN D 149 -13.94 13.24 10.78
N LEU D 150 -13.70 13.48 9.49
CA LEU D 150 -12.59 12.83 8.80
C LEU D 150 -11.25 13.35 9.31
N ASN D 151 -11.13 14.66 9.49
CA ASN D 151 -9.90 15.24 10.03
C ASN D 151 -9.62 14.76 11.44
N THR D 152 -10.67 14.46 12.22
CA THR D 152 -10.46 13.92 13.56
C THR D 152 -9.79 12.55 13.49
N ARG D 153 -10.23 11.69 12.57
CA ARG D 153 -9.56 10.40 12.38
CA ARG D 153 -9.55 10.40 12.39
C ARG D 153 -8.10 10.60 12.01
N ILE D 154 -7.82 11.55 11.12
CA ILE D 154 -6.47 11.76 10.64
C ILE D 154 -5.56 12.25 11.76
N ILE D 155 -6.04 13.23 12.55
CA ILE D 155 -5.19 13.80 13.59
C ILE D 155 -4.91 12.78 14.68
N ASN D 156 -5.91 11.95 15.03
CA ASN D 156 -5.69 10.92 16.04
C ASN D 156 -4.65 9.91 15.57
N TYR D 157 -4.73 9.51 14.30
CA TYR D 157 -3.73 8.61 13.75
C TYR D 157 -2.36 9.27 13.73
N ALA D 158 -2.31 10.56 13.38
CA ALA D 158 -1.03 11.25 13.31
C ALA D 158 -0.37 11.37 14.67
N ILE D 159 -1.14 11.72 15.70
CA ILE D 159 -0.59 11.82 17.05
C ILE D 159 -0.09 10.47 17.52
N GLU D 160 -0.89 9.43 17.31
CA GLU D 160 -0.53 8.08 17.76
C GLU D 160 0.75 7.59 17.11
N ASN D 161 1.01 7.99 15.87
CA ASN D 161 2.16 7.50 15.12
C ASN D 161 3.25 8.55 14.95
N LYS D 162 3.17 9.66 15.71
CA LYS D 162 4.20 10.69 15.73
C LYS D 162 4.43 11.30 14.36
N ILE D 163 3.35 11.54 13.63
CA ILE D 163 3.40 12.17 12.31
C ILE D 163 2.90 13.60 12.44
N PRO D 164 3.62 14.58 11.92
CA PRO D 164 3.13 15.96 11.99
C PRO D 164 1.83 16.12 11.23
N PHE D 165 0.91 16.88 11.82
CA PHE D 165 -0.37 17.19 11.20
C PHE D 165 -0.46 18.70 11.04
N VAL D 166 -0.74 19.15 9.82
CA VAL D 166 -0.88 20.58 9.53
C VAL D 166 -2.37 20.87 9.37
N ASP D 167 -2.89 21.74 10.23
CA ASP D 167 -4.31 22.03 10.31
C ASP D 167 -4.61 23.29 9.50
N TYR D 168 -4.65 23.14 8.17
CA TYR D 168 -5.15 24.23 7.33
C TYR D 168 -6.56 24.64 7.76
N PHE D 169 -7.40 23.66 8.10
CA PHE D 169 -8.81 23.90 8.33
C PHE D 169 -9.03 24.95 9.41
N VAL D 170 -8.38 24.79 10.56
CA VAL D 170 -8.68 25.66 11.70
C VAL D 170 -8.37 27.11 11.38
N GLU D 171 -7.42 27.35 10.48
CA GLU D 171 -7.05 28.72 10.12
C GLU D 171 -7.84 29.26 8.93
N MET D 172 -8.48 28.40 8.14
CA MET D 172 -9.18 28.83 6.95
C MET D 172 -10.70 28.72 7.05
N ALA D 173 -11.22 28.06 8.08
CA ALA D 173 -12.66 27.91 8.26
C ALA D 173 -13.16 29.01 9.18
N GLN D 174 -14.10 29.82 8.69
CA GLN D 174 -14.58 30.96 9.44
C GLN D 174 -15.91 30.65 10.14
N SER D 175 -16.14 31.34 11.25
CA SER D 175 -17.39 31.21 11.98
C SER D 175 -18.53 31.82 11.18
N PRO D 176 -19.77 31.38 11.43
CA PRO D 176 -20.21 30.43 12.46
C PRO D 176 -20.25 28.96 12.00
N ASN D 177 -20.26 28.67 10.70
CA ASN D 177 -20.52 27.31 10.24
C ASN D 177 -19.35 26.67 9.51
N GLY D 178 -18.18 27.28 9.52
CA GLY D 178 -17.01 26.66 8.95
C GLY D 178 -16.84 26.81 7.46
N ASP D 179 -17.54 27.76 6.85
CA ASP D 179 -17.34 28.06 5.43
C ASP D 179 -15.89 28.46 5.19
N LEU D 180 -15.39 28.15 3.99
CA LEU D 180 -14.07 28.61 3.60
C LEU D 180 -14.04 30.13 3.57
N ASN D 181 -13.10 30.72 4.29
CA ASN D 181 -13.03 32.16 4.47
C ASN D 181 -13.08 32.89 3.13
N SER D 182 -13.95 33.89 3.03
CA SER D 182 -14.12 34.63 1.78
C SER D 182 -12.84 35.37 1.38
N SER D 183 -11.95 35.65 2.32
CA SER D 183 -10.67 36.25 1.97
C SER D 183 -9.74 35.27 1.28
N TYR D 184 -10.02 33.97 1.38
CA TYR D 184 -9.11 32.94 0.89
C TYR D 184 -9.64 32.20 -0.32
N THR D 185 -10.84 32.53 -0.81
CA THR D 185 -11.43 31.78 -1.91
C THR D 185 -12.39 32.67 -2.70
N ARG D 186 -12.68 32.24 -3.92
CA ARG D 186 -13.72 32.82 -4.75
C ARG D 186 -14.86 31.85 -5.03
N ASP D 187 -14.56 30.58 -5.33
CA ASP D 187 -15.59 29.59 -5.60
C ASP D 187 -16.00 28.79 -4.37
N GLY D 188 -15.37 29.03 -3.22
CA GLY D 188 -15.69 28.31 -2.01
C GLY D 188 -15.07 26.93 -1.90
N VAL D 189 -14.29 26.51 -2.89
CA VAL D 189 -13.64 25.20 -2.88
C VAL D 189 -12.13 25.34 -3.03
N HIS D 190 -11.69 26.06 -4.04
CA HIS D 190 -10.26 26.20 -4.31
C HIS D 190 -9.74 27.52 -3.76
N PRO D 191 -8.59 27.49 -3.10
CA PRO D 191 -8.03 28.72 -2.55
C PRO D 191 -7.63 29.69 -3.65
N THR D 192 -7.70 30.97 -3.33
CA THR D 192 -7.03 31.99 -4.11
C THR D 192 -5.56 32.08 -3.70
N LEU D 193 -4.81 32.97 -4.37
CA LEU D 193 -3.41 33.14 -4.04
C LEU D 193 -3.23 33.55 -2.58
N GLU D 194 -4.09 34.45 -2.09
CA GLU D 194 -4.04 34.84 -0.69
C GLU D 194 -4.29 33.64 0.22
N GLY D 195 -5.23 32.77 -0.15
CA GLY D 195 -5.45 31.56 0.62
C GLY D 195 -4.24 30.64 0.59
N TYR D 196 -3.61 30.51 -0.58
CA TYR D 196 -2.42 29.66 -0.67
C TYR D 196 -1.27 30.19 0.17
N LYS D 197 -1.15 31.52 0.29
CA LYS D 197 -0.10 32.10 1.13
C LYS D 197 -0.25 31.66 2.58
N VAL D 198 -1.49 31.58 3.07
CA VAL D 198 -1.72 31.10 4.43
C VAL D 198 -1.28 29.65 4.57
N MET D 199 -1.63 28.82 3.58
CA MET D 199 -1.22 27.41 3.63
C MET D 199 0.29 27.27 3.53
N GLU D 200 0.94 28.14 2.75
CA GLU D 200 2.38 28.04 2.56
C GLU D 200 3.14 28.28 3.86
N ALA D 201 2.73 29.30 4.62
CA ALA D 201 3.38 29.56 5.90
C ALA D 201 3.28 28.35 6.82
N LEU D 202 2.11 27.72 6.89
CA LEU D 202 1.93 26.57 7.78
C LEU D 202 2.76 25.38 7.33
N ILE D 203 2.70 25.04 6.03
CA ILE D 203 3.37 23.83 5.59
C ILE D 203 4.88 24.01 5.54
N LYS D 204 5.36 25.22 5.22
CA LYS D 204 6.80 25.43 5.16
C LYS D 204 7.42 25.31 6.54
N LYS D 205 6.77 25.87 7.56
CA LYS D 205 7.23 25.71 8.93
C LYS D 205 7.32 24.23 9.32
N ALA D 206 6.32 23.45 8.92
CA ALA D 206 6.31 22.03 9.26
C ALA D 206 7.38 21.27 8.48
N ILE D 207 7.56 21.59 7.20
CA ILE D 207 8.58 20.92 6.39
C ILE D 207 9.97 21.21 6.96
N ASP D 208 10.24 22.47 7.29
CA ASP D 208 11.56 22.84 7.79
C ASP D 208 11.87 22.15 9.11
N LYS D 209 10.86 21.92 9.94
CA LYS D 209 11.07 21.21 11.20
C LYS D 209 11.43 19.75 10.94
N VAL D 210 10.77 19.11 9.96
CA VAL D 210 11.09 17.73 9.64
C VAL D 210 12.47 17.62 9.00
N LEU D 211 12.73 18.43 7.96
CA LEU D 211 14.01 18.36 7.26
C LEU D 211 15.18 18.79 8.13
N SER D 212 14.92 19.53 9.21
CA SER D 212 15.96 20.11 10.05
C SER D 212 16.83 21.07 9.24
N GLN E 1 36.75 -5.18 -14.22
CA GLN E 1 36.24 -5.92 -13.07
C GLN E 1 35.87 -7.35 -13.46
N VAL E 2 34.94 -7.49 -14.40
CA VAL E 2 34.50 -8.81 -14.85
C VAL E 2 35.58 -9.41 -15.75
N GLN E 3 35.98 -10.64 -15.45
CA GLN E 3 36.95 -11.37 -16.26
C GLN E 3 36.40 -12.75 -16.59
N LEU E 4 36.58 -13.15 -17.85
CA LEU E 4 36.21 -14.48 -18.34
C LEU E 4 37.43 -15.03 -19.04
N VAL E 5 38.01 -16.10 -18.51
CA VAL E 5 39.29 -16.64 -18.99
C VAL E 5 39.05 -18.07 -19.46
N GLU E 6 39.17 -18.31 -20.76
CA GLU E 6 38.94 -19.62 -21.33
C GLU E 6 40.23 -20.38 -21.56
N SER E 7 40.09 -21.70 -21.63
CA SER E 7 41.21 -22.61 -21.89
C SER E 7 40.64 -23.91 -22.44
N GLY E 8 41.54 -24.78 -22.90
CA GLY E 8 41.17 -26.10 -23.37
C GLY E 8 41.28 -26.30 -24.87
N GLY E 9 41.43 -25.22 -25.65
CA GLY E 9 41.55 -25.36 -27.08
C GLY E 9 42.81 -26.09 -27.50
N GLY E 10 42.78 -26.61 -28.71
CA GLY E 10 43.91 -27.32 -29.27
C GLY E 10 43.52 -28.01 -30.56
N VAL E 11 44.49 -28.76 -31.10
CA VAL E 11 44.28 -29.52 -32.33
C VAL E 11 43.81 -30.92 -31.96
N VAL E 12 42.70 -31.36 -32.55
CA VAL E 12 42.13 -32.66 -32.24
C VAL E 12 41.71 -33.37 -33.53
N GLN E 13 41.79 -34.70 -33.51
CA GLN E 13 41.38 -35.50 -34.66
C GLN E 13 39.87 -35.56 -34.77
N PRO E 14 39.34 -35.59 -35.99
CA PRO E 14 37.88 -35.77 -36.15
C PRO E 14 37.41 -37.04 -35.45
N GLY E 15 36.28 -36.93 -34.77
CA GLY E 15 35.74 -38.01 -33.97
C GLY E 15 36.12 -37.97 -32.51
N ARG E 16 37.17 -37.24 -32.14
CA ARG E 16 37.65 -37.22 -30.77
C ARG E 16 36.92 -36.17 -29.94
N SER E 17 37.35 -36.00 -28.69
CA SER E 17 36.66 -35.18 -27.71
C SER E 17 37.58 -34.09 -27.18
N LEU E 18 36.97 -33.05 -26.62
CA LEU E 18 37.70 -31.90 -26.08
C LEU E 18 36.80 -31.17 -25.10
N ARG E 19 37.37 -30.73 -23.98
CA ARG E 19 36.63 -30.01 -22.94
CA ARG E 19 36.63 -30.02 -22.93
C ARG E 19 37.20 -28.61 -22.78
N LEU E 20 36.35 -27.61 -22.94
CA LEU E 20 36.74 -26.22 -22.74
C LEU E 20 36.26 -25.75 -21.37
N SER E 21 37.01 -24.82 -20.79
CA SER E 21 36.68 -24.23 -19.50
C SER E 21 36.69 -22.71 -19.61
N CYS E 22 35.90 -22.06 -18.77
CA CYS E 22 35.83 -20.60 -18.73
C CYS E 22 35.72 -20.20 -17.27
N ALA E 23 36.78 -19.61 -16.73
CA ALA E 23 36.82 -19.21 -15.32
C ALA E 23 36.35 -17.76 -15.19
N ALA E 24 35.33 -17.55 -14.38
CA ALA E 24 34.67 -16.26 -14.26
C ALA E 24 34.98 -15.60 -12.92
N SER E 25 35.09 -14.28 -12.93
CA SER E 25 35.32 -13.49 -11.72
C SER E 25 34.79 -12.08 -11.95
N GLY E 26 34.56 -11.38 -10.85
CA GLY E 26 34.12 -10.00 -10.91
C GLY E 26 32.62 -9.79 -10.97
N PHE E 27 31.84 -10.86 -10.87
CA PHE E 27 30.39 -10.77 -10.84
C PHE E 27 29.85 -12.02 -10.17
N THR E 28 28.60 -11.96 -9.71
CA THR E 28 28.00 -13.12 -9.08
C THR E 28 27.65 -14.17 -10.11
N PHE E 29 28.63 -15.01 -10.44
CA PHE E 29 28.50 -16.02 -11.50
C PHE E 29 27.25 -16.87 -11.32
N SER E 30 26.93 -17.26 -10.09
CA SER E 30 25.85 -18.19 -9.82
C SER E 30 24.46 -17.62 -10.09
N THR E 31 24.30 -16.33 -10.42
CA THR E 31 22.96 -15.79 -10.67
C THR E 31 22.75 -15.40 -12.13
N TYR E 32 23.61 -15.82 -13.05
CA TYR E 32 23.48 -15.46 -14.45
C TYR E 32 23.60 -16.68 -15.35
N ALA E 33 22.76 -16.72 -16.38
CA ALA E 33 22.97 -17.66 -17.46
C ALA E 33 24.32 -17.38 -18.13
N MET E 34 24.92 -18.43 -18.70
CA MET E 34 26.18 -18.33 -19.43
C MET E 34 26.04 -18.97 -20.80
N HIS E 35 26.77 -18.44 -21.78
CA HIS E 35 26.69 -18.87 -23.17
C HIS E 35 28.06 -19.27 -23.70
N TRP E 36 28.06 -20.16 -24.70
CA TRP E 36 29.20 -20.40 -25.57
C TRP E 36 28.84 -19.93 -26.98
N VAL E 37 29.79 -19.25 -27.62
CA VAL E 37 29.65 -18.70 -28.96
C VAL E 37 30.94 -19.02 -29.71
N ARG E 38 30.85 -19.35 -30.99
CA ARG E 38 32.04 -19.70 -31.76
C ARG E 38 32.11 -18.92 -33.07
N GLN E 39 33.34 -18.80 -33.57
CA GLN E 39 33.60 -18.08 -34.82
C GLN E 39 34.53 -18.92 -35.67
N ALA E 40 33.98 -19.53 -36.72
CA ALA E 40 34.79 -20.32 -37.63
C ALA E 40 35.68 -19.40 -38.47
N PRO E 41 36.84 -19.90 -38.96
CA PRO E 41 37.73 -19.05 -39.76
C PRO E 41 37.03 -18.34 -40.90
N GLY E 42 37.15 -17.00 -40.92
CA GLY E 42 36.54 -16.20 -41.95
C GLY E 42 35.03 -16.13 -41.93
N LYS E 43 34.39 -16.52 -40.83
CA LYS E 43 32.94 -16.50 -40.73
C LYS E 43 32.50 -15.58 -39.59
N GLY E 44 31.19 -15.51 -39.38
CA GLY E 44 30.62 -14.70 -38.33
C GLY E 44 30.51 -15.46 -37.01
N LEU E 45 29.64 -14.96 -36.14
CA LEU E 45 29.44 -15.53 -34.82
C LEU E 45 28.26 -16.50 -34.84
N GLU E 46 28.45 -17.68 -34.27
CA GLU E 46 27.41 -18.69 -34.15
C GLU E 46 27.24 -19.05 -32.68
N TRP E 47 26.06 -18.76 -32.13
CA TRP E 47 25.75 -19.19 -30.77
C TRP E 47 25.76 -20.71 -30.70
N VAL E 48 26.34 -21.23 -29.61
CA VAL E 48 26.55 -22.68 -29.44
C VAL E 48 25.60 -23.26 -28.39
N ALA E 49 25.55 -22.66 -27.20
CA ALA E 49 24.78 -23.24 -26.10
C ALA E 49 24.59 -22.21 -25.00
N VAL E 50 23.57 -22.46 -24.16
CA VAL E 50 23.30 -21.67 -22.97
C VAL E 50 22.99 -22.61 -21.82
N ILE E 51 23.36 -22.20 -20.62
CA ILE E 51 23.00 -22.91 -19.39
C ILE E 51 22.42 -21.89 -18.42
N SER E 52 21.31 -22.26 -17.78
CA SER E 52 20.68 -21.35 -16.82
C SER E 52 21.57 -21.16 -15.59
N TYR E 53 21.24 -20.14 -14.81
CA TYR E 53 22.04 -19.79 -13.64
C TYR E 53 22.17 -20.97 -12.68
N ASP E 54 21.11 -21.74 -12.51
CA ASP E 54 21.06 -22.86 -11.57
C ASP E 54 21.37 -24.20 -12.23
N ALA E 55 21.72 -24.21 -13.51
CA ALA E 55 22.03 -25.40 -14.31
C ALA E 55 20.81 -26.30 -14.55
N ASN E 56 19.60 -25.84 -14.24
CA ASN E 56 18.42 -26.66 -14.48
C ASN E 56 18.10 -26.79 -15.97
N TYR E 57 18.48 -25.79 -16.77
CA TYR E 57 18.13 -25.79 -18.19
C TYR E 57 19.38 -25.58 -19.04
N LYS E 58 19.45 -26.32 -20.15
CA LYS E 58 20.54 -26.23 -21.11
C LYS E 58 19.96 -26.35 -22.51
N TYR E 59 20.35 -25.46 -23.42
CA TYR E 59 19.90 -25.54 -24.80
C TYR E 59 21.11 -25.40 -25.73
N TYR E 60 20.95 -25.90 -26.95
CA TYR E 60 22.06 -26.09 -27.86
C TYR E 60 21.66 -25.67 -29.27
N ALA E 61 22.65 -25.21 -30.04
CA ALA E 61 22.44 -25.00 -31.47
C ALA E 61 22.20 -26.34 -32.15
N ASP E 62 21.35 -26.32 -33.18
CA ASP E 62 21.05 -27.54 -33.93
C ASP E 62 22.32 -28.24 -34.39
N SER E 63 23.34 -27.46 -34.77
CA SER E 63 24.56 -28.01 -35.34
C SER E 63 25.39 -28.81 -34.34
N VAL E 64 25.14 -28.66 -33.05
CA VAL E 64 25.93 -29.35 -32.03
C VAL E 64 25.10 -30.27 -31.15
N LYS E 65 23.78 -30.28 -31.32
CA LYS E 65 22.89 -31.06 -30.48
C LYS E 65 23.26 -32.54 -30.50
N GLY E 66 23.37 -33.14 -29.32
CA GLY E 66 23.73 -34.54 -29.19
C GLY E 66 25.22 -34.81 -29.15
N ARG E 67 26.05 -33.83 -29.47
CA ARG E 67 27.50 -33.97 -29.40
C ARG E 67 28.15 -33.11 -28.33
N PHE E 68 27.60 -31.94 -28.04
CA PHE E 68 28.17 -31.01 -27.06
C PHE E 68 27.32 -31.02 -25.79
N THR E 69 27.98 -30.86 -24.65
CA THR E 69 27.31 -30.75 -23.36
C THR E 69 27.85 -29.54 -22.62
N ILE E 70 26.96 -28.64 -22.22
CA ILE E 70 27.33 -27.46 -21.43
C ILE E 70 27.06 -27.77 -19.96
N SER E 71 27.95 -27.28 -19.09
CA SER E 71 27.80 -27.49 -17.65
C SER E 71 28.51 -26.36 -16.91
N ARG E 72 28.26 -26.28 -15.61
CA ARG E 72 28.87 -25.22 -14.80
C ARG E 72 29.10 -25.73 -13.39
N ASP E 73 30.05 -25.07 -12.71
CA ASP E 73 30.36 -25.33 -11.31
C ASP E 73 30.27 -23.98 -10.60
N ASN E 74 29.16 -23.74 -9.91
CA ASN E 74 28.94 -22.43 -9.30
C ASN E 74 29.83 -22.21 -8.08
N SER E 75 30.33 -23.27 -7.46
CA SER E 75 31.28 -23.10 -6.36
C SER E 75 32.67 -22.71 -6.87
N LYS E 76 33.05 -23.19 -8.05
CA LYS E 76 34.31 -22.81 -8.67
C LYS E 76 34.17 -21.63 -9.63
N ASN E 77 32.94 -21.17 -9.89
CA ASN E 77 32.68 -20.07 -10.81
C ASN E 77 33.28 -20.35 -12.18
N THR E 78 33.05 -21.56 -12.67
CA THR E 78 33.61 -22.02 -13.93
C THR E 78 32.52 -22.59 -14.82
N LEU E 79 32.59 -22.26 -16.11
CA LEU E 79 31.71 -22.79 -17.13
C LEU E 79 32.49 -23.76 -18.02
N TYR E 80 31.84 -24.85 -18.42
CA TYR E 80 32.47 -25.89 -19.21
C TYR E 80 31.68 -26.17 -20.48
N LEU E 81 32.39 -26.65 -21.50
CA LEU E 81 31.78 -27.17 -22.73
C LEU E 81 32.48 -28.46 -23.08
N GLN E 82 31.75 -29.58 -23.00
CA GLN E 82 32.27 -30.89 -23.37
C GLN E 82 31.90 -31.17 -24.83
N MET E 83 32.91 -31.27 -25.69
CA MET E 83 32.70 -31.44 -27.11
C MET E 83 33.08 -32.86 -27.51
N ASN E 84 32.12 -33.63 -27.99
CA ASN E 84 32.33 -35.00 -28.43
C ASN E 84 32.07 -35.12 -29.92
N SER E 85 32.58 -36.21 -30.51
CA SER E 85 32.39 -36.51 -31.93
C SER E 85 32.70 -35.30 -32.80
N LEU E 86 33.85 -34.69 -32.54
CA LEU E 86 34.19 -33.44 -33.18
C LEU E 86 34.34 -33.63 -34.69
N ARG E 87 33.90 -32.62 -35.44
CA ARG E 87 33.95 -32.61 -36.90
C ARG E 87 34.80 -31.44 -37.36
N ALA E 88 35.27 -31.53 -38.62
CA ALA E 88 36.09 -30.46 -39.17
C ALA E 88 35.38 -29.11 -39.11
N GLU E 89 34.07 -29.09 -39.34
CA GLU E 89 33.34 -27.84 -39.33
C GLU E 89 33.15 -27.27 -37.91
N ASP E 90 33.59 -27.98 -36.88
CA ASP E 90 33.60 -27.43 -35.52
C ASP E 90 34.81 -26.55 -35.26
N THR E 91 35.74 -26.49 -36.20
CA THR E 91 36.93 -25.65 -36.08
C THR E 91 36.52 -24.19 -35.94
N ALA E 92 36.97 -23.54 -34.87
CA ALA E 92 36.54 -22.17 -34.57
C ALA E 92 37.27 -21.68 -33.34
N VAL E 93 37.24 -20.36 -33.15
CA VAL E 93 37.53 -19.77 -31.85
C VAL E 93 36.24 -19.83 -31.03
N TYR E 94 36.33 -20.39 -29.83
CA TYR E 94 35.18 -20.54 -28.96
C TYR E 94 35.24 -19.49 -27.86
N TYR E 95 34.15 -18.77 -27.65
CA TYR E 95 34.05 -17.73 -26.64
C TYR E 95 33.00 -18.12 -25.61
N CYS E 96 33.28 -17.82 -24.35
CA CYS E 96 32.22 -17.82 -23.34
C CYS E 96 31.73 -16.39 -23.17
N ALA E 97 30.46 -16.25 -22.83
CA ALA E 97 29.85 -14.94 -22.73
C ALA E 97 28.84 -14.93 -21.59
N LYS E 98 28.87 -13.87 -20.81
CA LYS E 98 27.91 -13.68 -19.73
C LYS E 98 26.59 -13.18 -20.29
N ASP E 99 25.48 -13.71 -19.77
CA ASP E 99 24.16 -13.20 -20.09
C ASP E 99 23.86 -11.97 -19.22
N SER E 100 23.20 -10.98 -19.82
CA SER E 100 22.92 -9.73 -19.11
C SER E 100 21.82 -9.86 -18.06
N GLN E 101 20.96 -10.87 -18.15
CA GLN E 101 19.75 -10.90 -17.33
C GLN E 101 19.95 -11.67 -16.03
N LEU E 102 19.42 -11.11 -14.95
CA LEU E 102 19.53 -11.70 -13.62
C LEU E 102 18.56 -12.87 -13.50
N ARG E 103 19.09 -14.07 -13.27
CA ARG E 103 18.32 -15.27 -12.99
C ARG E 103 17.18 -15.48 -13.99
N SER E 104 17.52 -15.50 -15.27
CA SER E 104 16.49 -15.72 -16.29
C SER E 104 15.90 -17.13 -16.14
N LEU E 105 14.60 -17.23 -16.47
CA LEU E 105 13.83 -18.47 -16.32
C LEU E 105 13.74 -19.12 -17.69
N LEU E 106 14.65 -20.05 -17.98
CA LEU E 106 14.78 -20.63 -19.32
C LEU E 106 13.94 -21.91 -19.43
N TYR E 107 12.63 -21.75 -19.18
CA TYR E 107 11.74 -22.90 -19.10
C TYR E 107 11.55 -23.58 -20.45
N PHE E 108 11.72 -22.84 -21.55
CA PHE E 108 11.54 -23.40 -22.89
C PHE E 108 12.69 -22.98 -23.78
N GLU E 109 12.91 -23.77 -24.84
CA GLU E 109 14.11 -23.64 -25.65
C GLU E 109 14.16 -22.37 -26.51
N TRP E 110 13.03 -21.69 -26.71
CA TRP E 110 12.96 -20.57 -27.63
C TRP E 110 12.94 -19.21 -26.95
N LEU E 111 12.90 -19.17 -25.61
CA LEU E 111 12.68 -17.94 -24.87
C LEU E 111 13.81 -16.92 -25.09
N SER E 112 13.49 -15.67 -24.80
CA SER E 112 14.45 -14.59 -24.93
C SER E 112 15.66 -14.84 -24.02
N GLN E 113 16.82 -14.40 -24.50
CA GLN E 113 18.03 -14.34 -23.70
C GLN E 113 18.32 -12.87 -23.40
N GLY E 114 19.39 -12.63 -22.65
CA GLY E 114 19.91 -11.30 -22.53
C GLY E 114 20.85 -10.98 -23.69
N TYR E 115 21.31 -9.73 -23.71
CA TYR E 115 22.47 -9.46 -24.53
C TYR E 115 23.71 -10.01 -23.82
N PHE E 116 24.83 -10.07 -24.54
CA PHE E 116 26.03 -10.73 -24.04
C PHE E 116 26.98 -9.62 -23.58
N ASP E 117 26.91 -9.27 -22.28
CA ASP E 117 27.56 -8.05 -21.83
C ASP E 117 29.07 -8.20 -21.66
N TYR E 118 29.57 -9.42 -21.42
CA TYR E 118 31.01 -9.63 -21.32
C TYR E 118 31.40 -10.93 -22.00
N TRP E 119 32.55 -10.92 -22.67
CA TRP E 119 33.04 -12.06 -23.44
C TRP E 119 34.45 -12.44 -22.97
N GLY E 120 34.76 -13.72 -23.05
CA GLY E 120 36.11 -14.18 -22.79
C GLY E 120 37.02 -13.89 -23.98
N GLN E 121 38.31 -14.21 -23.80
CA GLN E 121 39.29 -13.90 -24.84
C GLN E 121 39.25 -14.90 -25.99
N GLY E 122 38.64 -16.05 -25.79
CA GLY E 122 38.53 -17.04 -26.84
C GLY E 122 39.61 -18.09 -26.74
N THR E 123 39.28 -19.31 -27.17
CA THR E 123 40.24 -20.41 -27.23
C THR E 123 40.02 -21.14 -28.54
N LEU E 124 41.11 -21.43 -29.26
CA LEU E 124 41.03 -21.93 -30.62
C LEU E 124 40.93 -23.46 -30.63
N VAL E 125 39.97 -23.98 -31.38
CA VAL E 125 39.77 -25.41 -31.55
C VAL E 125 39.95 -25.72 -33.03
N THR E 126 40.90 -26.62 -33.34
CA THR E 126 41.20 -27.01 -34.71
C THR E 126 40.97 -28.51 -34.85
N VAL E 127 40.02 -28.90 -35.69
CA VAL E 127 39.66 -30.30 -35.89
C VAL E 127 40.18 -30.70 -37.26
N SER E 128 41.18 -31.57 -37.29
CA SER E 128 41.75 -32.03 -38.55
C SER E 128 42.54 -33.32 -38.30
N SER E 129 42.54 -34.17 -39.33
CA SER E 129 43.30 -35.41 -39.30
C SER E 129 44.73 -35.23 -39.81
N ALA E 130 45.07 -34.03 -40.28
CA ALA E 130 46.38 -33.80 -40.87
C ALA E 130 47.48 -34.04 -39.84
N SER E 131 48.56 -34.69 -40.27
CA SER E 131 49.71 -34.87 -39.40
C SER E 131 50.48 -33.57 -39.30
N THR E 132 51.06 -33.34 -38.12
CA THR E 132 51.96 -32.21 -37.93
C THR E 132 53.07 -32.25 -38.97
N LYS E 133 53.32 -31.10 -39.62
CA LYS E 133 54.34 -31.03 -40.65
C LYS E 133 54.94 -29.64 -40.67
N GLY E 134 56.28 -29.57 -40.68
CA GLY E 134 56.96 -28.31 -40.79
C GLY E 134 56.97 -27.81 -42.22
N PRO E 135 57.14 -26.50 -42.41
CA PRO E 135 57.02 -25.93 -43.76
C PRO E 135 58.29 -26.09 -44.58
N SER E 136 58.10 -26.14 -45.89
CA SER E 136 59.18 -25.88 -46.83
C SER E 136 59.16 -24.39 -47.12
N VAL E 137 60.36 -23.79 -47.23
CA VAL E 137 60.48 -22.36 -47.46
C VAL E 137 61.23 -22.15 -48.75
N PHE E 138 60.58 -21.47 -49.71
CA PHE E 138 61.15 -21.24 -51.02
C PHE E 138 61.29 -19.74 -51.28
N PRO E 139 62.35 -19.32 -51.96
CA PRO E 139 62.54 -17.89 -52.22
C PRO E 139 61.59 -17.38 -53.31
N LEU E 140 61.13 -16.15 -53.12
CA LEU E 140 60.46 -15.38 -54.16
C LEU E 140 61.51 -14.34 -54.59
N ALA E 141 62.27 -14.69 -55.62
CA ALA E 141 63.49 -13.96 -55.92
C ALA E 141 63.17 -12.62 -56.58
N PRO E 142 63.95 -11.57 -56.27
CA PRO E 142 63.69 -10.27 -56.92
C PRO E 142 63.99 -10.33 -58.41
N SER E 143 63.11 -9.72 -59.19
CA SER E 143 63.25 -9.75 -60.64
C SER E 143 64.52 -9.05 -61.08
N SER E 144 65.17 -9.60 -62.11
CA SER E 144 66.35 -8.98 -62.68
C SER E 144 66.03 -7.69 -63.43
N LYS E 145 64.75 -7.43 -63.70
CA LYS E 145 64.31 -6.22 -64.38
C LYS E 145 63.92 -5.11 -63.42
N SER E 146 64.26 -5.24 -62.14
CA SER E 146 63.95 -4.22 -61.13
C SER E 146 64.57 -2.88 -61.49
N GLY E 150 65.04 2.38 -58.33
CA GLY E 150 63.71 1.81 -58.32
C GLY E 150 63.40 1.01 -57.07
N THR E 151 62.26 0.33 -57.07
CA THR E 151 61.84 -0.54 -55.98
C THR E 151 61.77 -1.97 -56.47
N ALA E 152 62.30 -2.89 -55.67
CA ALA E 152 62.27 -4.31 -55.99
C ALA E 152 61.45 -5.04 -54.93
N ALA E 153 60.77 -6.10 -55.35
CA ALA E 153 60.01 -6.94 -54.43
C ALA E 153 60.64 -8.32 -54.36
N LEU E 154 60.74 -8.84 -53.16
CA LEU E 154 61.22 -10.20 -52.93
C LEU E 154 60.43 -10.78 -51.77
N GLY E 155 60.58 -12.08 -51.54
CA GLY E 155 59.83 -12.68 -50.47
C GLY E 155 60.16 -14.14 -50.28
N CYS E 156 59.32 -14.78 -49.48
CA CYS E 156 59.46 -16.19 -49.15
CA CYS E 156 59.46 -16.20 -49.19
C CYS E 156 58.10 -16.87 -49.22
N LEU E 157 58.05 -18.04 -49.82
CA LEU E 157 56.85 -18.86 -49.87
C LEU E 157 56.99 -19.92 -48.79
N VAL E 158 56.09 -19.90 -47.82
CA VAL E 158 56.10 -20.82 -46.69
C VAL E 158 54.98 -21.83 -46.96
N LYS E 159 55.34 -23.03 -47.40
CA LYS E 159 54.37 -23.93 -47.98
C LYS E 159 54.26 -25.24 -47.21
N ASP E 160 53.03 -25.75 -47.10
CA ASP E 160 52.75 -27.11 -46.65
C ASP E 160 53.12 -27.35 -45.20
N TYR E 161 52.49 -26.62 -44.27
CA TYR E 161 52.70 -26.84 -42.85
C TYR E 161 51.38 -27.07 -42.16
N PHE E 162 51.45 -27.77 -41.02
CA PHE E 162 50.29 -28.00 -40.17
C PHE E 162 50.76 -28.23 -38.74
N PRO E 163 50.09 -27.67 -37.73
CA PRO E 163 48.97 -26.73 -37.83
C PRO E 163 49.46 -25.29 -37.90
N GLU E 164 48.53 -24.32 -37.95
CA GLU E 164 48.88 -22.94 -37.71
C GLU E 164 49.39 -22.79 -36.26
N PRO E 165 50.20 -21.76 -35.98
CA PRO E 165 50.70 -20.72 -36.87
C PRO E 165 52.18 -20.87 -37.22
N VAL E 166 52.64 -20.12 -38.21
CA VAL E 166 54.05 -19.86 -38.39
C VAL E 166 54.28 -18.38 -38.09
N THR E 167 55.51 -18.05 -37.74
CA THR E 167 55.94 -16.66 -37.64
C THR E 167 57.02 -16.43 -38.68
N VAL E 168 56.96 -15.28 -39.36
CA VAL E 168 57.95 -14.90 -40.35
C VAL E 168 58.52 -13.55 -39.95
N SER E 169 59.85 -13.47 -39.90
CA SER E 169 60.54 -12.20 -39.74
C SER E 169 61.57 -12.09 -40.84
N TRP E 170 62.11 -10.88 -41.01
CA TRP E 170 63.13 -10.61 -42.00
C TRP E 170 64.38 -10.08 -41.31
N ASN E 171 65.52 -10.69 -41.62
CA ASN E 171 66.80 -10.32 -41.02
C ASN E 171 66.71 -10.28 -39.50
N SER E 172 66.06 -11.31 -38.94
CA SER E 172 65.91 -11.50 -37.49
C SER E 172 65.20 -10.32 -36.83
N GLY E 173 64.29 -9.69 -37.56
CA GLY E 173 63.50 -8.59 -37.03
C GLY E 173 64.08 -7.23 -37.32
N ALA E 174 65.28 -7.13 -37.88
CA ALA E 174 65.87 -5.84 -38.19
C ALA E 174 65.20 -5.16 -39.37
N LEU E 175 64.51 -5.93 -40.22
CA LEU E 175 63.81 -5.39 -41.39
C LEU E 175 62.31 -5.54 -41.15
N THR E 176 61.61 -4.40 -41.01
CA THR E 176 60.18 -4.44 -40.76
C THR E 176 59.43 -3.55 -41.76
N SER E 177 60.08 -2.50 -42.24
CA SER E 177 59.46 -1.57 -43.16
C SER E 177 59.23 -2.22 -44.52
N GLY E 178 58.00 -2.09 -45.03
CA GLY E 178 57.65 -2.64 -46.32
C GLY E 178 57.31 -4.10 -46.34
N VAL E 179 57.21 -4.75 -45.18
CA VAL E 179 56.94 -6.18 -45.10
C VAL E 179 55.44 -6.41 -45.11
N HIS E 180 55.00 -7.36 -45.93
CA HIS E 180 53.62 -7.84 -45.92
C HIS E 180 53.66 -9.36 -45.78
N THR E 181 53.23 -9.86 -44.62
CA THR E 181 53.09 -11.30 -44.44
C THR E 181 51.61 -11.65 -44.55
N PHE E 182 51.25 -12.42 -45.57
CA PHE E 182 49.87 -12.66 -45.88
C PHE E 182 49.26 -13.70 -44.95
N PRO E 183 47.94 -13.65 -44.75
CA PRO E 183 47.27 -14.71 -43.98
C PRO E 183 47.41 -16.04 -44.68
N ALA E 184 47.52 -17.10 -43.87
CA ALA E 184 47.65 -18.45 -44.42
C ALA E 184 46.35 -18.87 -45.11
N VAL E 185 46.51 -19.72 -46.12
CA VAL E 185 45.37 -20.35 -46.80
C VAL E 185 45.47 -21.85 -46.59
N LEU E 186 44.32 -22.47 -46.31
CA LEU E 186 44.25 -23.92 -46.18
C LEU E 186 44.15 -24.53 -47.57
N GLN E 187 45.15 -25.32 -47.94
CA GLN E 187 45.19 -25.94 -49.27
C GLN E 187 44.32 -27.20 -49.30
N SER E 188 44.09 -27.71 -50.51
CA SER E 188 43.29 -28.93 -50.66
C SER E 188 43.97 -30.15 -50.05
N SER E 189 45.24 -30.04 -49.66
CA SER E 189 45.94 -31.10 -48.96
C SER E 189 45.68 -31.10 -47.46
N GLY E 190 44.93 -30.12 -46.94
CA GLY E 190 44.80 -29.96 -45.51
C GLY E 190 45.99 -29.30 -44.85
N LEU E 191 46.96 -28.86 -45.63
CA LEU E 191 48.15 -28.15 -45.15
C LEU E 191 48.02 -26.68 -45.49
N TYR E 192 48.65 -25.83 -44.69
CA TYR E 192 48.57 -24.39 -44.89
C TYR E 192 49.74 -23.88 -45.73
N SER E 193 49.54 -22.69 -46.31
CA SER E 193 50.56 -22.04 -47.11
C SER E 193 50.40 -20.53 -47.00
N LEU E 194 51.52 -19.82 -47.01
CA LEU E 194 51.47 -18.35 -47.05
C LEU E 194 52.74 -17.82 -47.66
N SER E 195 52.70 -16.55 -48.04
CA SER E 195 53.88 -15.84 -48.51
C SER E 195 54.11 -14.61 -47.64
N SER E 196 55.38 -14.25 -47.50
CA SER E 196 55.79 -12.99 -46.89
C SER E 196 56.64 -12.25 -47.90
N VAL E 197 56.31 -11.00 -48.18
CA VAL E 197 57.02 -10.21 -49.18
C VAL E 197 57.52 -8.93 -48.53
N VAL E 198 58.49 -8.30 -49.18
CA VAL E 198 59.03 -7.01 -48.76
C VAL E 198 59.52 -6.27 -49.99
N THR E 199 59.34 -4.95 -49.99
CA THR E 199 59.86 -4.12 -51.07
C THR E 199 61.07 -3.34 -50.55
N VAL E 200 62.12 -3.32 -51.35
CA VAL E 200 63.40 -2.71 -50.97
C VAL E 200 63.92 -1.92 -52.16
N PRO E 201 64.85 -0.99 -51.91
CA PRO E 201 65.48 -0.29 -53.04
C PRO E 201 66.24 -1.26 -53.93
N SER E 202 66.04 -1.12 -55.24
CA SER E 202 66.76 -1.97 -56.20
C SER E 202 68.27 -1.82 -56.07
N SER E 203 68.74 -0.62 -55.71
CA SER E 203 70.17 -0.38 -55.54
C SER E 203 70.76 -1.14 -54.36
N SER E 204 69.93 -1.66 -53.45
CA SER E 204 70.41 -2.35 -52.27
C SER E 204 70.69 -3.83 -52.51
N LEU E 205 70.30 -4.38 -53.67
CA LEU E 205 70.35 -5.82 -53.87
C LEU E 205 71.78 -6.36 -53.95
N GLY E 206 72.76 -5.51 -54.27
CA GLY E 206 74.14 -5.96 -54.32
C GLY E 206 74.91 -5.78 -53.04
N THR E 207 74.34 -5.08 -52.06
CA THR E 207 75.02 -4.79 -50.81
C THR E 207 74.31 -5.30 -49.57
N GLN E 208 72.98 -5.35 -49.58
CA GLN E 208 72.19 -5.80 -48.45
C GLN E 208 71.78 -7.26 -48.65
N THR E 209 71.78 -8.02 -47.58
CA THR E 209 71.29 -9.40 -47.61
C THR E 209 69.90 -9.46 -46.99
N TYR E 210 69.08 -10.38 -47.51
CA TYR E 210 67.68 -10.49 -47.07
C TYR E 210 67.41 -11.95 -46.73
N ILE E 211 67.19 -12.20 -45.43
CA ILE E 211 66.93 -13.54 -44.90
C ILE E 211 65.53 -13.53 -44.30
N CYS E 212 64.71 -14.48 -44.69
CA CYS E 212 63.42 -14.66 -44.03
C CYS E 212 63.56 -15.76 -43.00
N ASN E 213 63.11 -15.46 -41.78
CA ASN E 213 63.20 -16.38 -40.66
C ASN E 213 61.81 -16.94 -40.40
N VAL E 214 61.67 -18.25 -40.57
CA VAL E 214 60.38 -18.93 -40.44
C VAL E 214 60.46 -19.89 -39.27
N ASN E 215 59.52 -19.76 -38.34
CA ASN E 215 59.48 -20.60 -37.15
C ASN E 215 58.13 -21.28 -37.08
N HIS E 216 58.14 -22.60 -36.93
CA HIS E 216 56.92 -23.40 -36.77
C HIS E 216 57.07 -24.19 -35.46
N LYS E 217 56.57 -23.60 -34.38
CA LYS E 217 56.68 -24.23 -33.06
C LYS E 217 56.07 -25.63 -32.99
N PRO E 218 54.88 -25.91 -33.54
CA PRO E 218 54.32 -27.26 -33.38
C PRO E 218 55.19 -28.38 -33.90
N SER E 219 56.06 -28.12 -34.87
CA SER E 219 56.97 -29.14 -35.40
C SER E 219 58.42 -28.88 -35.01
N ASN E 220 58.68 -27.90 -34.14
CA ASN E 220 60.03 -27.53 -33.73
C ASN E 220 60.91 -27.22 -34.93
N THR E 221 60.33 -26.54 -35.92
CA THR E 221 61.02 -26.18 -37.16
C THR E 221 61.41 -24.71 -37.14
N LYS E 222 62.63 -24.43 -37.56
CA LYS E 222 63.12 -23.07 -37.73
C LYS E 222 64.00 -23.04 -38.96
N VAL E 223 63.69 -22.14 -39.89
CA VAL E 223 64.37 -22.09 -41.18
C VAL E 223 64.72 -20.64 -41.49
N ASP E 224 66.01 -20.39 -41.81
CA ASP E 224 66.48 -19.10 -42.27
C ASP E 224 66.83 -19.25 -43.76
N LYS E 225 66.09 -18.55 -44.62
CA LYS E 225 66.23 -18.69 -46.06
C LYS E 225 66.73 -17.39 -46.66
N LYS E 226 67.89 -17.44 -47.31
CA LYS E 226 68.44 -16.28 -48.00
C LYS E 226 67.72 -16.10 -49.35
N VAL E 227 67.24 -14.89 -49.60
CA VAL E 227 66.54 -14.57 -50.84
C VAL E 227 67.41 -13.58 -51.61
N GLU E 228 67.88 -13.99 -52.77
CA GLU E 228 68.82 -13.22 -53.57
C GLU E 228 68.43 -13.28 -55.04
N PRO E 229 68.92 -12.35 -55.86
CA PRO E 229 68.66 -12.44 -57.30
C PRO E 229 69.16 -13.75 -57.87
N LYS E 230 68.36 -14.36 -58.74
CA LYS E 230 68.71 -15.63 -59.35
C LYS E 230 69.72 -15.41 -60.47
N SER E 231 70.75 -16.24 -60.51
CA SER E 231 71.80 -16.14 -61.52
C SER E 231 71.36 -16.76 -62.85
N ASN F 1 15.01 -24.38 -36.96
CA ASN F 1 13.65 -24.34 -36.47
C ASN F 1 13.15 -22.90 -36.39
N SER F 2 13.10 -22.24 -37.54
CA SER F 2 12.66 -20.84 -37.64
C SER F 2 13.57 -19.91 -36.84
N ASP F 3 14.88 -20.10 -36.99
CA ASP F 3 15.84 -19.15 -36.42
C ASP F 3 15.62 -17.77 -37.03
N ILE F 4 15.64 -16.75 -36.19
CA ILE F 4 15.61 -15.39 -36.71
C ILE F 4 16.94 -15.09 -37.39
N VAL F 5 16.88 -14.59 -38.62
CA VAL F 5 18.08 -14.30 -39.40
C VAL F 5 18.31 -12.80 -39.38
N MET F 6 19.53 -12.40 -39.03
CA MET F 6 19.94 -11.00 -39.10
C MET F 6 20.81 -10.79 -40.33
N THR F 7 20.44 -9.82 -41.17
N THR F 7 20.43 -9.81 -41.16
CA THR F 7 21.17 -9.51 -42.38
CA THR F 7 21.15 -9.48 -42.38
C THR F 7 21.67 -8.07 -42.31
C THR F 7 21.67 -8.06 -42.26
N GLN F 8 22.98 -7.89 -42.38
CA GLN F 8 23.60 -6.59 -42.25
C GLN F 8 23.89 -6.00 -43.63
N SER F 9 24.00 -4.67 -43.67
CA SER F 9 24.19 -3.97 -44.92
C SER F 9 24.91 -2.64 -44.69
N PRO F 10 25.98 -2.36 -45.43
CA PRO F 10 26.62 -3.23 -46.43
C PRO F 10 27.56 -4.22 -45.74
N ASP F 11 28.04 -5.23 -46.46
CA ASP F 11 28.97 -6.17 -45.83
C ASP F 11 30.31 -5.51 -45.53
N SER F 12 30.73 -4.55 -46.37
CA SER F 12 32.01 -3.86 -46.18
C SER F 12 31.80 -2.38 -46.52
N LEU F 13 31.56 -1.58 -45.48
CA LEU F 13 31.35 -0.15 -45.66
C LEU F 13 32.69 0.59 -45.62
N ALA F 14 32.89 1.50 -46.57
CA ALA F 14 34.08 2.34 -46.64
C ALA F 14 33.65 3.81 -46.57
N VAL F 15 34.08 4.50 -45.52
CA VAL F 15 33.86 5.94 -45.43
C VAL F 15 35.19 6.61 -45.06
N SER F 16 35.35 7.84 -45.53
CA SER F 16 36.54 8.61 -45.20
C SER F 16 36.56 8.93 -43.72
N LEU F 17 37.77 9.08 -43.17
CA LEU F 17 37.90 9.58 -41.81
C LEU F 17 37.17 10.91 -41.68
N GLY F 18 36.47 11.08 -40.56
CA GLY F 18 35.69 12.27 -40.32
C GLY F 18 34.26 12.21 -40.83
N GLU F 19 33.94 11.26 -41.72
CA GLU F 19 32.60 11.20 -42.30
C GLU F 19 31.71 10.24 -41.51
N ARG F 20 30.41 10.30 -41.81
CA ARG F 20 29.41 9.51 -41.11
C ARG F 20 29.41 8.07 -41.63
N ALA F 21 29.44 7.12 -40.72
CA ALA F 21 29.31 5.70 -41.06
C ALA F 21 27.96 5.19 -40.56
N THR F 22 27.22 4.53 -41.45
CA THR F 22 25.88 4.03 -41.13
C THR F 22 25.82 2.56 -41.49
N ILE F 23 25.56 1.71 -40.49
CA ILE F 23 25.42 0.27 -40.66
C ILE F 23 23.95 -0.10 -40.44
N ASN F 24 23.36 -0.77 -41.41
CA ASN F 24 21.98 -1.19 -41.34
C ASN F 24 21.89 -2.68 -41.03
N CYS F 25 20.90 -3.06 -40.24
CA CYS F 25 20.68 -4.45 -39.89
C CYS F 25 19.18 -4.73 -39.96
N LYS F 26 18.83 -5.86 -40.57
CA LYS F 26 17.44 -6.25 -40.73
C LYS F 26 17.23 -7.64 -40.14
N SER F 27 16.17 -7.80 -39.36
CA SER F 27 15.80 -9.11 -38.83
C SER F 27 14.67 -9.71 -39.65
N SER F 28 14.63 -11.04 -39.71
CA SER F 28 13.61 -11.72 -40.50
C SER F 28 12.22 -11.61 -39.89
N GLN F 29 12.12 -11.20 -38.62
CA GLN F 29 10.86 -10.91 -37.97
C GLN F 29 11.13 -9.92 -36.85
N SER F 30 10.06 -9.28 -36.37
CA SER F 30 10.21 -8.23 -35.37
C SER F 30 10.89 -8.77 -34.11
N VAL F 31 11.84 -8.01 -33.60
CA VAL F 31 12.50 -8.33 -32.34
C VAL F 31 12.17 -7.29 -31.27
N THR F 32 11.06 -6.58 -31.44
CA THR F 32 10.56 -5.62 -30.47
C THR F 32 9.41 -6.25 -29.70
N PHE F 33 9.49 -6.19 -28.38
CA PHE F 33 8.51 -6.86 -27.52
C PHE F 33 8.32 -6.03 -26.26
N ASN F 34 7.07 -5.66 -25.97
CA ASN F 34 6.73 -4.86 -24.79
C ASN F 34 7.59 -3.60 -24.73
N TYR F 35 7.69 -2.92 -25.88
CA TYR F 35 8.37 -1.64 -26.03
C TYR F 35 9.88 -1.73 -25.79
N LYS F 36 10.45 -2.93 -25.84
CA LYS F 36 11.89 -3.10 -25.77
C LYS F 36 12.38 -3.74 -27.07
N ASN F 37 13.52 -3.26 -27.56
CA ASN F 37 14.12 -3.79 -28.78
C ASN F 37 15.25 -4.73 -28.38
N TYR F 38 15.07 -6.02 -28.67
CA TYR F 38 16.03 -7.04 -28.26
C TYR F 38 17.17 -7.15 -29.29
N LEU F 39 17.88 -6.04 -29.44
CA LEU F 39 18.89 -5.86 -30.47
C LEU F 39 20.13 -5.25 -29.83
N ALA F 40 21.29 -5.90 -30.03
CA ALA F 40 22.54 -5.40 -29.50
C ALA F 40 23.57 -5.28 -30.62
N TRP F 41 24.50 -4.34 -30.45
CA TRP F 41 25.60 -4.13 -31.37
C TRP F 41 26.93 -4.41 -30.67
N TYR F 42 27.83 -5.08 -31.38
CA TYR F 42 29.15 -5.42 -30.85
C TYR F 42 30.22 -4.98 -31.84
N GLN F 43 31.41 -4.68 -31.30
CA GLN F 43 32.57 -4.29 -32.10
C GLN F 43 33.69 -5.29 -31.86
N GLN F 44 34.37 -5.71 -32.94
CA GLN F 44 35.44 -6.68 -32.82
C GLN F 44 36.63 -6.27 -33.67
N LYS F 45 37.80 -6.17 -33.04
CA LYS F 45 39.06 -5.94 -33.70
C LYS F 45 39.84 -7.24 -33.85
N PRO F 46 40.82 -7.30 -34.76
CA PRO F 46 41.49 -8.58 -35.03
C PRO F 46 42.18 -9.14 -33.79
N GLY F 47 42.03 -10.45 -33.57
CA GLY F 47 42.58 -11.11 -32.42
C GLY F 47 41.89 -10.80 -31.11
N GLN F 48 40.88 -9.95 -31.11
N GLN F 48 40.89 -9.93 -31.10
CA GLN F 48 40.18 -9.58 -29.89
CA GLN F 48 40.16 -9.54 -29.91
C GLN F 48 38.76 -10.11 -29.90
C GLN F 48 38.76 -10.15 -29.91
N PRO F 49 38.18 -10.37 -28.73
CA PRO F 49 36.79 -10.82 -28.68
C PRO F 49 35.85 -9.69 -29.06
N PRO F 50 34.60 -10.00 -29.38
CA PRO F 50 33.61 -8.93 -29.53
C PRO F 50 33.44 -8.18 -28.22
N LYS F 51 33.08 -6.90 -28.33
CA LYS F 51 32.84 -6.04 -27.18
C LYS F 51 31.51 -5.33 -27.37
N LEU F 52 30.72 -5.27 -26.28
CA LEU F 52 29.40 -4.66 -26.34
C LEU F 52 29.50 -3.16 -26.59
N LEU F 53 28.78 -2.67 -27.60
CA LEU F 53 28.68 -1.25 -27.90
C LEU F 53 27.34 -0.66 -27.50
N ILE F 54 26.25 -1.27 -27.95
CA ILE F 54 24.90 -0.76 -27.78
C ILE F 54 24.00 -1.92 -27.38
N TYR F 55 23.13 -1.70 -26.40
CA TYR F 55 22.14 -2.70 -26.02
C TYR F 55 20.77 -2.05 -25.96
N TRP F 56 19.72 -2.89 -26.01
CA TRP F 56 18.34 -2.45 -26.19
C TRP F 56 18.23 -1.45 -27.34
N ALA F 57 18.95 -1.73 -28.43
CA ALA F 57 18.94 -1.00 -29.69
C ALA F 57 19.58 0.38 -29.64
N SER F 58 19.48 1.09 -28.50
CA SER F 58 19.90 2.48 -28.49
C SER F 58 20.66 2.94 -27.23
N THR F 59 20.95 2.05 -26.28
CA THR F 59 21.67 2.44 -25.07
C THR F 59 23.16 2.13 -25.22
N ARG F 60 23.98 3.18 -25.12
CA ARG F 60 25.43 3.01 -25.17
C ARG F 60 25.93 2.31 -23.92
N GLU F 61 26.80 1.32 -24.10
CA GLU F 61 27.52 0.77 -22.96
C GLU F 61 28.49 1.81 -22.42
N SER F 62 28.70 1.80 -21.10
CA SER F 62 29.57 2.78 -20.48
C SER F 62 30.98 2.67 -21.07
N GLY F 63 31.61 3.81 -21.29
CA GLY F 63 32.91 3.85 -21.93
C GLY F 63 32.88 3.90 -23.45
N VAL F 64 31.73 3.67 -24.07
CA VAL F 64 31.63 3.78 -25.52
C VAL F 64 31.50 5.25 -25.90
N PRO F 65 32.27 5.73 -26.88
CA PRO F 65 32.28 7.17 -27.17
C PRO F 65 30.95 7.67 -27.73
N ASP F 66 30.73 8.97 -27.52
CA ASP F 66 29.49 9.66 -27.91
C ASP F 66 29.17 9.52 -29.39
N ARG F 67 30.18 9.37 -30.24
CA ARG F 67 29.94 9.33 -31.68
C ARG F 67 29.21 8.06 -32.13
N PHE F 68 29.08 7.06 -31.26
CA PHE F 68 28.30 5.87 -31.59
C PHE F 68 26.86 6.06 -31.11
N SER F 69 25.90 5.69 -31.96
CA SER F 69 24.51 5.68 -31.56
C SER F 69 23.76 4.58 -32.32
N GLY F 70 22.74 4.02 -31.68
CA GLY F 70 21.89 3.03 -32.31
C GLY F 70 20.45 3.52 -32.36
N SER F 71 19.72 3.05 -33.37
CA SER F 71 18.32 3.43 -33.53
C SER F 71 17.58 2.31 -34.26
N GLY F 72 16.26 2.45 -34.33
CA GLY F 72 15.41 1.52 -35.05
C GLY F 72 14.48 0.75 -34.14
N SER F 73 13.59 -0.01 -34.77
CA SER F 73 12.65 -0.87 -34.06
C SER F 73 12.06 -1.86 -35.05
N GLY F 74 11.39 -2.87 -34.52
CA GLY F 74 10.77 -3.89 -35.35
C GLY F 74 11.78 -4.77 -36.06
N THR F 75 11.96 -4.56 -37.35
CA THR F 75 12.88 -5.34 -38.16
C THR F 75 14.05 -4.52 -38.70
N ASP F 76 14.07 -3.21 -38.48
CA ASP F 76 15.03 -2.32 -39.13
C ASP F 76 15.82 -1.55 -38.08
N PHE F 77 17.14 -1.72 -38.08
CA PHE F 77 18.00 -1.13 -37.07
C PHE F 77 19.24 -0.54 -37.71
N THR F 78 19.82 0.45 -37.06
CA THR F 78 20.95 1.19 -37.60
C THR F 78 21.95 1.51 -36.49
N LEU F 79 23.23 1.30 -36.78
CA LEU F 79 24.33 1.79 -35.98
C LEU F 79 25.01 2.92 -36.73
N THR F 80 25.16 4.07 -36.08
CA THR F 80 25.73 5.26 -36.71
C THR F 80 26.98 5.69 -35.96
N ILE F 81 28.04 5.98 -36.72
CA ILE F 81 29.23 6.64 -36.22
C ILE F 81 29.23 8.04 -36.83
N SER F 82 29.02 9.06 -35.99
CA SER F 82 28.79 10.40 -36.51
C SER F 82 30.00 10.96 -37.25
N SER F 83 31.22 10.58 -36.84
CA SER F 83 32.43 11.06 -37.49
C SER F 83 33.51 10.02 -37.26
N LEU F 84 33.88 9.31 -38.33
CA LEU F 84 34.73 8.13 -38.19
C LEU F 84 36.15 8.49 -37.78
N GLN F 85 36.66 7.81 -36.77
CA GLN F 85 38.07 7.87 -36.39
C GLN F 85 38.74 6.53 -36.69
N ALA F 86 40.08 6.55 -36.76
CA ALA F 86 40.82 5.37 -37.20
C ALA F 86 40.59 4.18 -36.29
N GLU F 87 40.40 4.41 -34.99
CA GLU F 87 40.17 3.33 -34.05
C GLU F 87 38.81 2.67 -34.23
N ASP F 88 37.91 3.25 -35.05
CA ASP F 88 36.60 2.67 -35.29
C ASP F 88 36.60 1.64 -36.41
N VAL F 89 37.72 1.45 -37.11
CA VAL F 89 37.81 0.40 -38.12
C VAL F 89 37.75 -0.94 -37.41
N ALA F 90 36.74 -1.74 -37.76
CA ALA F 90 36.51 -3.00 -37.05
C ALA F 90 35.42 -3.78 -37.77
N VAL F 91 35.17 -4.98 -37.28
CA VAL F 91 33.99 -5.75 -37.64
C VAL F 91 32.90 -5.40 -36.63
N TYR F 92 31.67 -5.24 -37.12
CA TYR F 92 30.54 -4.91 -36.28
C TYR F 92 29.47 -5.98 -36.43
N TYR F 93 28.86 -6.35 -35.31
CA TYR F 93 27.82 -7.38 -35.28
C TYR F 93 26.54 -6.79 -34.70
N CYS F 94 25.42 -7.04 -35.38
CA CYS F 94 24.11 -6.84 -34.78
C CYS F 94 23.60 -8.20 -34.31
N GLN F 95 22.96 -8.22 -33.15
CA GLN F 95 22.52 -9.46 -32.53
C GLN F 95 21.09 -9.31 -32.06
N GLN F 96 20.23 -10.26 -32.39
CA GLN F 96 18.92 -10.36 -31.75
C GLN F 96 19.00 -11.39 -30.63
N HIS F 97 18.39 -11.07 -29.50
CA HIS F 97 18.24 -12.03 -28.41
C HIS F 97 16.80 -12.14 -27.97
N TYR F 98 15.86 -11.77 -28.86
CA TYR F 98 14.44 -11.93 -28.61
C TYR F 98 14.04 -13.40 -28.56
N ARG F 99 14.70 -14.24 -29.35
CA ARG F 99 14.43 -15.67 -29.40
C ARG F 99 15.74 -16.44 -29.37
N THR F 100 15.70 -17.62 -28.76
CA THR F 100 16.80 -18.57 -28.78
C THR F 100 16.63 -19.50 -29.98
N PRO F 101 17.67 -19.73 -30.79
CA PRO F 101 19.05 -19.23 -30.65
C PRO F 101 19.23 -17.75 -30.93
N PRO F 102 19.95 -17.03 -30.09
CA PRO F 102 20.37 -15.67 -30.47
C PRO F 102 21.21 -15.76 -31.73
N THR F 103 21.01 -14.80 -32.63
CA THR F 103 21.66 -14.82 -33.92
C THR F 103 22.32 -13.47 -34.21
N PHE F 104 23.34 -13.51 -35.07
CA PHE F 104 24.19 -12.36 -35.34
C PHE F 104 24.23 -12.08 -36.84
N GLY F 105 24.25 -10.80 -37.19
CA GLY F 105 24.64 -10.37 -38.54
C GLY F 105 26.01 -9.72 -38.47
N GLN F 106 26.71 -9.62 -39.60
CA GLN F 106 28.11 -9.17 -39.59
C GLN F 106 28.36 -8.18 -40.71
N GLY F 107 29.27 -7.25 -40.45
CA GLY F 107 29.78 -6.36 -41.49
C GLY F 107 31.01 -5.64 -40.98
N THR F 108 31.76 -5.07 -41.92
CA THR F 108 33.01 -4.40 -41.58
C THR F 108 32.92 -2.92 -41.93
N VAL F 109 33.67 -2.11 -41.19
CA VAL F 109 33.88 -0.71 -41.49
C VAL F 109 35.36 -0.52 -41.78
N GLU F 110 35.67 0.07 -42.95
CA GLU F 110 37.03 0.33 -43.36
C GLU F 110 37.18 1.81 -43.71
N ILE F 111 38.42 2.27 -43.81
CA ILE F 111 38.71 3.65 -44.17
C ILE F 111 38.69 3.79 -45.68
N LYS F 112 37.96 4.80 -46.17
CA LYS F 112 37.99 5.16 -47.57
C LYS F 112 39.08 6.20 -47.81
N ARG F 113 39.83 6.02 -48.90
CA ARG F 113 40.89 6.94 -49.28
C ARG F 113 40.92 7.03 -50.79
N THR F 114 41.81 7.88 -51.30
CA THR F 114 41.99 8.04 -52.75
C THR F 114 42.37 6.71 -53.39
N VAL F 115 41.94 6.52 -54.64
CA VAL F 115 42.31 5.34 -55.40
C VAL F 115 43.82 5.26 -55.51
N ALA F 116 44.36 4.05 -55.36
CA ALA F 116 45.80 3.81 -55.48
C ALA F 116 45.99 2.55 -56.29
N ALA F 117 46.68 2.66 -57.42
CA ALA F 117 46.92 1.49 -58.26
C ALA F 117 47.95 0.57 -57.61
N PRO F 118 47.79 -0.74 -57.78
CA PRO F 118 48.80 -1.67 -57.25
C PRO F 118 50.08 -1.63 -58.06
N SER F 119 51.20 -1.86 -57.38
CA SER F 119 52.43 -2.26 -58.04
C SER F 119 52.43 -3.78 -58.14
N VAL F 120 52.62 -4.29 -59.35
CA VAL F 120 52.45 -5.72 -59.62
C VAL F 120 53.81 -6.36 -59.84
N PHE F 121 53.98 -7.56 -59.26
CA PHE F 121 55.20 -8.35 -59.40
C PHE F 121 54.81 -9.80 -59.61
N ILE F 122 55.55 -10.51 -60.47
CA ILE F 122 55.34 -11.93 -60.70
C ILE F 122 56.61 -12.68 -60.31
N PHE F 123 56.43 -13.86 -59.72
CA PHE F 123 57.55 -14.65 -59.20
C PHE F 123 57.45 -16.06 -59.75
N PRO F 124 58.44 -16.54 -60.50
CA PRO F 124 58.43 -17.93 -60.94
C PRO F 124 58.67 -18.87 -59.77
N PRO F 125 58.30 -20.14 -59.90
CA PRO F 125 58.67 -21.10 -58.85
C PRO F 125 60.19 -21.22 -58.74
N SER F 126 60.66 -21.47 -57.53
CA SER F 126 62.08 -21.67 -57.32
C SER F 126 62.52 -23.00 -57.93
N ASP F 127 63.79 -23.07 -58.33
CA ASP F 127 64.34 -24.34 -58.81
C ASP F 127 64.23 -25.41 -57.74
N GLU F 128 64.41 -25.02 -56.47
CA GLU F 128 64.36 -25.98 -55.38
C GLU F 128 62.98 -26.60 -55.24
N GLN F 129 61.91 -25.80 -55.38
CA GLN F 129 60.57 -26.37 -55.31
C GLN F 129 60.31 -27.32 -56.48
N LEU F 130 60.70 -26.93 -57.70
CA LEU F 130 60.48 -27.76 -58.87
C LEU F 130 61.10 -29.15 -58.71
N LYS F 131 62.26 -29.24 -58.05
CA LYS F 131 62.91 -30.52 -57.84
C LYS F 131 62.03 -31.50 -57.05
N SER F 132 61.03 -31.00 -56.32
CA SER F 132 60.16 -31.85 -55.52
C SER F 132 58.83 -32.16 -56.19
N GLY F 133 58.55 -31.60 -57.36
CA GLY F 133 57.42 -32.01 -58.17
C GLY F 133 56.25 -31.05 -58.26
N THR F 134 56.34 -29.86 -57.67
CA THR F 134 55.25 -28.90 -57.70
C THR F 134 55.79 -27.52 -58.08
N ALA F 135 54.95 -26.73 -58.76
CA ALA F 135 55.30 -25.38 -59.15
C ALA F 135 54.28 -24.41 -58.60
N SER F 136 54.75 -23.45 -57.81
CA SER F 136 53.93 -22.35 -57.31
C SER F 136 54.39 -21.06 -58.00
N VAL F 137 53.49 -20.43 -58.73
CA VAL F 137 53.73 -19.13 -59.35
C VAL F 137 52.95 -18.09 -58.56
N VAL F 138 53.61 -17.01 -58.18
CA VAL F 138 53.03 -16.01 -57.28
C VAL F 138 52.96 -14.66 -57.98
N CYS F 139 51.80 -14.02 -57.85
CA CYS F 139 51.59 -12.66 -58.35
CA CYS F 139 51.58 -12.66 -58.35
C CYS F 139 51.25 -11.77 -57.16
N LEU F 140 51.98 -10.66 -57.02
CA LEU F 140 51.82 -9.76 -55.89
C LEU F 140 51.28 -8.42 -56.35
N LEU F 141 50.23 -7.96 -55.69
CA LEU F 141 49.65 -6.63 -55.89
C LEU F 141 49.89 -5.85 -54.60
N ASN F 142 50.72 -4.81 -54.68
CA ASN F 142 51.20 -4.13 -53.49
C ASN F 142 50.58 -2.75 -53.32
N ASN F 143 50.03 -2.50 -52.14
CA ASN F 143 49.63 -1.18 -51.65
C ASN F 143 48.65 -0.49 -52.61
N PHE F 144 47.46 -1.07 -52.72
CA PHE F 144 46.43 -0.53 -53.60
C PHE F 144 45.15 -0.25 -52.82
N TYR F 145 44.27 0.54 -53.45
CA TYR F 145 42.96 0.89 -52.91
C TYR F 145 42.06 1.27 -54.08
N PRO F 146 40.80 0.79 -54.10
CA PRO F 146 40.12 -0.06 -53.11
C PRO F 146 40.51 -1.54 -53.20
N ARG F 147 39.95 -2.38 -52.34
CA ARG F 147 40.38 -3.78 -52.27
C ARG F 147 40.01 -4.56 -53.54
N GLU F 148 38.94 -4.17 -54.22
CA GLU F 148 38.46 -4.91 -55.38
C GLU F 148 39.50 -4.91 -56.49
N ALA F 149 39.88 -6.11 -56.94
CA ALA F 149 40.85 -6.27 -58.01
C ALA F 149 40.61 -7.61 -58.69
N LYS F 150 40.88 -7.66 -59.99
CA LYS F 150 40.74 -8.88 -60.77
C LYS F 150 42.13 -9.35 -61.19
N VAL F 151 42.50 -10.55 -60.73
CA VAL F 151 43.79 -11.17 -61.05
C VAL F 151 43.51 -12.40 -61.89
N GLN F 152 44.00 -12.41 -63.12
CA GLN F 152 43.77 -13.51 -64.05
C GLN F 152 45.11 -14.09 -64.48
N TRP F 153 45.24 -15.42 -64.34
CA TRP F 153 46.44 -16.12 -64.74
C TRP F 153 46.30 -16.61 -66.18
N LYS F 154 47.38 -16.46 -66.95
CA LYS F 154 47.41 -16.95 -68.32
C LYS F 154 48.69 -17.76 -68.52
N VAL F 155 48.53 -18.96 -69.08
CA VAL F 155 49.64 -19.85 -69.37
C VAL F 155 49.61 -20.12 -70.87
N ASP F 156 50.62 -19.62 -71.58
CA ASP F 156 50.63 -19.62 -73.05
C ASP F 156 49.32 -19.06 -73.60
N ASN F 157 48.89 -17.94 -73.02
CA ASN F 157 47.68 -17.20 -73.38
C ASN F 157 46.39 -17.94 -73.06
N ALA F 158 46.46 -19.08 -72.37
CA ALA F 158 45.26 -19.80 -71.95
C ALA F 158 44.87 -19.36 -70.55
N LEU F 159 43.61 -18.95 -70.39
CA LEU F 159 43.14 -18.45 -69.10
C LEU F 159 42.99 -19.60 -68.11
N GLN F 160 43.57 -19.43 -66.92
CA GLN F 160 43.52 -20.45 -65.89
C GLN F 160 42.29 -20.28 -65.01
N SER F 161 41.74 -21.42 -64.58
CA SER F 161 40.58 -21.41 -63.69
C SER F 161 40.68 -22.58 -62.74
N GLY F 162 40.41 -22.32 -61.45
CA GLY F 162 40.32 -23.37 -60.45
C GLY F 162 41.63 -23.77 -59.82
N ASN F 163 42.78 -23.26 -60.29
CA ASN F 163 44.07 -23.66 -59.77
C ASN F 163 44.83 -22.50 -59.14
N SER F 164 44.12 -21.51 -58.60
CA SER F 164 44.77 -20.40 -57.92
C SER F 164 43.97 -20.03 -56.67
N GLN F 165 44.67 -19.47 -55.68
CA GLN F 165 44.08 -19.01 -54.44
C GLN F 165 44.64 -17.64 -54.11
N GLU F 166 43.79 -16.76 -53.57
CA GLU F 166 44.19 -15.39 -53.24
C GLU F 166 44.20 -15.18 -51.73
N SER F 167 45.01 -14.22 -51.28
CA SER F 167 45.09 -13.84 -49.88
C SER F 167 45.31 -12.33 -49.82
N VAL F 168 44.68 -11.66 -48.85
CA VAL F 168 44.71 -10.20 -48.76
C VAL F 168 45.08 -9.78 -47.35
N THR F 169 45.93 -8.76 -47.25
CA THR F 169 46.29 -8.21 -45.94
C THR F 169 45.16 -7.34 -45.41
N GLU F 170 45.19 -7.08 -44.10
CA GLU F 170 44.29 -6.10 -43.53
C GLU F 170 44.71 -4.70 -44.00
N GLN F 171 43.77 -3.76 -43.88
CA GLN F 171 44.06 -2.40 -44.31
C GLN F 171 45.25 -1.84 -43.54
N ASP F 172 46.19 -1.24 -44.27
CA ASP F 172 47.42 -0.76 -43.65
C ASP F 172 47.15 0.40 -42.70
N SER F 173 47.72 0.34 -41.50
CA SER F 173 47.45 1.36 -40.49
C SER F 173 48.00 2.74 -40.88
N LYS F 174 49.01 2.80 -41.74
CA LYS F 174 49.65 4.06 -42.10
C LYS F 174 49.06 4.70 -43.36
N ASP F 175 48.89 3.92 -44.45
CA ASP F 175 48.41 4.49 -45.70
C ASP F 175 47.05 3.96 -46.13
N SER F 176 46.43 3.06 -45.36
CA SER F 176 45.08 2.57 -45.59
C SER F 176 44.96 1.75 -46.89
N THR F 177 46.05 1.20 -47.40
CA THR F 177 45.99 0.39 -48.61
C THR F 177 45.90 -1.09 -48.26
N TYR F 178 45.68 -1.90 -49.30
CA TYR F 178 45.69 -3.35 -49.22
C TYR F 178 46.83 -3.90 -50.07
N SER F 179 47.26 -5.11 -49.74
CA SER F 179 48.13 -5.88 -50.61
C SER F 179 47.53 -7.27 -50.79
N LEU F 180 47.82 -7.88 -51.94
CA LEU F 180 47.16 -9.12 -52.32
C LEU F 180 48.18 -10.06 -52.95
N SER F 181 48.06 -11.34 -52.64
CA SER F 181 48.85 -12.37 -53.28
C SER F 181 47.92 -13.32 -54.01
N SER F 182 48.34 -13.76 -55.20
CA SER F 182 47.65 -14.81 -55.92
C SER F 182 48.68 -15.89 -56.25
N THR F 183 48.39 -17.12 -55.87
CA THR F 183 49.31 -18.23 -56.06
C THR F 183 48.70 -19.24 -57.01
N LEU F 184 49.38 -19.49 -58.11
CA LEU F 184 48.98 -20.50 -59.09
C LEU F 184 49.78 -21.77 -58.84
N THR F 185 49.08 -22.89 -58.67
CA THR F 185 49.73 -24.15 -58.33
C THR F 185 49.55 -25.13 -59.48
N LEU F 186 50.68 -25.60 -60.02
CA LEU F 186 50.70 -26.56 -61.11
C LEU F 186 51.58 -27.74 -60.73
N SER F 187 51.29 -28.89 -61.31
CA SER F 187 52.25 -29.99 -61.25
C SER F 187 53.52 -29.59 -62.00
N LYS F 188 54.62 -30.26 -61.66
CA LYS F 188 55.87 -30.01 -62.38
C LYS F 188 55.71 -30.27 -63.87
N ALA F 189 55.02 -31.36 -64.23
CA ALA F 189 54.86 -31.72 -65.65
C ALA F 189 54.07 -30.67 -66.41
N ASP F 190 52.98 -30.18 -65.81
CA ASP F 190 52.20 -29.13 -66.45
C ASP F 190 53.00 -27.85 -66.60
N TYR F 191 53.76 -27.48 -65.56
CA TYR F 191 54.55 -26.25 -65.61
C TYR F 191 55.58 -26.30 -66.73
N GLU F 192 56.26 -27.43 -66.89
CA GLU F 192 57.31 -27.55 -67.89
C GLU F 192 56.76 -27.80 -69.30
N LYS F 193 55.44 -27.91 -69.44
CA LYS F 193 54.81 -28.03 -70.76
C LYS F 193 54.61 -26.69 -71.44
N HIS F 194 54.83 -25.58 -70.75
CA HIS F 194 54.44 -24.27 -71.27
C HIS F 194 55.55 -23.25 -71.03
N LYS F 195 55.48 -22.15 -71.78
CA LYS F 195 56.55 -21.16 -71.79
C LYS F 195 56.18 -19.87 -71.08
N VAL F 196 55.09 -19.21 -71.48
CA VAL F 196 54.78 -17.86 -71.02
C VAL F 196 53.82 -17.94 -69.85
N TYR F 197 54.22 -17.33 -68.74
CA TYR F 197 53.40 -17.27 -67.52
C TYR F 197 53.11 -15.81 -67.22
N ALA F 198 51.83 -15.47 -67.14
CA ALA F 198 51.45 -14.08 -67.01
C ALA F 198 50.30 -13.95 -66.02
N CYS F 199 50.37 -12.89 -65.21
CA CYS F 199 49.25 -12.52 -64.35
CA CYS F 199 49.29 -12.51 -64.31
C CYS F 199 48.78 -11.14 -64.78
N GLU F 200 47.50 -11.05 -65.08
CA GLU F 200 46.89 -9.83 -65.60
C GLU F 200 46.01 -9.23 -64.52
N VAL F 201 46.23 -7.96 -64.21
CA VAL F 201 45.61 -7.29 -63.07
C VAL F 201 44.70 -6.18 -63.59
N THR F 202 43.43 -6.24 -63.21
CA THR F 202 42.47 -5.17 -63.49
C THR F 202 42.11 -4.49 -62.18
N HIS F 203 42.26 -3.16 -62.15
CA HIS F 203 41.99 -2.39 -60.94
C HIS F 203 41.55 -0.99 -61.33
N GLN F 204 40.71 -0.39 -60.46
CA GLN F 204 40.17 0.94 -60.73
C GLN F 204 41.27 1.97 -60.94
N GLY F 205 42.43 1.79 -60.30
CA GLY F 205 43.54 2.70 -60.47
C GLY F 205 44.35 2.52 -61.73
N LEU F 206 44.05 1.50 -62.52
CA LEU F 206 44.75 1.22 -63.76
C LEU F 206 43.82 1.54 -64.92
N SER F 207 44.24 2.43 -65.82
CA SER F 207 43.41 2.79 -66.96
C SER F 207 43.17 1.58 -67.87
N SER F 208 44.15 0.70 -67.98
CA SER F 208 44.05 -0.55 -68.70
C SER F 208 44.73 -1.63 -67.86
N PRO F 209 44.38 -2.91 -68.06
CA PRO F 209 44.97 -3.96 -67.23
C PRO F 209 46.48 -4.02 -67.38
N VAL F 210 47.16 -4.29 -66.28
CA VAL F 210 48.61 -4.44 -66.25
C VAL F 210 48.94 -5.92 -66.25
N THR F 211 49.88 -6.32 -67.10
CA THR F 211 50.29 -7.71 -67.22
C THR F 211 51.79 -7.80 -66.90
N LYS F 212 52.13 -8.64 -65.93
CA LYS F 212 53.51 -8.99 -65.64
C LYS F 212 53.72 -10.45 -66.03
N SER F 213 54.84 -10.75 -66.65
CA SER F 213 55.02 -12.07 -67.22
C SER F 213 56.49 -12.49 -67.15
N PHE F 214 56.71 -13.80 -67.30
CA PHE F 214 58.05 -14.34 -67.49
C PHE F 214 57.96 -15.53 -68.43
N ASN F 215 59.10 -15.84 -69.05
CA ASN F 215 59.25 -17.03 -69.89
C ASN F 215 59.97 -18.09 -69.09
N ARG F 216 59.40 -19.29 -69.01
CA ARG F 216 60.03 -20.35 -68.25
C ARG F 216 61.40 -20.67 -68.82
N GLY F 217 62.39 -20.76 -67.94
CA GLY F 217 63.75 -21.04 -68.39
C GLY F 217 64.45 -19.91 -69.09
N GLU F 218 64.00 -18.67 -68.88
CA GLU F 218 64.63 -17.52 -69.51
C GLU F 218 64.88 -16.41 -68.49
C ACT G . -11.07 19.20 -6.61
O ACT G . -11.91 19.79 -7.32
OXT ACT G . -10.28 18.26 -6.92
CH3 ACT G . -10.95 19.69 -5.12
NA NA H . 7.08 9.94 9.24
NA NA I . 38.61 13.99 -42.31
#